data_6VUM
#
_entry.id   6VUM
#
_cell.length_a   1.00
_cell.length_b   1.00
_cell.length_c   1.00
_cell.angle_alpha   90.00
_cell.angle_beta   90.00
_cell.angle_gamma   90.00
#
_symmetry.space_group_name_H-M   'P 1'
#
loop_
_entity.id
_entity.type
_entity.pdbx_description
1 polymer 'Sterol O-acyltransferase 1'
2 non-polymer 'OLEIC ACID'
3 non-polymer CHOLESTEROL
4 non-polymer nevanimibe
5 non-polymer 'COENZYME A'
6 non-polymer 'S-{(3R,5R,9R)-1-[(2R,3S,4R,5R)-5-(6-amino-9H-purin-9-yl)-4-hydroxy-3-(phosphonooxy)tetrahydrofuran-2-yl]-3,5,9-trihydroxy-8,8-dimethyl-3,5-dioxido-10,14-dioxo-2,4,6-trioxa-11,15-diaza-3lambda~5~,5lambda~5~-diphosphaheptadecan-17-yl} (9Z)-octadec-9-enethioate (non-preferred name)'
#
_entity_poly.entity_id   1
_entity_poly.type   'polypeptide(L)'
_entity_poly.pdbx_seq_one_letter_code
;MVGEEKMSLRNRLSKSRENPEEDEDQRNPAKESLETPSNGRIDIKQLIAKKIKLTAEAEELKPFFMKEVGSHFDDFVTNL
IEKSASLDNGGCALTTFSVLEGEKNNHRAKDLRAPPEQGKIFIARRSLLDELLEVDHIRTIYHMFIALLILFILSTLVVD
YIDEGRLVLEFSLLSYAFGKFPTVVWTWWIMFLSTFSVPYFLFQHWATGYSKSSHPLIRSLFHGFLFMIFQIGVLGFGPT
YVVLAYTLPPASRFIIIFEQIRFVMKAHSFVRENVPRVLNSAKEKSSTVPIPTVNQYLYFLFAPTLIYRDSYPRNPTVRW
GYVAMKFAQVFGCFFYVYYIFERLCAPLFRNIKQEPFSARVLVLCVFNSILPGVLILFLTFFAFLHCWLNAFAEMLRFGD
RMFYKDWWNSTSYSNYYRTWNVVVHDWLYYYAYKDFLWFFSKRFKSAAMLAVFAVSAVVHEYALAVCLSFFYPVLFVLFM
FFGMAFNFIVNDSRKKPIWNVLMWTSLFLGNGVLLCFYSQEWYARQHCPLKNPTFLDYVRPRSWTCRYVFDYKDDDDK
;
_entity_poly.pdbx_strand_id   A,B,C,D
#
loop_
_chem_comp.id
_chem_comp.type
_chem_comp.name
_chem_comp.formula
3VV non-polymer 'S-{(3R,5R,9R)-1-[(2R,3S,4R,5R)-5-(6-amino-9H-purin-9-yl)-4-hydroxy-3-(phosphonooxy)tetrahydrofuran-2-yl]-3,5,9-trihydroxy-8,8-dimethyl-3,5-dioxido-10,14-dioxo-2,4,6-trioxa-11,15-diaza-3lambda~5~,5lambda~5~-diphosphaheptadecan-17-yl} (9Z)-octadec-9-enethioate (non-preferred name)' 'C39 H68 N7 O17 P3 S'
CLR non-polymer CHOLESTEROL 'C27 H46 O'
COA non-polymer 'COENZYME A' 'C21 H36 N7 O16 P3 S'
OLA non-polymer 'OLEIC ACID' 'C18 H34 O2'
ROV non-polymer nevanimibe 'C27 H39 N3 O'
#
# COMPACT_ATOMS: atom_id res chain seq x y z
N GLN A 118 8.64 -9.23 34.89
CA GLN A 118 10.00 -9.12 34.26
C GLN A 118 9.97 -8.34 32.93
N GLY A 119 9.19 -8.83 31.98
CA GLY A 119 9.04 -8.20 30.67
C GLY A 119 8.35 -6.84 30.75
N LYS A 120 8.38 -6.09 29.65
CA LYS A 120 7.80 -4.74 29.62
C LYS A 120 6.29 -4.81 29.81
N ILE A 121 5.76 -3.87 30.60
CA ILE A 121 4.33 -3.82 30.93
C ILE A 121 3.72 -2.52 30.43
N PHE A 122 2.80 -2.63 29.48
CA PHE A 122 2.26 -1.49 28.75
C PHE A 122 1.12 -0.81 29.50
N ILE A 123 1.21 0.52 29.60
CA ILE A 123 0.22 1.34 30.30
C ILE A 123 -0.22 2.47 29.36
N ALA A 124 -1.52 2.77 29.37
CA ALA A 124 -2.10 3.78 28.48
C ALA A 124 -1.64 5.19 28.84
N ARG A 125 -0.62 5.67 28.11
CA ARG A 125 -0.05 7.00 28.32
C ARG A 125 -0.08 7.80 27.01
N ARG A 126 0.29 9.07 27.11
CA ARG A 126 0.55 9.92 25.93
C ARG A 126 2.04 10.18 25.82
N SER A 127 2.48 10.54 24.62
CA SER A 127 3.87 10.95 24.40
C SER A 127 4.13 12.21 25.22
N LEU A 128 5.26 12.25 25.90
CA LEU A 128 5.56 13.34 26.84
C LEU A 128 5.59 14.71 26.17
N LEU A 129 6.14 14.77 24.95
CA LEU A 129 6.18 16.01 24.18
C LEU A 129 4.78 16.46 23.77
N ASP A 130 3.94 15.51 23.34
CA ASP A 130 2.54 15.81 22.99
C ASP A 130 1.77 16.43 24.17
N GLU A 131 1.95 15.85 25.35
CA GLU A 131 1.41 16.39 26.60
C GLU A 131 2.02 17.78 26.91
N LEU A 132 3.33 17.88 26.73
CA LEU A 132 4.11 19.10 27.05
C LEU A 132 4.03 20.20 25.97
N LEU A 133 3.56 19.88 24.76
CA LEU A 133 3.51 20.86 23.66
C LEU A 133 2.39 21.90 23.81
N GLU A 134 1.44 21.67 24.72
CA GLU A 134 0.34 22.61 24.99
C GLU A 134 0.50 23.38 26.32
N VAL A 135 1.73 23.49 26.81
CA VAL A 135 2.03 24.24 28.05
C VAL A 135 2.14 25.76 27.82
N ASP A 136 2.13 26.20 26.54
CA ASP A 136 2.08 27.62 26.13
C ASP A 136 3.44 28.33 26.07
N HIS A 137 4.50 27.66 26.49
CA HIS A 137 5.89 28.12 26.31
C HIS A 137 6.68 27.27 25.30
N ILE A 138 6.30 26.01 25.14
CA ILE A 138 6.94 25.10 24.19
C ILE A 138 6.25 25.18 22.82
N ARG A 139 4.97 25.55 22.80
CA ARG A 139 4.26 25.92 21.57
C ARG A 139 4.89 27.15 20.88
N THR A 140 5.57 28.01 21.66
CA THR A 140 6.41 29.05 21.10
C THR A 140 7.54 28.44 20.25
N ILE A 141 8.27 27.49 20.83
CA ILE A 141 9.43 26.87 20.14
C ILE A 141 8.98 26.16 18.85
N TYR A 142 7.79 25.59 18.86
CA TYR A 142 7.14 25.06 17.66
C TYR A 142 6.96 26.15 16.61
N HIS A 143 6.41 27.28 17.03
CA HIS A 143 6.22 28.45 16.15
C HIS A 143 7.54 29.13 15.74
N MET A 144 8.56 29.05 16.60
CA MET A 144 9.91 29.53 16.28
C MET A 144 10.48 28.77 15.08
N PHE A 145 10.34 27.44 15.10
CA PHE A 145 10.86 26.58 14.05
C PHE A 145 10.00 26.64 12.77
N ILE A 146 8.69 26.81 12.91
CA ILE A 146 7.80 27.08 11.77
C ILE A 146 8.20 28.38 11.08
N ALA A 147 8.41 29.43 11.87
CA ALA A 147 8.83 30.75 11.35
C ALA A 147 10.17 30.70 10.62
N LEU A 148 11.09 29.87 11.12
CA LEU A 148 12.40 29.69 10.49
C LEU A 148 12.31 28.88 9.19
N LEU A 149 11.35 27.95 9.11
CA LEU A 149 11.04 27.25 7.86
C LEU A 149 10.55 28.21 6.77
N ILE A 150 9.64 29.11 7.14
CA ILE A 150 9.10 30.11 6.21
C ILE A 150 10.20 31.04 5.69
N LEU A 151 11.11 31.44 6.58
CA LEU A 151 12.21 32.33 6.22
C LEU A 151 13.30 31.63 5.40
N PHE A 152 13.46 30.32 5.61
CA PHE A 152 14.32 29.47 4.79
C PHE A 152 13.75 29.29 3.37
N ILE A 153 12.44 29.07 3.28
CA ILE A 153 11.75 28.94 1.99
C ILE A 153 11.79 30.26 1.21
N LEU A 154 11.51 31.37 1.91
CA LEU A 154 11.55 32.71 1.31
C LEU A 154 12.94 33.07 0.79
N SER A 155 13.97 32.74 1.57
CA SER A 155 15.36 32.99 1.18
C SER A 155 15.78 32.18 -0.05
N THR A 156 15.42 30.89 -0.08
CA THR A 156 15.77 30.01 -1.20
C THR A 156 15.04 30.39 -2.50
N LEU A 157 13.76 30.73 -2.38
CA LEU A 157 12.95 31.14 -3.55
C LEU A 157 13.40 32.49 -4.14
N VAL A 158 13.80 33.43 -3.29
CA VAL A 158 14.35 34.72 -3.74
C VAL A 158 15.69 34.52 -4.46
N VAL A 159 16.58 33.74 -3.85
CA VAL A 159 17.91 33.44 -4.44
C VAL A 159 17.77 32.72 -5.79
N ASP A 160 16.92 31.70 -5.84
CA ASP A 160 16.69 30.94 -7.08
C ASP A 160 16.04 31.78 -8.19
N TYR A 161 15.15 32.70 -7.81
CA TYR A 161 14.52 33.64 -8.75
C TYR A 161 15.54 34.55 -9.42
N ILE A 162 16.34 35.23 -8.61
CA ILE A 162 17.37 36.16 -9.12
C ILE A 162 18.53 35.47 -9.85
N ASP A 163 18.79 34.19 -9.51
CA ASP A 163 19.89 33.43 -10.10
C ASP A 163 19.59 33.00 -11.54
N GLU A 164 18.56 32.17 -11.71
CA GLU A 164 18.30 31.47 -12.98
C GLU A 164 17.13 32.06 -13.79
N GLY A 165 15.90 31.82 -13.35
CA GLY A 165 14.69 32.13 -14.14
C GLY A 165 13.54 32.68 -13.33
N ARG A 166 12.36 32.09 -13.48
CA ARG A 166 11.14 32.55 -12.79
C ARG A 166 11.15 32.11 -11.32
N LEU A 167 11.25 30.80 -11.11
CA LEU A 167 11.38 30.20 -9.78
C LEU A 167 11.65 28.70 -9.91
N VAL A 168 12.04 28.07 -8.80
CA VAL A 168 12.31 26.62 -8.78
C VAL A 168 11.00 25.83 -8.99
N LEU A 169 10.99 24.98 -10.01
CA LEU A 169 9.81 24.16 -10.35
C LEU A 169 9.89 22.84 -9.61
N GLU A 170 11.00 22.12 -9.81
CA GLU A 170 11.31 20.89 -9.09
C GLU A 170 12.60 21.12 -8.32
N PHE A 171 12.71 20.52 -7.14
CA PHE A 171 13.75 20.86 -6.16
C PHE A 171 15.17 20.48 -6.59
N SER A 172 15.30 19.47 -7.46
CA SER A 172 16.57 19.04 -8.06
C SER A 172 17.43 18.10 -7.19
N LEU A 173 17.47 18.36 -5.88
CA LEU A 173 18.17 17.48 -4.93
C LEU A 173 17.36 16.22 -4.67
N LEU A 174 16.09 16.40 -4.33
CA LEU A 174 15.17 15.29 -4.07
C LEU A 174 14.95 14.40 -5.30
N SER A 175 15.06 14.99 -6.50
CA SER A 175 15.03 14.24 -7.75
C SER A 175 16.18 13.22 -7.85
N TYR A 176 17.38 13.67 -7.48
CA TYR A 176 18.56 12.78 -7.43
C TYR A 176 18.52 11.85 -6.22
N ALA A 177 18.27 12.41 -5.04
CA ALA A 177 18.32 11.65 -3.78
C ALA A 177 17.24 10.57 -3.70
N PHE A 178 15.99 10.97 -3.93
CA PHE A 178 14.88 10.02 -4.07
C PHE A 178 14.78 9.66 -5.56
N GLY A 179 15.76 8.90 -6.02
CA GLY A 179 15.95 8.62 -7.45
C GLY A 179 15.04 7.52 -7.96
N LYS A 180 15.58 6.31 -8.10
CA LYS A 180 14.82 5.17 -8.58
C LYS A 180 13.93 4.62 -7.47
N PHE A 181 12.80 5.29 -7.27
CA PHE A 181 11.81 4.91 -6.25
C PHE A 181 10.88 3.74 -6.62
N PRO A 182 10.68 3.44 -7.93
CA PRO A 182 9.95 2.18 -8.21
C PRO A 182 10.67 0.92 -7.72
N THR A 183 12.00 0.88 -7.86
CA THR A 183 12.79 -0.26 -7.37
C THR A 183 13.00 -0.30 -5.82
N VAL A 184 12.43 0.68 -5.10
CA VAL A 184 12.31 0.64 -3.64
C VAL A 184 10.97 0.00 -3.21
N VAL A 185 9.89 0.32 -3.91
CA VAL A 185 8.57 -0.28 -3.67
C VAL A 185 8.64 -1.78 -4.04
N TRP A 186 9.21 -2.03 -5.21
CA TRP A 186 9.78 -3.33 -5.64
C TRP A 186 10.35 -4.15 -4.47
N THR A 187 11.25 -3.53 -3.71
CA THR A 187 11.95 -4.16 -2.59
C THR A 187 11.04 -4.35 -1.39
N TRP A 188 10.44 -3.23 -0.95
CA TRP A 188 9.67 -3.19 0.29
C TRP A 188 8.53 -4.21 0.32
N TRP A 189 7.83 -4.37 -0.81
CA TRP A 189 6.68 -5.25 -0.87
C TRP A 189 7.07 -6.74 -0.86
N ILE A 190 8.10 -7.10 -1.61
CA ILE A 190 8.68 -8.46 -1.52
C ILE A 190 9.19 -8.74 -0.11
N MET A 191 9.82 -7.72 0.50
CA MET A 191 10.34 -7.81 1.87
C MET A 191 9.22 -7.93 2.91
N PHE A 192 8.11 -7.21 2.70
CA PHE A 192 6.95 -7.25 3.58
C PHE A 192 6.17 -8.57 3.49
N LEU A 193 5.96 -9.05 2.26
CA LEU A 193 5.28 -10.33 2.03
C LEU A 193 6.08 -11.53 2.56
N SER A 194 7.40 -11.47 2.45
CA SER A 194 8.28 -12.54 2.91
C SER A 194 8.34 -12.61 4.44
N THR A 195 8.55 -11.45 5.08
CA THR A 195 8.59 -11.36 6.54
C THR A 195 7.22 -11.57 7.21
N PHE A 196 6.13 -11.40 6.46
CA PHE A 196 4.79 -11.71 6.97
C PHE A 196 4.48 -13.21 6.84
N SER A 197 4.87 -13.80 5.72
CA SER A 197 4.55 -15.20 5.41
C SER A 197 5.45 -16.21 6.11
N VAL A 198 6.76 -16.05 5.96
CA VAL A 198 7.74 -17.10 6.33
C VAL A 198 7.93 -17.28 7.85
N PRO A 199 8.15 -16.18 8.61
CA PRO A 199 8.31 -16.31 10.08
C PRO A 199 7.13 -16.93 10.81
N TYR A 200 5.91 -16.51 10.45
CA TYR A 200 4.70 -17.05 11.05
C TYR A 200 4.44 -18.50 10.64
N PHE A 201 4.63 -18.81 9.36
CA PHE A 201 4.42 -20.18 8.86
C PHE A 201 5.39 -21.18 9.46
N LEU A 202 6.65 -20.79 9.62
CA LEU A 202 7.66 -21.63 10.28
C LEU A 202 7.35 -21.86 11.77
N PHE A 203 6.85 -20.83 12.44
CA PHE A 203 6.42 -20.97 13.84
C PHE A 203 5.10 -21.73 13.97
N GLN A 204 4.16 -21.49 13.06
CA GLN A 204 2.87 -22.21 13.03
C GLN A 204 3.06 -23.71 12.74
N HIS A 205 4.17 -24.07 12.11
CA HIS A 205 4.53 -25.48 11.90
C HIS A 205 4.86 -26.25 13.20
N TRP A 206 5.08 -25.51 14.30
CA TRP A 206 5.06 -26.06 15.66
C TRP A 206 3.63 -26.22 16.25
N ALA A 207 2.60 -26.37 15.40
CA ALA A 207 1.25 -26.70 15.86
C ALA A 207 1.20 -28.12 16.40
N THR A 208 1.77 -29.04 15.62
CA THR A 208 2.14 -30.37 16.15
C THR A 208 3.16 -30.21 17.29
N GLY A 209 4.16 -29.36 17.06
CA GLY A 209 5.09 -28.89 18.11
C GLY A 209 5.74 -29.97 18.96
N TYR A 210 5.74 -29.73 20.28
CA TYR A 210 6.19 -30.72 21.26
C TYR A 210 5.02 -31.54 21.83
N SER A 211 3.81 -31.30 21.34
CA SER A 211 2.61 -32.04 21.78
C SER A 211 2.66 -33.48 21.31
N LYS A 212 2.89 -33.67 20.01
CA LYS A 212 3.13 -35.01 19.44
C LYS A 212 4.46 -35.59 19.88
N SER A 213 5.48 -34.74 19.97
CA SER A 213 6.84 -35.12 20.37
C SER A 213 7.47 -36.13 19.39
N SER A 214 7.46 -35.76 18.10
CA SER A 214 8.03 -36.61 17.05
C SER A 214 9.56 -36.49 17.02
N HIS A 215 10.18 -37.07 18.05
CA HIS A 215 11.62 -36.95 18.31
C HIS A 215 12.07 -35.46 18.38
N PRO A 216 11.81 -34.79 19.52
CA PRO A 216 12.23 -33.39 19.68
C PRO A 216 13.75 -33.20 19.79
N LEU A 217 14.17 -31.94 19.86
CA LEU A 217 15.58 -31.51 19.91
C LEU A 217 16.29 -31.45 18.55
N ILE A 218 15.89 -32.30 17.61
CA ILE A 218 16.41 -32.27 16.22
C ILE A 218 15.50 -31.45 15.30
N ARG A 219 14.19 -31.63 15.41
CA ARG A 219 13.22 -30.86 14.61
C ARG A 219 13.14 -29.39 15.04
N SER A 220 13.40 -29.13 16.33
CA SER A 220 13.43 -27.78 16.88
C SER A 220 14.59 -26.97 16.31
N LEU A 221 15.78 -27.57 16.32
CA LEU A 221 16.98 -26.96 15.73
C LEU A 221 16.93 -26.91 14.19
N PHE A 222 16.17 -27.83 13.58
CA PHE A 222 15.92 -27.82 12.13
C PHE A 222 15.11 -26.60 11.71
N HIS A 223 14.02 -26.32 12.43
CA HIS A 223 13.21 -25.12 12.21
C HIS A 223 13.94 -23.84 12.63
N GLY A 224 14.77 -23.94 13.67
CA GLY A 224 15.67 -22.85 14.07
C GLY A 224 16.72 -22.52 13.02
N PHE A 225 17.23 -23.57 12.35
CA PHE A 225 18.15 -23.41 11.23
C PHE A 225 17.46 -22.78 10.01
N LEU A 226 16.27 -23.27 9.68
CA LEU A 226 15.46 -22.71 8.58
C LEU A 226 15.12 -21.23 8.80
N PHE A 227 14.85 -20.85 10.04
CA PHE A 227 14.59 -19.46 10.40
C PHE A 227 15.86 -18.59 10.31
N MET A 228 17.01 -19.16 10.66
CA MET A 228 18.31 -18.49 10.51
C MET A 228 18.66 -18.29 9.04
N ILE A 229 18.43 -19.32 8.22
CA ILE A 229 18.63 -19.24 6.76
C ILE A 229 17.70 -18.20 6.13
N PHE A 230 16.47 -18.09 6.64
CA PHE A 230 15.54 -17.04 6.23
C PHE A 230 16.08 -15.65 6.58
N GLN A 231 16.43 -15.45 7.85
CA GLN A 231 16.90 -14.15 8.36
C GLN A 231 18.12 -13.59 7.62
N ILE A 232 19.10 -14.45 7.38
CA ILE A 232 20.34 -14.05 6.70
C ILE A 232 20.14 -13.93 5.19
N GLY A 233 19.64 -15.01 4.59
CA GLY A 233 19.51 -15.09 3.13
C GLY A 233 18.51 -14.14 2.50
N VAL A 234 17.36 -13.97 3.15
CA VAL A 234 16.23 -13.21 2.60
C VAL A 234 16.24 -11.73 3.02
N LEU A 235 16.62 -11.45 4.28
CA LEU A 235 16.66 -10.08 4.81
C LEU A 235 18.07 -9.52 5.00
N GLY A 236 19.01 -10.37 5.43
CA GLY A 236 20.41 -9.94 5.60
C GLY A 236 21.15 -9.72 4.30
N PHE A 237 20.98 -10.65 3.37
CA PHE A 237 21.66 -10.64 2.06
C PHE A 237 20.79 -10.06 0.93
N GLY A 238 19.49 -10.32 0.96
CA GLY A 238 18.59 -9.94 -0.13
C GLY A 238 18.52 -8.46 -0.48
N PRO A 239 17.99 -7.62 0.43
CA PRO A 239 17.88 -6.17 0.19
C PRO A 239 19.22 -5.44 0.04
N THR A 240 20.27 -5.90 0.74
CA THR A 240 21.61 -5.31 0.59
C THR A 240 22.23 -5.64 -0.78
N TYR A 241 21.96 -6.85 -1.29
CA TYR A 241 22.34 -7.22 -2.66
C TYR A 241 21.63 -6.34 -3.70
N VAL A 242 20.35 -6.06 -3.45
CA VAL A 242 19.54 -5.24 -4.37
C VAL A 242 20.08 -3.82 -4.50
N VAL A 243 20.31 -3.15 -3.37
CA VAL A 243 20.83 -1.77 -3.36
C VAL A 243 22.26 -1.64 -3.92
N LEU A 244 23.10 -2.65 -3.68
CA LEU A 244 24.48 -2.65 -4.20
C LEU A 244 24.56 -3.06 -5.67
N ALA A 245 23.82 -4.10 -6.07
CA ALA A 245 23.83 -4.59 -7.47
C ALA A 245 23.13 -3.61 -8.39
N TYR A 246 21.85 -3.34 -8.11
CA TYR A 246 21.08 -2.33 -8.84
C TYR A 246 21.41 -0.98 -8.22
N THR A 247 22.20 -0.17 -8.94
CA THR A 247 22.70 1.10 -8.40
C THR A 247 21.57 2.07 -7.99
N LEU A 248 21.56 2.43 -6.72
CA LEU A 248 20.60 3.37 -6.13
C LEU A 248 21.34 4.55 -5.50
N PRO A 249 20.71 5.73 -5.46
CA PRO A 249 21.34 6.90 -4.83
C PRO A 249 21.13 6.92 -3.31
N PRO A 250 21.88 7.79 -2.58
CA PRO A 250 21.69 7.91 -1.14
C PRO A 250 20.37 8.59 -0.76
N ALA A 251 19.87 8.25 0.44
CA ALA A 251 18.52 8.62 0.91
C ALA A 251 17.37 7.75 0.36
N SER A 252 17.60 7.08 -0.77
CA SER A 252 16.69 6.06 -1.30
C SER A 252 17.06 4.67 -0.77
N ARG A 253 18.35 4.38 -0.71
CA ARG A 253 18.86 3.14 -0.10
C ARG A 253 18.51 3.04 1.39
N PHE A 254 18.58 4.17 2.10
CA PHE A 254 18.27 4.23 3.53
C PHE A 254 16.88 3.69 3.89
N ILE A 255 15.91 3.88 3.00
CA ILE A 255 14.55 3.33 3.18
C ILE A 255 14.57 1.80 3.20
N ILE A 256 15.28 1.20 2.24
CA ILE A 256 15.38 -0.27 2.13
C ILE A 256 16.09 -0.89 3.35
N ILE A 257 17.19 -0.27 3.79
CA ILE A 257 17.99 -0.80 4.91
C ILE A 257 17.31 -0.54 6.26
N PHE A 258 16.61 0.59 6.39
CA PHE A 258 15.83 0.91 7.59
C PHE A 258 14.67 -0.07 7.77
N GLU A 259 13.90 -0.26 6.70
CA GLU A 259 12.75 -1.19 6.71
C GLU A 259 13.21 -2.66 6.75
N GLN A 260 14.42 -2.94 6.29
CA GLN A 260 15.07 -4.25 6.46
C GLN A 260 15.29 -4.55 7.94
N ILE A 261 16.00 -3.65 8.62
CA ILE A 261 16.33 -3.79 10.04
C ILE A 261 15.06 -3.89 10.89
N ARG A 262 14.01 -3.16 10.51
CA ARG A 262 12.69 -3.29 11.14
C ARG A 262 12.19 -4.72 11.13
N PHE A 263 12.05 -5.28 9.93
CA PHE A 263 11.48 -6.63 9.77
C PHE A 263 12.36 -7.77 10.33
N VAL A 264 13.67 -7.53 10.46
CA VAL A 264 14.55 -8.47 11.17
C VAL A 264 14.25 -8.48 12.66
N MET A 265 14.07 -7.29 13.23
CA MET A 265 13.70 -7.15 14.65
C MET A 265 12.31 -7.68 14.95
N LYS A 266 11.36 -7.37 14.06
CA LYS A 266 9.97 -7.81 14.20
C LYS A 266 9.87 -9.34 14.14
N ALA A 267 10.65 -9.95 13.23
CA ALA A 267 10.68 -11.40 13.08
C ALA A 267 11.32 -12.11 14.28
N HIS A 268 12.44 -11.57 14.76
CA HIS A 268 13.12 -12.09 15.96
C HIS A 268 12.27 -11.93 17.22
N SER A 269 11.63 -10.77 17.35
CA SER A 269 10.73 -10.49 18.47
C SER A 269 9.53 -11.45 18.52
N PHE A 270 9.01 -11.82 17.35
CA PHE A 270 7.89 -12.76 17.25
C PHE A 270 8.22 -14.14 17.80
N VAL A 271 9.34 -14.69 17.34
CA VAL A 271 9.75 -16.06 17.69
C VAL A 271 10.19 -16.14 19.15
N ARG A 272 11.05 -15.21 19.56
CA ARG A 272 11.64 -15.22 20.91
C ARG A 272 10.62 -15.09 22.05
N GLU A 273 9.54 -14.37 21.83
CA GLU A 273 8.46 -14.23 22.84
C GLU A 273 7.51 -15.43 22.88
N ASN A 274 7.23 -16.04 21.72
CA ASN A 274 6.27 -17.14 21.62
C ASN A 274 6.85 -18.55 21.85
N VAL A 275 8.18 -18.70 21.80
CA VAL A 275 8.83 -19.97 22.16
C VAL A 275 8.64 -20.35 23.64
N PRO A 276 8.77 -19.40 24.58
CA PRO A 276 8.49 -19.74 25.99
C PRO A 276 7.06 -20.21 26.28
N ARG A 277 6.08 -19.71 25.52
CA ARG A 277 4.68 -20.13 25.67
C ARG A 277 4.50 -21.62 25.35
N VAL A 278 4.93 -22.02 24.16
CA VAL A 278 4.81 -23.40 23.69
C VAL A 278 5.63 -24.39 24.53
N LEU A 279 6.82 -23.99 24.97
CA LEU A 279 7.68 -24.84 25.82
C LEU A 279 7.09 -25.04 27.22
N ASN A 280 6.56 -23.97 27.82
CA ASN A 280 5.87 -24.06 29.11
C ASN A 280 4.54 -24.81 29.02
N SER A 281 3.82 -24.62 27.91
CA SER A 281 2.61 -25.39 27.62
C SER A 281 2.91 -26.86 27.30
N ALA A 282 4.08 -27.13 26.73
CA ALA A 282 4.52 -28.50 26.46
C ALA A 282 4.91 -29.31 27.71
N LYS A 283 5.31 -28.62 28.79
CA LYS A 283 5.66 -29.28 30.06
C LYS A 283 4.47 -30.05 30.64
N GLU A 284 3.28 -29.43 30.62
CA GLU A 284 2.03 -30.09 31.01
C GLU A 284 1.34 -30.64 29.76
N LYS A 285 1.41 -31.96 29.58
CA LYS A 285 0.91 -32.62 28.36
C LYS A 285 -0.62 -32.61 28.26
N SER A 286 -1.11 -32.76 27.02
CA SER A 286 -2.54 -32.79 26.71
C SER A 286 -3.23 -31.46 27.04
N SER A 287 -2.85 -30.42 26.29
CA SER A 287 -3.40 -29.08 26.46
C SER A 287 -3.51 -28.36 25.11
N THR A 288 -4.30 -27.29 25.09
CA THR A 288 -4.47 -26.47 23.90
C THR A 288 -3.21 -25.62 23.68
N VAL A 289 -2.41 -26.03 22.69
CA VAL A 289 -1.16 -25.33 22.35
C VAL A 289 -1.41 -23.85 21.99
N PRO A 290 -0.80 -22.90 22.74
CA PRO A 290 -0.98 -21.49 22.37
C PRO A 290 -0.19 -21.09 21.12
N ILE A 291 -0.92 -20.71 20.07
CA ILE A 291 -0.34 -20.15 18.85
C ILE A 291 -1.09 -18.85 18.58
N PRO A 292 -0.36 -17.72 18.41
CA PRO A 292 -1.06 -16.46 18.11
C PRO A 292 -1.75 -16.46 16.74
N THR A 293 -2.99 -15.98 16.69
CA THR A 293 -3.70 -15.77 15.41
C THR A 293 -2.99 -14.72 14.56
N VAL A 294 -3.27 -14.73 13.25
CA VAL A 294 -2.51 -13.93 12.27
C VAL A 294 -3.02 -12.48 12.09
N ASN A 295 -4.17 -12.13 12.67
CA ASN A 295 -4.56 -10.71 12.84
C ASN A 295 -3.61 -10.04 13.82
N GLN A 296 -3.40 -10.71 14.95
CA GLN A 296 -2.27 -10.44 15.84
C GLN A 296 -1.01 -10.82 15.06
N TYR A 297 0.13 -10.24 15.42
CA TYR A 297 1.37 -10.32 14.62
C TYR A 297 1.34 -9.37 13.41
N LEU A 298 0.30 -9.45 12.57
CA LEU A 298 0.09 -8.46 11.48
C LEU A 298 -0.14 -7.07 12.04
N TYR A 299 -1.03 -6.98 13.03
CA TYR A 299 -1.24 -5.76 13.81
C TYR A 299 0.07 -5.27 14.46
N PHE A 300 0.82 -6.22 15.03
CA PHE A 300 2.17 -5.95 15.56
C PHE A 300 3.17 -5.49 14.50
N LEU A 301 3.09 -6.07 13.30
CA LEU A 301 3.97 -5.73 12.18
C LEU A 301 3.79 -4.28 11.67
N PHE A 302 2.63 -3.69 11.95
CA PHE A 302 2.40 -2.24 11.74
C PHE A 302 2.37 -1.41 13.04
N ALA A 303 2.20 -2.05 14.19
CA ALA A 303 2.24 -1.35 15.48
C ALA A 303 3.62 -0.72 15.75
N PRO A 304 3.66 0.42 16.47
CA PRO A 304 4.92 1.13 16.72
C PRO A 304 5.71 0.68 17.96
N THR A 305 5.86 -0.63 18.13
CA THR A 305 6.61 -1.20 19.25
C THR A 305 7.05 -2.62 18.88
N LEU A 306 8.19 -3.06 19.44
CA LEU A 306 8.84 -4.31 19.05
C LEU A 306 8.81 -5.41 20.14
N ILE A 307 7.75 -5.44 20.97
CA ILE A 307 7.75 -6.30 22.18
C ILE A 307 6.71 -7.45 22.17
N TYR A 308 5.42 -7.14 22.37
CA TYR A 308 4.38 -8.17 22.59
C TYR A 308 3.54 -8.50 21.36
N ARG A 309 2.75 -9.57 21.49
CA ARG A 309 1.81 -10.02 20.47
C ARG A 309 0.37 -9.66 20.84
N ASP A 310 -0.08 -10.18 21.99
CA ASP A 310 -1.51 -10.21 22.34
C ASP A 310 -1.91 -9.06 23.27
N SER A 311 -3.10 -8.53 23.02
CA SER A 311 -3.77 -7.55 23.89
C SER A 311 -2.89 -6.39 24.37
N TYR A 312 -2.46 -5.56 23.42
CA TYR A 312 -1.85 -4.26 23.75
C TYR A 312 -2.93 -3.34 24.33
N PRO A 313 -2.52 -2.35 25.16
CA PRO A 313 -3.49 -1.32 25.57
C PRO A 313 -3.92 -0.47 24.37
N ARG A 314 -5.22 -0.34 24.16
CA ARG A 314 -5.79 0.35 22.99
C ARG A 314 -6.73 1.47 23.42
N ASN A 315 -6.65 2.60 22.72
CA ASN A 315 -7.55 3.73 22.95
C ASN A 315 -8.96 3.41 22.43
N PRO A 316 -10.01 4.03 23.02
CA PRO A 316 -11.38 3.69 22.66
C PRO A 316 -11.80 4.12 21.24
N THR A 317 -11.29 5.26 20.78
CA THR A 317 -11.62 5.80 19.46
C THR A 317 -10.37 6.33 18.77
N VAL A 318 -10.53 6.71 17.49
CA VAL A 318 -9.47 7.32 16.70
C VAL A 318 -9.96 8.68 16.19
N ARG A 319 -9.07 9.67 16.23
CA ARG A 319 -9.44 11.06 15.95
C ARG A 319 -9.41 11.39 14.47
N TRP A 320 -8.34 10.99 13.79
CA TRP A 320 -8.10 11.22 12.34
C TRP A 320 -7.78 12.68 11.93
N GLY A 321 -8.24 13.66 12.69
CA GLY A 321 -7.71 15.02 12.62
C GLY A 321 -6.30 15.11 13.21
N TYR A 322 -6.04 14.28 14.22
CA TYR A 322 -4.72 14.17 14.85
C TYR A 322 -3.68 13.66 13.85
N VAL A 323 -3.98 12.54 13.18
CA VAL A 323 -3.04 11.93 12.22
C VAL A 323 -2.81 12.81 10.99
N ALA A 324 -3.85 13.55 10.59
CA ALA A 324 -3.75 14.52 9.49
C ALA A 324 -2.80 15.66 9.84
N MET A 325 -2.82 16.11 11.10
CA MET A 325 -1.91 17.14 11.60
C MET A 325 -0.47 16.61 11.71
N LYS A 326 -0.32 15.35 12.12
CA LYS A 326 1.01 14.75 12.26
C LYS A 326 1.67 14.47 10.91
N PHE A 327 0.93 13.89 9.95
CA PHE A 327 1.45 13.70 8.59
C PHE A 327 1.72 15.03 7.87
N ALA A 328 1.00 16.08 8.24
CA ALA A 328 1.30 17.45 7.76
C ALA A 328 2.62 17.96 8.33
N GLN A 329 2.86 17.69 9.62
CA GLN A 329 4.11 18.04 10.29
C GLN A 329 5.31 17.24 9.77
N VAL A 330 5.13 15.94 9.56
CA VAL A 330 6.18 15.07 8.99
C VAL A 330 6.56 15.52 7.57
N PHE A 331 5.53 15.86 6.78
CA PHE A 331 5.73 16.44 5.45
C PHE A 331 6.50 17.77 5.50
N GLY A 332 6.17 18.60 6.50
CA GLY A 332 6.89 19.85 6.75
C GLY A 332 8.32 19.64 7.25
N CYS A 333 8.53 18.63 8.09
CA CYS A 333 9.85 18.30 8.63
C CYS A 333 10.81 17.78 7.56
N PHE A 334 10.31 16.88 6.69
CA PHE A 334 11.09 16.35 5.57
C PHE A 334 11.64 17.46 4.67
N PHE A 335 10.79 18.45 4.39
CA PHE A 335 11.19 19.63 3.62
C PHE A 335 12.20 20.45 4.43
N TYR A 336 11.86 20.77 5.69
CA TYR A 336 12.79 21.48 6.60
C TYR A 336 14.19 20.89 6.49
N VAL A 337 14.28 19.56 6.62
CA VAL A 337 15.55 18.82 6.48
C VAL A 337 16.16 19.03 5.09
N TYR A 338 15.36 18.96 4.02
CA TYR A 338 15.85 19.28 2.66
C TYR A 338 16.40 20.70 2.58
N TYR A 339 15.63 21.67 3.08
CA TYR A 339 16.07 23.07 3.12
C TYR A 339 17.39 23.21 3.88
N ILE A 340 17.60 22.39 4.91
CA ILE A 340 18.88 22.33 5.62
C ILE A 340 20.07 22.05 4.67
N PHE A 341 19.93 21.12 3.73
CA PHE A 341 21.05 20.72 2.85
C PHE A 341 21.52 21.78 1.84
N GLU A 342 20.62 22.66 1.40
CA GLU A 342 20.99 23.73 0.46
C GLU A 342 21.51 24.95 1.21
N ARG A 343 20.62 25.65 1.90
CA ARG A 343 20.97 26.94 2.50
C ARG A 343 21.95 26.85 3.69
N LEU A 344 22.12 25.65 4.26
CA LEU A 344 22.89 25.45 5.48
C LEU A 344 24.18 24.69 5.24
N CYS A 345 24.17 23.73 4.30
CA CYS A 345 25.35 22.90 4.00
C CYS A 345 25.89 23.03 2.58
N ALA A 346 25.02 23.13 1.56
CA ALA A 346 25.46 23.18 0.14
C ALA A 346 26.66 24.08 -0.16
N PRO A 347 26.65 25.35 0.30
CA PRO A 347 27.77 26.24 -0.03
C PRO A 347 29.16 25.71 0.37
N LEU A 348 29.25 25.09 1.55
CA LEU A 348 30.55 24.66 2.10
C LEU A 348 31.01 23.25 1.68
N PHE A 349 30.13 22.43 1.11
CA PHE A 349 30.49 21.08 0.61
C PHE A 349 30.52 20.97 -0.92
N ARG A 350 29.48 21.48 -1.58
CA ARG A 350 29.39 21.41 -3.05
C ARG A 350 30.52 22.17 -3.76
N ASN A 351 30.93 23.30 -3.17
CA ASN A 351 31.84 24.25 -3.83
C ASN A 351 33.34 23.97 -3.65
N ILE A 352 33.74 23.68 -2.42
CA ILE A 352 35.17 23.63 -2.05
C ILE A 352 35.97 22.52 -2.75
N LYS A 353 37.00 22.91 -3.51
CA LYS A 353 37.84 21.97 -4.26
C LYS A 353 39.32 22.37 -4.49
N GLN A 354 39.82 23.40 -3.79
CA GLN A 354 41.14 23.98 -4.09
C GLN A 354 42.01 24.10 -2.84
N GLU A 355 43.32 23.89 -3.01
CA GLU A 355 44.31 23.92 -1.94
C GLU A 355 44.02 22.87 -0.85
N PRO A 356 44.26 21.59 -1.18
CA PRO A 356 44.01 20.44 -0.32
C PRO A 356 44.97 20.37 0.87
N PHE A 357 44.68 21.18 1.88
CA PHE A 357 45.49 21.24 3.11
C PHE A 357 44.59 21.17 4.33
N SER A 358 45.15 20.68 5.45
CA SER A 358 44.45 20.55 6.72
C SER A 358 44.88 21.65 7.71
N ALA A 359 44.98 22.88 7.22
CA ALA A 359 45.42 24.03 8.01
C ALA A 359 44.24 24.97 8.22
N ARG A 360 43.60 24.87 9.40
CA ARG A 360 42.51 25.76 9.84
C ARG A 360 41.13 25.52 9.20
N VAL A 361 41.09 25.03 7.96
CA VAL A 361 39.83 24.76 7.27
C VAL A 361 38.97 23.68 7.95
N LEU A 362 39.60 22.66 8.53
CA LEU A 362 38.90 21.53 9.14
C LEU A 362 38.15 21.93 10.42
N VAL A 363 38.81 22.73 11.27
CA VAL A 363 38.20 23.21 12.53
C VAL A 363 37.03 24.15 12.23
N LEU A 364 37.25 25.08 11.29
CA LEU A 364 36.20 25.97 10.79
C LEU A 364 35.01 25.23 10.19
N CYS A 365 35.30 24.18 9.40
CA CYS A 365 34.25 23.37 8.76
C CYS A 365 33.43 22.57 9.78
N VAL A 366 34.11 22.06 10.82
CA VAL A 366 33.42 21.40 11.94
C VAL A 366 32.58 22.40 12.72
N PHE A 367 33.13 23.59 12.99
CA PHE A 367 32.40 24.63 13.73
C PHE A 367 31.17 25.14 12.97
N ASN A 368 31.33 25.38 11.68
CA ASN A 368 30.21 25.79 10.82
C ASN A 368 29.15 24.69 10.62
N SER A 369 29.58 23.42 10.72
CA SER A 369 28.66 22.27 10.60
C SER A 369 27.98 21.84 11.91
N ILE A 370 28.32 22.46 13.04
CA ILE A 370 27.64 22.22 14.32
C ILE A 370 26.19 22.73 14.29
N LEU A 371 26.00 23.94 13.78
CA LEU A 371 24.69 24.62 13.82
C LEU A 371 23.61 24.00 12.91
N PRO A 372 24.00 23.50 11.72
CA PRO A 372 23.11 22.60 10.98
C PRO A 372 22.88 21.26 11.67
N GLY A 373 23.94 20.71 12.27
CA GLY A 373 23.88 19.42 12.98
C GLY A 373 22.81 19.32 14.05
N VAL A 374 22.78 20.29 14.96
CA VAL A 374 21.78 20.33 16.05
C VAL A 374 20.35 20.39 15.52
N LEU A 375 20.13 21.10 14.42
CA LEU A 375 18.81 21.16 13.77
C LEU A 375 18.44 19.83 13.11
N ILE A 376 19.40 19.19 12.45
CA ILE A 376 19.19 17.84 11.86
C ILE A 376 18.82 16.82 12.95
N LEU A 377 19.52 16.87 14.07
CA LEU A 377 19.26 15.96 15.21
C LEU A 377 17.87 16.17 15.81
N PHE A 378 17.47 17.43 15.94
CA PHE A 378 16.14 17.78 16.47
C PHE A 378 15.01 17.46 15.50
N LEU A 379 15.25 17.68 14.20
CA LEU A 379 14.24 17.37 13.18
C LEU A 379 14.06 15.86 12.97
N THR A 380 15.16 15.11 12.91
CA THR A 380 15.09 13.64 12.77
C THR A 380 14.48 12.97 14.02
N PHE A 381 14.67 13.60 15.18
CA PHE A 381 14.00 13.19 16.41
C PHE A 381 12.49 13.39 16.32
N PHE A 382 12.07 14.65 16.17
CA PHE A 382 10.65 15.02 16.20
C PHE A 382 9.84 14.39 15.07
N ALA A 383 10.38 14.44 13.84
CA ALA A 383 9.66 13.98 12.65
C ALA A 383 9.38 12.49 12.70
N PHE A 384 10.42 11.68 12.87
CA PHE A 384 10.27 10.23 12.89
C PHE A 384 9.75 9.73 14.24
N LEU A 385 10.54 9.94 15.29
CA LEU A 385 10.36 9.25 16.57
C LEU A 385 9.07 9.63 17.30
N HIS A 386 8.71 10.91 17.26
CA HIS A 386 7.44 11.38 17.82
C HIS A 386 6.36 11.42 16.75
N CYS A 387 6.49 12.33 15.80
CA CYS A 387 5.38 12.75 14.94
C CYS A 387 4.87 11.65 14.00
N TRP A 388 5.78 11.04 13.25
CA TRP A 388 5.46 9.92 12.36
C TRP A 388 5.00 8.68 13.13
N LEU A 389 5.68 8.39 14.23
CA LEU A 389 5.40 7.19 15.03
C LEU A 389 4.09 7.31 15.82
N ASN A 390 3.77 8.51 16.29
CA ASN A 390 2.48 8.79 16.95
C ASN A 390 1.33 8.81 15.94
N ALA A 391 1.60 9.26 14.71
CA ALA A 391 0.62 9.23 13.62
C ALA A 391 0.15 7.81 13.32
N PHE A 392 1.11 6.88 13.25
CA PHE A 392 0.81 5.44 13.15
C PHE A 392 0.18 4.91 14.46
N ALA A 393 0.67 5.38 15.60
CA ALA A 393 0.10 5.02 16.91
C ALA A 393 -1.31 5.56 17.18
N GLU A 394 -1.75 6.55 16.40
CA GLU A 394 -3.11 7.08 16.47
C GLU A 394 -4.00 6.48 15.37
N MET A 395 -3.52 6.53 14.12
CA MET A 395 -4.25 5.96 12.97
C MET A 395 -4.63 4.51 13.24
N LEU A 396 -3.64 3.74 13.66
CA LEU A 396 -3.85 2.42 14.23
C LEU A 396 -4.06 2.60 15.73
N ARG A 397 -4.91 1.78 16.34
CA ARG A 397 -5.23 1.91 17.76
C ARG A 397 -4.13 1.34 18.65
N PHE A 398 -3.33 2.23 19.23
CA PHE A 398 -2.22 1.85 20.14
C PHE A 398 -2.15 2.85 21.28
N GLY A 399 -2.13 2.34 22.51
CA GLY A 399 -2.33 3.16 23.71
C GLY A 399 -1.12 3.63 24.49
N ASP A 400 0.02 2.93 24.36
CA ASP A 400 1.20 3.22 25.19
C ASP A 400 1.85 4.57 24.85
N ARG A 401 2.41 4.66 23.64
CA ARG A 401 3.01 5.90 23.13
C ARG A 401 4.13 6.52 23.99
N MET A 402 4.88 5.68 24.70
CA MET A 402 6.06 6.13 25.43
C MET A 402 7.30 5.72 24.63
N PHE A 403 7.42 6.30 23.44
CA PHE A 403 8.50 6.00 22.50
C PHE A 403 9.80 6.70 22.93
N TYR A 404 9.68 7.74 23.76
CA TYR A 404 10.82 8.45 24.33
C TYR A 404 10.41 9.09 25.66
N LYS A 405 11.31 9.02 26.65
CA LYS A 405 11.08 9.65 27.95
C LYS A 405 11.65 11.08 27.95
N ASP A 406 11.58 11.76 29.09
CA ASP A 406 12.22 13.08 29.24
C ASP A 406 13.76 12.98 29.28
N TRP A 407 14.36 12.84 28.11
CA TRP A 407 15.82 12.76 27.97
C TRP A 407 16.50 14.15 27.89
N TRP A 408 15.70 15.21 27.84
CA TRP A 408 16.20 16.59 27.75
C TRP A 408 16.96 16.97 29.01
N ASN A 409 16.31 16.72 30.14
CA ASN A 409 16.86 16.93 31.47
C ASN A 409 17.24 15.54 31.96
N SER A 410 18.34 15.06 31.39
CA SER A 410 18.88 13.75 31.74
C SER A 410 20.32 13.96 32.19
N THR A 411 20.75 13.13 33.14
CA THR A 411 22.15 13.03 33.53
C THR A 411 22.96 12.53 32.32
N SER A 412 24.20 13.00 32.19
CA SER A 412 24.98 12.81 30.95
C SER A 412 25.40 11.37 30.65
N TYR A 413 24.69 10.73 29.72
CA TYR A 413 25.01 9.37 29.22
C TYR A 413 24.70 8.18 30.14
N SER A 414 24.30 8.46 31.38
CA SER A 414 23.91 7.42 32.31
C SER A 414 22.59 6.80 31.88
N ASN A 415 21.66 7.67 31.51
CA ASN A 415 20.30 7.28 31.08
C ASN A 415 19.85 7.78 29.69
N TYR A 416 20.74 8.45 28.95
CA TYR A 416 20.41 8.99 27.63
C TYR A 416 19.99 7.87 26.67
N TYR A 417 20.66 6.74 26.81
CA TYR A 417 20.43 5.56 25.98
C TYR A 417 19.04 4.95 26.15
N ARG A 418 18.54 4.93 27.39
CA ARG A 418 17.22 4.35 27.70
C ARG A 418 16.03 5.32 27.62
N THR A 419 16.32 6.61 27.43
CA THR A 419 15.29 7.65 27.30
C THR A 419 15.22 8.32 25.90
N TRP A 420 16.25 8.16 25.08
CA TRP A 420 16.28 8.73 23.72
C TRP A 420 15.27 8.02 22.82
N ASN A 421 15.51 6.74 22.55
CA ASN A 421 14.65 5.91 21.71
C ASN A 421 14.30 4.65 22.48
N VAL A 422 13.07 4.61 23.02
CA VAL A 422 12.62 3.53 23.90
C VAL A 422 12.34 2.23 23.13
N VAL A 423 11.72 2.32 21.96
CA VAL A 423 11.33 1.11 21.20
C VAL A 423 12.52 0.25 20.75
N VAL A 424 13.62 0.90 20.38
CA VAL A 424 14.86 0.21 20.01
C VAL A 424 15.62 -0.23 21.26
N HIS A 425 15.66 0.63 22.29
CA HIS A 425 16.29 0.30 23.58
C HIS A 425 15.65 -0.91 24.25
N ASP A 426 14.32 -0.95 24.26
CA ASP A 426 13.58 -2.09 24.83
C ASP A 426 13.93 -3.38 24.10
N TRP A 427 13.94 -3.33 22.76
CA TRP A 427 14.32 -4.49 21.93
C TRP A 427 15.72 -5.00 22.31
N LEU A 428 16.66 -4.08 22.45
CA LEU A 428 18.04 -4.41 22.84
C LEU A 428 18.12 -4.94 24.28
N TYR A 429 17.51 -4.20 25.21
CA TYR A 429 17.57 -4.54 26.62
C TYR A 429 16.91 -5.88 26.95
N TYR A 430 15.76 -6.16 26.35
CA TYR A 430 15.01 -7.38 26.63
C TYR A 430 15.50 -8.62 25.87
N TYR A 431 15.92 -8.44 24.61
CA TYR A 431 16.26 -9.59 23.73
C TYR A 431 17.75 -9.79 23.41
N ALA A 432 18.58 -8.76 23.54
CA ALA A 432 20.03 -8.89 23.36
C ALA A 432 20.78 -8.92 24.68
N TYR A 433 20.52 -7.93 25.54
CA TYR A 433 21.21 -7.79 26.83
C TYR A 433 20.82 -8.88 27.83
N LYS A 434 19.52 -8.98 28.10
CA LYS A 434 18.99 -9.94 29.09
C LYS A 434 19.18 -11.40 28.68
N ASP A 435 19.06 -11.68 27.38
CA ASP A 435 19.32 -13.03 26.85
C ASP A 435 20.79 -13.43 26.95
N PHE A 436 21.68 -12.46 26.74
CA PHE A 436 23.12 -12.67 26.95
C PHE A 436 23.43 -12.91 28.43
N LEU A 437 22.77 -12.17 29.32
CA LEU A 437 22.90 -12.40 30.77
C LEU A 437 22.29 -13.74 31.21
N TRP A 438 21.22 -14.16 30.55
CA TRP A 438 20.64 -15.51 30.77
C TRP A 438 21.60 -16.62 30.30
N PHE A 439 22.22 -16.42 29.14
CA PHE A 439 23.15 -17.42 28.57
C PHE A 439 24.42 -17.57 29.42
N PHE A 440 24.94 -16.44 29.90
CA PHE A 440 26.11 -16.43 30.80
C PHE A 440 25.72 -16.46 32.31
N SER A 441 24.41 -16.48 32.58
CA SER A 441 23.81 -16.80 33.90
C SER A 441 23.77 -15.63 34.87
N LYS A 442 24.93 -15.15 35.31
CA LYS A 442 25.01 -14.10 36.32
C LYS A 442 26.39 -13.44 36.36
N ARG A 443 26.42 -12.15 36.71
CA ARG A 443 27.63 -11.43 37.12
C ARG A 443 28.66 -11.28 35.99
N PHE A 444 28.47 -10.24 35.19
CA PHE A 444 29.46 -9.80 34.20
C PHE A 444 29.48 -8.27 34.13
N LYS A 445 28.42 -7.68 33.58
CA LYS A 445 28.31 -6.22 33.39
C LYS A 445 29.53 -5.65 32.64
N SER A 446 29.97 -6.39 31.61
CA SER A 446 31.17 -6.06 30.83
C SER A 446 31.08 -6.74 29.47
N ALA A 447 30.98 -8.07 29.48
CA ALA A 447 30.71 -8.83 28.26
C ALA A 447 29.35 -8.47 27.65
N ALA A 448 28.34 -8.27 28.51
CA ALA A 448 27.00 -7.85 28.07
C ALA A 448 26.97 -6.42 27.56
N MET A 449 27.63 -5.51 28.29
CA MET A 449 27.72 -4.09 27.90
C MET A 449 28.40 -3.90 26.55
N LEU A 450 29.56 -4.55 26.38
CA LEU A 450 30.31 -4.51 25.12
C LEU A 450 29.60 -5.24 23.97
N ALA A 451 28.85 -6.29 24.28
CA ALA A 451 28.10 -7.06 23.27
C ALA A 451 26.97 -6.24 22.63
N VAL A 452 26.18 -5.57 23.46
CA VAL A 452 25.05 -4.76 22.99
C VAL A 452 25.55 -3.53 22.22
N PHE A 453 26.61 -2.91 22.75
CA PHE A 453 27.32 -1.82 22.04
C PHE A 453 27.88 -2.29 20.69
N ALA A 454 28.45 -3.49 20.66
CA ALA A 454 28.98 -4.08 19.43
C ALA A 454 27.89 -4.37 18.40
N VAL A 455 26.77 -4.91 18.85
CA VAL A 455 25.61 -5.16 17.98
C VAL A 455 25.05 -3.86 17.39
N SER A 456 24.89 -2.84 18.23
CA SER A 456 24.29 -1.57 17.82
C SER A 456 25.19 -0.75 16.89
N ALA A 457 26.48 -0.63 17.26
CA ALA A 457 27.44 0.16 16.49
C ALA A 457 27.77 -0.43 15.12
N VAL A 458 27.83 -1.77 15.03
CA VAL A 458 28.03 -2.46 13.75
C VAL A 458 26.82 -2.28 12.83
N VAL A 459 25.61 -2.40 13.38
CA VAL A 459 24.37 -2.21 12.62
C VAL A 459 24.24 -0.77 12.12
N HIS A 460 24.62 0.21 12.95
CA HIS A 460 24.64 1.62 12.54
C HIS A 460 25.66 1.89 11.43
N GLU A 461 26.84 1.30 11.57
CA GLU A 461 27.88 1.41 10.56
C GLU A 461 27.47 0.70 9.27
N TYR A 462 26.89 -0.48 9.41
CA TYR A 462 26.30 -1.23 8.28
C TYR A 462 25.24 -0.40 7.57
N ALA A 463 24.35 0.23 8.33
CA ALA A 463 23.29 1.06 7.76
C ALA A 463 23.83 2.26 6.98
N LEU A 464 24.88 2.89 7.51
CA LEU A 464 25.48 4.09 6.89
C LEU A 464 26.60 3.80 5.89
N ALA A 465 27.11 2.56 5.87
CA ALA A 465 28.12 2.14 4.88
C ALA A 465 27.51 1.64 3.57
N VAL A 466 26.31 1.05 3.64
CA VAL A 466 25.61 0.53 2.46
C VAL A 466 25.11 1.66 1.54
N CYS A 467 24.59 2.73 2.13
CA CYS A 467 23.90 3.79 1.36
C CYS A 467 24.83 4.62 0.48
N LEU A 468 25.99 4.99 1.01
CA LEU A 468 26.97 5.77 0.26
C LEU A 468 28.01 4.87 -0.45
N SER A 469 27.94 3.54 -0.22
CA SER A 469 28.84 2.54 -0.81
C SER A 469 30.34 2.70 -0.46
N PHE A 470 30.65 3.65 0.42
CA PHE A 470 32.00 3.84 0.91
C PHE A 470 31.94 3.59 2.41
N PHE A 471 33.10 3.37 2.99
CA PHE A 471 33.19 2.72 4.29
C PHE A 471 33.55 3.70 5.42
N TYR A 472 34.82 4.07 5.57
CA TYR A 472 35.27 5.07 6.56
C TYR A 472 34.46 5.05 7.87
N PRO A 473 34.62 3.98 8.68
CA PRO A 473 33.80 3.84 9.88
C PRO A 473 34.40 4.53 11.12
N VAL A 474 34.56 5.85 11.05
CA VAL A 474 34.90 6.65 12.25
C VAL A 474 33.72 6.67 13.23
N LEU A 475 32.50 6.65 12.68
CA LEU A 475 31.28 6.56 13.46
C LEU A 475 31.29 5.38 14.44
N PHE A 476 31.86 4.26 14.01
CA PHE A 476 32.02 3.09 14.85
C PHE A 476 32.96 3.34 16.03
N VAL A 477 34.12 3.94 15.78
CA VAL A 477 35.11 4.19 16.84
C VAL A 477 34.69 5.33 17.78
N LEU A 478 33.91 6.28 17.24
CA LEU A 478 33.35 7.36 18.06
C LEU A 478 32.29 6.84 19.04
N PHE A 479 31.44 5.93 18.56
CA PHE A 479 30.46 5.26 19.43
C PHE A 479 31.10 4.25 20.38
N MET A 480 32.15 3.55 19.94
CA MET A 480 32.82 2.53 20.74
C MET A 480 33.64 3.11 21.89
N PHE A 481 34.61 3.95 21.53
CA PHE A 481 35.59 4.48 22.49
C PHE A 481 34.96 5.42 23.51
N PHE A 482 34.23 6.42 23.02
CA PHE A 482 33.62 7.45 23.87
C PHE A 482 32.34 6.97 24.53
N GLY A 483 31.48 6.30 23.75
CA GLY A 483 30.22 5.75 24.25
C GLY A 483 30.34 4.79 25.42
N MET A 484 31.44 4.03 25.46
CA MET A 484 31.79 3.23 26.64
C MET A 484 32.11 4.18 27.79
N ALA A 485 33.16 4.99 27.62
CA ALA A 485 33.60 5.94 28.66
C ALA A 485 32.42 6.66 29.26
N PHE A 486 31.67 7.36 28.41
CA PHE A 486 30.50 8.14 28.84
C PHE A 486 29.47 7.37 29.69
N ASN A 487 29.30 6.07 29.42
CA ASN A 487 28.47 5.19 30.24
C ASN A 487 29.12 4.90 31.60
N PHE A 488 30.44 4.67 31.59
CA PHE A 488 31.18 4.22 32.79
C PHE A 488 31.76 5.33 33.68
N ILE A 489 32.33 6.38 33.10
CA ILE A 489 32.88 7.49 33.92
C ILE A 489 31.81 8.42 34.51
N VAL A 490 30.71 8.61 33.81
CA VAL A 490 29.66 9.54 34.28
C VAL A 490 28.82 8.93 35.40
N ASN A 491 28.34 7.70 35.20
CA ASN A 491 27.45 6.99 36.14
C ASN A 491 26.04 7.59 36.27
N ASP A 492 25.15 6.76 36.81
CA ASP A 492 23.75 7.14 37.08
C ASP A 492 23.58 7.80 38.45
N SER A 493 24.65 7.87 39.24
CA SER A 493 24.62 8.40 40.61
C SER A 493 24.82 9.91 40.69
N ARG A 494 25.52 10.51 39.72
CA ARG A 494 25.72 11.97 39.66
C ARG A 494 24.38 12.66 39.33
N LYS A 495 24.03 13.67 40.11
CA LYS A 495 22.78 14.44 39.91
C LYS A 495 22.99 15.95 39.73
N LYS A 496 24.25 16.39 39.57
CA LYS A 496 24.54 17.82 39.40
C LYS A 496 24.23 18.27 37.97
N PRO A 497 23.79 19.55 37.80
CA PRO A 497 23.42 20.01 36.45
C PRO A 497 24.59 20.27 35.49
N ILE A 498 25.83 20.35 36.00
CA ILE A 498 27.02 20.50 35.15
C ILE A 498 27.20 19.35 34.14
N TRP A 499 26.78 18.14 34.52
CA TRP A 499 26.88 16.98 33.65
C TRP A 499 25.99 17.14 32.41
N ASN A 500 24.79 17.70 32.60
CA ASN A 500 23.87 18.01 31.50
C ASN A 500 24.49 18.96 30.46
N VAL A 501 25.28 19.93 30.93
CA VAL A 501 26.05 20.82 30.06
C VAL A 501 27.08 20.03 29.23
N LEU A 502 27.79 19.13 29.89
CA LEU A 502 28.80 18.29 29.22
C LEU A 502 28.18 17.23 28.27
N MET A 503 26.91 16.88 28.48
CA MET A 503 26.17 16.04 27.53
C MET A 503 25.90 16.81 26.24
N TRP A 504 25.33 18.00 26.39
CA TRP A 504 25.03 18.88 25.26
C TRP A 504 26.29 19.33 24.49
N THR A 505 27.39 19.51 25.22
CA THR A 505 28.70 19.80 24.60
C THR A 505 29.19 18.62 23.76
N SER A 506 29.12 17.43 24.35
CA SER A 506 29.52 16.19 23.67
C SER A 506 28.64 15.85 22.48
N LEU A 507 27.32 16.05 22.62
CA LEU A 507 26.36 15.74 21.57
C LEU A 507 26.45 16.72 20.39
N PHE A 508 26.64 18.01 20.68
CA PHE A 508 26.83 19.04 19.66
C PHE A 508 28.11 18.83 18.85
N LEU A 509 29.20 18.54 19.55
CA LEU A 509 30.50 18.28 18.91
C LEU A 509 30.49 16.95 18.16
N GLY A 510 29.95 15.90 18.79
CA GLY A 510 29.86 14.57 18.18
C GLY A 510 29.08 14.54 16.88
N ASN A 511 27.94 15.23 16.85
CA ASN A 511 27.10 15.33 15.65
C ASN A 511 27.71 16.26 14.58
N GLY A 512 28.35 17.34 15.04
CA GLY A 512 29.06 18.26 14.14
C GLY A 512 30.25 17.63 13.42
N VAL A 513 31.02 16.82 14.16
CA VAL A 513 32.12 16.04 13.59
C VAL A 513 31.60 14.94 12.65
N LEU A 514 30.47 14.33 13.02
CA LEU A 514 29.84 13.27 12.22
C LEU A 514 29.40 13.78 10.84
N LEU A 515 28.60 14.84 10.84
CA LEU A 515 28.07 15.42 9.59
C LEU A 515 29.16 16.00 8.69
N CYS A 516 30.14 16.65 9.30
CA CYS A 516 31.27 17.25 8.57
C CYS A 516 32.10 16.20 7.83
N PHE A 517 32.56 15.19 8.57
CA PHE A 517 33.48 14.16 8.05
C PHE A 517 32.84 13.25 6.99
N TYR A 518 31.57 12.88 7.20
CA TYR A 518 30.85 12.04 6.23
C TYR A 518 30.54 12.78 4.93
N SER A 519 30.16 14.05 5.04
CA SER A 519 29.91 14.88 3.87
C SER A 519 31.22 15.19 3.12
N GLN A 520 32.28 15.52 3.87
CA GLN A 520 33.62 15.67 3.30
C GLN A 520 34.05 14.45 2.48
N GLU A 521 33.79 13.25 3.02
CA GLU A 521 34.13 11.99 2.35
C GLU A 521 33.24 11.70 1.14
N TRP A 522 31.95 11.98 1.25
CA TRP A 522 30.99 11.74 0.16
C TRP A 522 31.27 12.64 -1.05
N TYR A 523 31.40 13.94 -0.80
CA TYR A 523 31.71 14.92 -1.85
C TYR A 523 33.14 14.75 -2.43
N ALA A 524 34.05 14.17 -1.65
CA ALA A 524 35.42 13.88 -2.13
C ALA A 524 35.51 12.77 -3.18
N ARG A 525 34.51 11.89 -3.25
CA ARG A 525 34.50 10.77 -4.20
C ARG A 525 33.88 11.13 -5.57
N GLN A 526 34.33 12.24 -6.15
CA GLN A 526 33.88 12.71 -7.46
C GLN A 526 34.62 13.98 -7.89
N GLN B 118 -5.52 55.68 39.34
CA GLN B 118 -4.69 55.91 38.11
C GLN B 118 -3.19 55.80 38.38
N GLY B 119 -2.42 55.69 37.31
CA GLY B 119 -0.97 55.49 37.38
C GLY B 119 -0.62 54.03 37.57
N LYS B 120 0.67 53.71 37.48
CA LYS B 120 1.14 52.34 37.72
C LYS B 120 1.08 52.04 39.21
N ILE B 121 0.63 50.83 39.56
CA ILE B 121 0.56 50.38 40.95
C ILE B 121 1.53 49.21 41.14
N PHE B 122 2.34 49.30 42.20
CA PHE B 122 3.41 48.34 42.46
C PHE B 122 2.96 47.22 43.39
N ILE B 123 3.21 45.98 42.95
CA ILE B 123 2.86 44.78 43.71
C ILE B 123 4.12 43.92 43.84
N ALA B 124 4.33 43.35 45.03
CA ALA B 124 5.51 42.52 45.30
C ALA B 124 5.43 41.19 44.56
N ARG B 125 6.09 41.12 43.39
CA ARG B 125 6.09 39.95 42.52
C ARG B 125 7.51 39.51 42.22
N ARG B 126 7.69 38.22 41.94
CA ARG B 126 8.96 37.72 41.39
C ARG B 126 8.95 37.89 39.87
N SER B 127 10.14 37.90 39.29
CA SER B 127 10.29 38.00 37.83
C SER B 127 9.79 36.71 37.18
N LEU B 128 9.19 36.83 36.00
CA LEU B 128 8.56 35.70 35.31
C LEU B 128 9.57 34.61 34.96
N LEU B 129 10.68 35.00 34.35
CA LEU B 129 11.70 34.02 33.93
C LEU B 129 12.47 33.41 35.10
N ASP B 130 12.52 34.08 36.24
CA ASP B 130 13.20 33.57 37.44
C ASP B 130 12.48 32.33 37.98
N GLU B 131 11.17 32.44 38.19
CA GLU B 131 10.33 31.29 38.59
C GLU B 131 10.16 30.25 37.48
N LEU B 132 10.23 30.70 36.22
CA LEU B 132 10.11 29.82 35.05
C LEU B 132 11.43 29.13 34.64
N LEU B 133 12.55 29.48 35.30
CA LEU B 133 13.85 28.83 35.05
C LEU B 133 14.11 27.59 35.94
N GLU B 134 13.09 27.14 36.70
CA GLU B 134 13.19 25.94 37.53
C GLU B 134 12.04 24.95 37.24
N VAL B 135 11.54 24.96 36.00
CA VAL B 135 10.48 24.04 35.57
C VAL B 135 11.07 22.67 35.23
N ASP B 136 12.39 22.62 34.96
CA ASP B 136 13.13 21.42 34.60
C ASP B 136 13.06 21.11 33.09
N HIS B 137 12.43 21.99 32.31
CA HIS B 137 12.51 21.96 30.84
C HIS B 137 13.08 23.24 30.22
N ILE B 138 12.98 24.36 30.94
CA ILE B 138 13.56 25.64 30.51
C ILE B 138 15.02 25.74 30.98
N ARG B 139 15.33 25.14 32.12
CA ARG B 139 16.71 25.00 32.60
C ARG B 139 17.61 24.20 31.62
N THR B 140 17.01 23.34 30.82
CA THR B 140 17.69 22.67 29.71
C THR B 140 18.24 23.66 28.68
N ILE B 141 17.45 24.66 28.31
CA ILE B 141 17.84 25.65 27.29
C ILE B 141 19.00 26.49 27.82
N TYR B 142 18.96 26.83 29.12
CA TYR B 142 20.07 27.48 29.81
C TYR B 142 21.36 26.67 29.64
N HIS B 143 21.29 25.37 29.93
CA HIS B 143 22.44 24.47 29.81
C HIS B 143 22.89 24.25 28.36
N MET B 144 21.94 24.27 27.41
CA MET B 144 22.26 24.23 25.98
C MET B 144 23.08 25.45 25.54
N PHE B 145 22.67 26.63 26.00
CA PHE B 145 23.38 27.88 25.71
C PHE B 145 24.74 27.98 26.42
N ILE B 146 24.84 27.40 27.62
CA ILE B 146 26.13 27.25 28.31
C ILE B 146 27.05 26.32 27.52
N ALA B 147 26.51 25.18 27.07
CA ALA B 147 27.26 24.23 26.25
C ALA B 147 27.75 24.82 24.93
N LEU B 148 26.95 25.72 24.35
CA LEU B 148 27.32 26.42 23.11
C LEU B 148 28.35 27.53 23.39
N LEU B 149 28.30 28.14 24.58
CA LEU B 149 29.35 29.07 25.03
C LEU B 149 30.70 28.37 25.13
N ILE B 150 30.72 27.20 25.76
CA ILE B 150 31.94 26.39 25.94
C ILE B 150 32.52 25.98 24.59
N LEU B 151 31.65 25.55 23.68
CA LEU B 151 32.07 25.08 22.35
C LEU B 151 32.54 26.23 21.45
N PHE B 152 31.98 27.42 21.65
CA PHE B 152 32.49 28.65 21.02
C PHE B 152 33.90 29.01 21.51
N ILE B 153 34.09 28.97 22.83
CA ILE B 153 35.40 29.24 23.45
C ILE B 153 36.45 28.22 23.00
N LEU B 154 36.10 26.94 23.03
CA LEU B 154 37.02 25.87 22.59
C LEU B 154 37.43 26.04 21.13
N SER B 155 36.46 26.35 20.26
CA SER B 155 36.72 26.55 18.84
C SER B 155 37.65 27.74 18.57
N THR B 156 37.37 28.87 19.21
CA THR B 156 38.18 30.09 19.04
C THR B 156 39.61 29.93 19.57
N LEU B 157 39.75 29.30 20.73
CA LEU B 157 41.08 29.04 21.32
C LEU B 157 41.93 28.09 20.48
N VAL B 158 41.31 27.06 19.90
CA VAL B 158 42.00 26.13 18.99
C VAL B 158 42.43 26.84 17.70
N VAL B 159 41.52 27.60 17.09
CA VAL B 159 41.79 28.32 15.84
C VAL B 159 42.91 29.36 16.02
N ASP B 160 42.82 30.15 17.09
CA ASP B 160 43.85 31.15 17.42
C ASP B 160 45.21 30.53 17.77
N TYR B 161 45.19 29.32 18.35
CA TYR B 161 46.42 28.59 18.69
C TYR B 161 47.15 28.09 17.44
N ILE B 162 46.42 27.46 16.53
CA ILE B 162 47.01 26.94 15.28
C ILE B 162 47.44 28.04 14.29
N ASP B 163 46.78 29.20 14.35
CA ASP B 163 47.10 30.33 13.48
C ASP B 163 48.42 30.98 13.90
N GLU B 164 48.51 31.34 15.18
CA GLU B 164 49.67 32.05 15.74
C GLU B 164 50.57 31.07 16.53
N GLY B 165 51.46 31.59 17.36
CA GLY B 165 52.28 30.76 18.26
C GLY B 165 51.49 30.25 19.44
N ARG B 166 51.75 30.81 20.62
CA ARG B 166 50.98 30.49 21.83
C ARG B 166 49.57 31.10 21.76
N LEU B 167 48.66 30.56 22.56
CA LEU B 167 47.26 31.01 22.59
C LEU B 167 47.13 32.47 23.03
N VAL B 168 46.11 33.15 22.51
CA VAL B 168 45.89 34.57 22.81
C VAL B 168 45.61 34.80 24.30
N LEU B 169 46.41 35.67 24.92
CA LEU B 169 46.29 35.94 26.36
C LEU B 169 45.12 36.87 26.61
N GLU B 170 45.17 38.06 26.02
CA GLU B 170 44.06 39.02 26.07
C GLU B 170 43.33 38.97 24.73
N PHE B 171 42.06 39.35 24.76
CA PHE B 171 41.18 39.22 23.60
C PHE B 171 41.54 40.17 22.45
N SER B 172 42.04 41.36 22.78
CA SER B 172 42.55 42.35 21.81
C SER B 172 41.46 43.20 21.12
N LEU B 173 40.27 42.62 20.90
CA LEU B 173 39.12 43.37 20.40
C LEU B 173 38.54 44.28 21.46
N LEU B 174 38.38 43.74 22.68
CA LEU B 174 37.84 44.50 23.81
C LEU B 174 38.74 45.67 24.25
N SER B 175 40.04 45.58 23.97
CA SER B 175 40.97 46.69 24.21
C SER B 175 40.69 47.88 23.28
N TYR B 176 40.46 47.60 22.00
CA TYR B 176 40.04 48.63 21.04
C TYR B 176 38.59 49.08 21.28
N ALA B 177 37.71 48.10 21.55
CA ALA B 177 36.27 48.36 21.75
C ALA B 177 36.01 49.23 22.97
N PHE B 178 36.57 48.82 24.11
CA PHE B 178 36.62 49.66 25.31
C PHE B 178 38.00 50.30 25.41
N GLY B 179 38.15 51.47 24.78
CA GLY B 179 39.44 52.13 24.62
C GLY B 179 39.76 53.06 25.78
N LYS B 180 39.44 54.34 25.59
CA LYS B 180 39.70 55.36 26.61
C LYS B 180 38.63 55.28 27.69
N PHE B 181 38.80 54.34 28.62
CA PHE B 181 37.83 54.11 29.69
C PHE B 181 37.82 55.17 30.81
N PRO B 182 39.01 55.68 31.25
CA PRO B 182 38.97 56.72 32.29
C PRO B 182 38.16 57.99 31.96
N THR B 183 38.16 58.42 30.70
CA THR B 183 37.32 59.56 30.27
C THR B 183 35.82 59.23 30.24
N VAL B 184 35.46 57.97 30.09
CA VAL B 184 34.08 57.50 30.24
C VAL B 184 33.66 57.49 31.72
N VAL B 185 34.63 57.21 32.61
CA VAL B 185 34.36 57.19 34.06
C VAL B 185 34.08 58.58 34.63
N TRP B 186 34.93 59.57 34.33
CA TRP B 186 34.72 60.93 34.86
C TRP B 186 33.57 61.70 34.18
N THR B 187 33.32 61.43 32.91
CA THR B 187 32.16 62.02 32.22
C THR B 187 30.83 61.43 32.72
N TRP B 188 30.86 60.16 33.12
CA TRP B 188 29.72 59.53 33.80
C TRP B 188 29.53 60.12 35.20
N TRP B 189 30.64 60.33 35.91
CA TRP B 189 30.62 60.89 37.27
C TRP B 189 30.05 62.31 37.28
N ILE B 190 30.54 63.17 36.39
CA ILE B 190 30.06 64.55 36.29
C ILE B 190 28.61 64.63 35.78
N MET B 191 28.21 63.68 34.94
CA MET B 191 26.82 63.54 34.51
C MET B 191 25.91 63.08 35.66
N PHE B 192 26.41 62.14 36.46
CA PHE B 192 25.69 61.66 37.66
C PHE B 192 25.55 62.75 38.73
N LEU B 193 26.62 63.49 38.97
CA LEU B 193 26.59 64.63 39.92
C LEU B 193 25.65 65.76 39.48
N SER B 194 25.56 65.99 38.17
CA SER B 194 24.70 67.04 37.63
C SER B 194 23.21 66.67 37.73
N THR B 195 22.87 65.47 37.27
CA THR B 195 21.48 64.96 37.32
C THR B 195 20.96 64.68 38.74
N PHE B 196 21.89 64.45 39.68
CA PHE B 196 21.54 64.30 41.09
C PHE B 196 21.30 65.68 41.74
N SER B 197 22.25 66.59 41.54
CA SER B 197 22.25 67.88 42.22
C SER B 197 21.25 68.89 41.65
N VAL B 198 21.27 69.08 40.34
CA VAL B 198 20.56 70.21 39.70
C VAL B 198 19.03 70.09 39.73
N PRO B 199 18.46 68.93 39.29
CA PRO B 199 16.99 68.78 39.36
C PRO B 199 16.41 68.82 40.77
N TYR B 200 17.14 68.26 41.73
CA TYR B 200 16.73 68.27 43.14
C TYR B 200 16.79 69.67 43.75
N PHE B 201 17.85 70.41 43.45
CA PHE B 201 18.02 71.80 43.93
C PHE B 201 17.02 72.76 43.30
N LEU B 202 16.75 72.59 42.01
CA LEU B 202 15.71 73.37 41.31
C LEU B 202 14.30 73.06 41.84
N PHE B 203 14.06 71.81 42.23
CA PHE B 203 12.79 71.42 42.86
C PHE B 203 12.73 71.77 44.35
N GLN B 204 13.87 71.80 45.03
CA GLN B 204 13.95 72.30 46.41
C GLN B 204 13.81 73.84 46.49
N HIS B 205 14.04 74.52 45.36
CA HIS B 205 13.73 75.95 45.24
C HIS B 205 12.21 76.24 45.32
N TRP B 206 11.40 75.23 44.98
CA TRP B 206 9.94 75.25 45.21
C TRP B 206 9.51 74.91 46.66
N ALA B 207 10.43 74.94 47.63
CA ALA B 207 10.09 74.81 49.04
C ALA B 207 9.14 75.93 49.48
N THR B 208 9.44 77.14 49.02
CA THR B 208 8.48 78.24 49.05
C THR B 208 7.39 77.95 48.03
N GLY B 209 7.80 77.83 46.76
CA GLY B 209 6.93 77.44 45.65
C GLY B 209 5.64 78.24 45.51
N TYR B 210 4.52 77.61 45.89
CA TYR B 210 3.19 78.22 45.84
C TYR B 210 2.65 78.63 47.22
N SER B 211 3.51 78.64 48.24
CA SER B 211 3.10 78.99 49.61
C SER B 211 2.91 80.50 49.75
N LYS B 212 3.98 81.25 49.50
CA LYS B 212 3.92 82.72 49.48
C LYS B 212 3.28 83.22 48.18
N SER B 213 3.57 82.54 47.08
CA SER B 213 3.04 82.86 45.75
C SER B 213 3.42 84.28 45.29
N SER B 214 4.73 84.50 45.15
CA SER B 214 5.26 85.79 44.71
C SER B 214 5.09 85.93 43.20
N HIS B 215 3.87 86.27 42.78
CA HIS B 215 3.50 86.40 41.37
C HIS B 215 3.69 85.08 40.60
N PRO B 216 2.73 84.13 40.74
CA PRO B 216 2.79 82.88 39.96
C PRO B 216 2.55 83.09 38.46
N LEU B 217 2.86 82.06 37.68
CA LEU B 217 2.90 82.09 36.19
C LEU B 217 4.25 82.56 35.63
N ILE B 218 4.97 83.41 36.37
CA ILE B 218 6.31 83.86 36.00
C ILE B 218 7.35 82.86 36.50
N ARG B 219 7.37 82.64 37.81
CA ARG B 219 8.36 81.75 38.44
C ARG B 219 8.22 80.28 38.02
N SER B 220 6.99 79.84 37.76
CA SER B 220 6.71 78.46 37.33
C SER B 220 7.35 78.15 35.99
N LEU B 221 7.09 78.99 34.99
CA LEU B 221 7.71 78.86 33.67
C LEU B 221 9.19 79.26 33.63
N PHE B 222 9.62 80.10 34.58
CA PHE B 222 11.04 80.43 34.75
C PHE B 222 11.83 79.19 35.18
N HIS B 223 11.38 78.58 36.27
CA HIS B 223 11.98 77.32 36.76
C HIS B 223 11.76 76.15 35.78
N GLY B 224 10.69 76.19 35.00
CA GLY B 224 10.48 75.26 33.90
C GLY B 224 11.49 75.42 32.78
N PHE B 225 11.82 76.66 32.45
CA PHE B 225 12.86 76.96 31.46
C PHE B 225 14.26 76.68 32.00
N LEU B 226 14.47 76.95 33.28
CA LEU B 226 15.73 76.57 33.97
C LEU B 226 15.96 75.05 34.02
N PHE B 227 14.87 74.28 34.06
CA PHE B 227 14.94 72.82 33.93
C PHE B 227 15.26 72.40 32.49
N MET B 228 14.67 73.08 31.52
CA MET B 228 14.87 72.75 30.10
C MET B 228 16.28 73.06 29.61
N ILE B 229 16.82 74.22 29.98
CA ILE B 229 18.21 74.59 29.67
C ILE B 229 19.21 73.61 30.31
N PHE B 230 18.90 73.12 31.50
CA PHE B 230 19.68 72.06 32.15
C PHE B 230 19.64 70.76 31.33
N GLN B 231 18.42 70.31 31.00
CA GLN B 231 18.20 69.08 30.24
C GLN B 231 18.96 69.05 28.90
N ILE B 232 18.89 70.15 28.15
CA ILE B 232 19.57 70.27 26.86
C ILE B 232 21.05 70.57 27.04
N GLY B 233 21.35 71.62 27.82
CA GLY B 233 22.72 72.09 28.00
C GLY B 233 23.71 71.09 28.57
N VAL B 234 23.25 70.29 29.54
CA VAL B 234 24.11 69.33 30.24
C VAL B 234 24.12 67.98 29.51
N LEU B 235 22.93 67.39 29.32
CA LEU B 235 22.80 66.03 28.76
C LEU B 235 22.75 65.97 27.22
N GLY B 236 22.34 67.06 26.57
CA GLY B 236 22.33 67.13 25.11
C GLY B 236 23.72 67.25 24.53
N PHE B 237 24.49 68.23 25.03
CA PHE B 237 25.84 68.50 24.54
C PHE B 237 26.89 67.62 25.22
N GLY B 238 26.96 67.69 26.55
CA GLY B 238 28.03 67.07 27.35
C GLY B 238 28.44 65.65 26.97
N PRO B 239 27.48 64.70 27.00
CA PRO B 239 27.70 63.33 26.52
C PRO B 239 28.10 63.20 25.05
N THR B 240 27.43 63.95 24.17
CA THR B 240 27.75 63.93 22.73
C THR B 240 29.08 64.60 22.42
N TYR B 241 29.43 65.64 23.20
CA TYR B 241 30.64 66.40 22.98
C TYR B 241 31.88 65.54 23.21
N VAL B 242 31.92 64.84 24.35
CA VAL B 242 33.06 63.99 24.68
C VAL B 242 33.26 62.81 23.72
N VAL B 243 32.16 62.14 23.35
CA VAL B 243 32.24 60.99 22.41
C VAL B 243 32.65 61.41 20.99
N LEU B 244 32.19 62.58 20.55
CA LEU B 244 32.54 63.11 19.21
C LEU B 244 33.91 63.80 19.19
N ALA B 245 34.22 64.60 20.22
CA ALA B 245 35.47 65.38 20.25
C ALA B 245 36.70 64.56 20.63
N TYR B 246 36.56 63.68 21.62
CA TYR B 246 37.69 62.85 22.10
C TYR B 246 37.87 61.54 21.31
N THR B 247 37.17 61.40 20.18
CA THR B 247 37.24 60.24 19.27
C THR B 247 37.25 58.87 19.97
N LEU B 248 36.23 58.66 20.83
CA LEU B 248 36.07 57.40 21.55
C LEU B 248 35.66 56.28 20.59
N PRO B 249 35.94 55.02 20.94
CA PRO B 249 35.60 53.89 20.07
C PRO B 249 34.13 53.46 20.21
N PRO B 250 33.57 52.81 19.16
CA PRO B 250 32.11 52.57 19.03
C PRO B 250 31.41 51.88 20.21
N ALA B 251 32.01 50.82 20.73
CA ALA B 251 31.43 50.07 21.86
C ALA B 251 31.41 50.87 23.17
N SER B 252 32.47 51.64 23.41
CA SER B 252 32.59 52.45 24.61
C SER B 252 31.62 53.65 24.65
N ARG B 253 31.21 54.13 23.47
CA ARG B 253 30.29 55.27 23.35
C ARG B 253 28.86 54.93 23.76
N PHE B 254 28.45 53.68 23.53
CA PHE B 254 27.11 53.21 23.92
C PHE B 254 26.83 53.33 25.42
N ILE B 255 27.87 53.20 26.25
CA ILE B 255 27.74 53.35 27.71
C ILE B 255 27.32 54.77 28.09
N ILE B 256 27.99 55.77 27.51
CA ILE B 256 27.69 57.18 27.78
C ILE B 256 26.27 57.57 27.30
N ILE B 257 25.90 57.08 26.11
CA ILE B 257 24.58 57.37 25.53
C ILE B 257 23.46 56.67 26.28
N PHE B 258 23.69 55.42 26.68
CA PHE B 258 22.74 54.65 27.50
C PHE B 258 22.48 55.33 28.85
N GLU B 259 23.56 55.73 29.52
CA GLU B 259 23.47 56.41 30.82
C GLU B 259 22.90 57.84 30.71
N GLN B 260 23.11 58.48 29.55
CA GLN B 260 22.49 59.78 29.25
C GLN B 260 20.97 59.65 29.16
N ILE B 261 20.52 58.68 28.38
CA ILE B 261 19.08 58.41 28.19
C ILE B 261 18.44 57.94 29.50
N ARG B 262 19.20 57.28 30.36
CA ARG B 262 18.75 56.93 31.71
C ARG B 262 18.46 58.17 32.55
N PHE B 263 19.47 59.03 32.72
CA PHE B 263 19.37 60.17 33.62
C PHE B 263 18.40 61.27 33.16
N VAL B 264 18.25 61.45 31.85
CA VAL B 264 17.22 62.37 31.32
C VAL B 264 15.81 61.87 31.61
N MET B 265 15.62 60.54 31.57
CA MET B 265 14.36 59.92 31.97
C MET B 265 14.10 60.05 33.46
N LYS B 266 15.13 59.76 34.26
CA LYS B 266 15.05 59.85 35.72
C LYS B 266 14.72 61.27 36.19
N ALA B 267 15.29 62.27 35.52
CA ALA B 267 15.08 63.68 35.86
C ALA B 267 13.68 64.18 35.50
N HIS B 268 13.24 63.86 34.28
CA HIS B 268 11.89 64.23 33.81
C HIS B 268 10.80 63.50 34.61
N SER B 269 11.04 62.22 34.90
CA SER B 269 10.13 61.44 35.75
C SER B 269 10.00 62.05 37.16
N PHE B 270 11.12 62.49 37.72
CA PHE B 270 11.13 63.18 39.03
C PHE B 270 10.28 64.45 39.02
N VAL B 271 10.48 65.29 38.01
CA VAL B 271 9.76 66.57 37.89
C VAL B 271 8.28 66.35 37.59
N ARG B 272 7.97 65.47 36.64
CA ARG B 272 6.60 65.26 36.18
C ARG B 272 5.67 64.65 37.25
N GLU B 273 6.21 63.81 38.14
CA GLU B 273 5.41 63.15 39.17
C GLU B 273 5.22 64.00 40.43
N ASN B 274 6.27 64.71 40.85
CA ASN B 274 6.22 65.52 42.08
C ASN B 274 5.53 66.88 41.94
N VAL B 275 5.42 67.41 40.72
CA VAL B 275 4.67 68.66 40.46
C VAL B 275 3.18 68.56 40.82
N PRO B 276 2.49 67.47 40.40
CA PRO B 276 1.09 67.23 40.82
C PRO B 276 0.83 67.27 42.34
N ARG B 277 1.80 66.82 43.14
CA ARG B 277 1.69 66.87 44.60
C ARG B 277 1.58 68.31 45.12
N VAL B 278 2.59 69.12 44.83
CA VAL B 278 2.63 70.53 45.25
C VAL B 278 1.52 71.39 44.62
N LEU B 279 1.19 71.11 43.36
CA LEU B 279 0.18 71.90 42.63
C LEU B 279 -1.24 71.64 43.14
N ASN B 280 -1.51 70.41 43.60
CA ASN B 280 -2.77 70.08 44.29
C ASN B 280 -2.77 70.57 45.74
N SER B 281 -1.64 70.38 46.43
CA SER B 281 -1.49 70.79 47.83
C SER B 281 -1.46 72.32 48.05
N ALA B 282 -1.13 73.07 46.99
CA ALA B 282 -1.12 74.54 47.04
C ALA B 282 -2.50 75.17 47.27
N LYS B 283 -3.56 74.48 46.87
CA LYS B 283 -4.94 74.94 47.09
C LYS B 283 -5.32 74.98 48.57
N GLU B 284 -4.84 73.99 49.35
CA GLU B 284 -5.06 73.96 50.80
C GLU B 284 -4.20 75.03 51.50
N LYS B 285 -4.85 75.89 52.28
CA LYS B 285 -4.17 77.00 52.97
C LYS B 285 -3.63 76.55 54.32
N SER B 286 -2.41 76.99 54.64
CA SER B 286 -1.73 76.69 55.91
C SER B 286 -1.51 75.19 56.11
N SER B 287 -0.85 74.57 55.12
CA SER B 287 -0.56 73.12 55.13
C SER B 287 0.90 72.86 54.81
N THR B 288 1.41 71.74 55.30
CA THR B 288 2.81 71.35 55.09
C THR B 288 3.00 70.83 53.66
N VAL B 289 3.84 71.51 52.89
CA VAL B 289 4.14 71.11 51.51
C VAL B 289 4.95 69.80 51.49
N PRO B 290 4.57 68.84 50.62
CA PRO B 290 5.38 67.63 50.49
C PRO B 290 6.57 67.83 49.55
N ILE B 291 7.78 67.60 50.06
CA ILE B 291 9.01 67.67 49.27
C ILE B 291 9.78 66.36 49.47
N PRO B 292 10.26 65.73 48.37
CA PRO B 292 11.09 64.52 48.53
C PRO B 292 12.44 64.80 49.19
N THR B 293 12.90 63.87 50.04
CA THR B 293 14.20 63.95 50.69
C THR B 293 15.31 63.45 49.75
N VAL B 294 16.56 63.69 50.16
CA VAL B 294 17.74 63.31 49.36
C VAL B 294 17.93 61.79 49.31
N ASN B 295 17.63 61.11 50.41
CA ASN B 295 17.90 59.67 50.56
C ASN B 295 17.05 58.83 49.62
N GLN B 296 15.74 59.06 49.64
CA GLN B 296 14.80 58.31 48.81
C GLN B 296 14.88 58.65 47.31
N TYR B 297 15.28 59.87 46.97
CA TYR B 297 15.54 60.24 45.57
C TYR B 297 16.82 59.58 45.04
N LEU B 298 17.88 59.58 45.85
CA LEU B 298 19.12 58.87 45.52
C LEU B 298 18.89 57.36 45.39
N TYR B 299 18.01 56.82 46.23
CA TYR B 299 17.55 55.42 46.11
C TYR B 299 16.84 55.17 44.78
N PHE B 300 15.94 56.08 44.39
CA PHE B 300 15.24 56.00 43.11
C PHE B 300 16.21 56.06 41.91
N LEU B 301 17.24 56.90 42.02
CA LEU B 301 18.20 57.10 40.93
C LEU B 301 19.07 55.86 40.61
N PHE B 302 19.12 54.89 41.52
CA PHE B 302 19.70 53.56 41.27
C PHE B 302 18.68 52.41 41.11
N ALA B 303 17.42 52.68 41.44
CA ALA B 303 16.35 51.67 41.32
C ALA B 303 16.07 51.29 39.86
N PRO B 304 15.56 50.06 39.62
CA PRO B 304 15.30 49.59 38.25
C PRO B 304 13.86 49.86 37.75
N THR B 305 13.35 51.07 37.98
CA THR B 305 12.01 51.48 37.51
C THR B 305 11.93 53.01 37.50
N LEU B 306 11.16 53.56 36.57
CA LEU B 306 11.12 55.00 36.30
C LEU B 306 9.77 55.67 36.63
N ILE B 307 9.08 55.21 37.68
CA ILE B 307 7.69 55.65 37.96
C ILE B 307 7.51 56.51 39.22
N TYR B 308 7.72 55.94 40.42
CA TYR B 308 7.47 56.66 41.68
C TYR B 308 8.74 57.06 42.42
N ARG B 309 8.56 57.90 43.45
CA ARG B 309 9.65 58.38 44.32
C ARG B 309 9.57 57.88 45.77
N ASP B 310 8.39 57.42 46.20
CA ASP B 310 8.09 57.22 47.62
C ASP B 310 7.56 55.82 47.92
N SER B 311 8.22 55.14 48.86
CA SER B 311 7.73 53.87 49.44
C SER B 311 7.43 52.80 48.40
N TYR B 312 8.48 52.37 47.69
CA TYR B 312 8.40 51.21 46.80
C TYR B 312 8.16 49.94 47.63
N PRO B 313 7.40 48.96 47.10
CA PRO B 313 7.33 47.66 47.79
C PRO B 313 8.70 46.98 47.83
N ARG B 314 9.11 46.57 49.04
CA ARG B 314 10.46 46.02 49.27
C ARG B 314 10.40 44.62 49.88
N ASN B 315 11.49 43.88 49.68
CA ASN B 315 11.64 42.52 50.21
C ASN B 315 12.22 42.56 51.63
N PRO B 316 12.07 41.46 52.39
CA PRO B 316 12.59 41.46 53.77
C PRO B 316 14.11 41.55 53.90
N THR B 317 14.84 40.69 53.20
CA THR B 317 16.30 40.59 53.31
C THR B 317 16.98 40.39 51.96
N VAL B 318 18.23 40.83 51.87
CA VAL B 318 19.07 40.63 50.68
C VAL B 318 19.75 39.26 50.81
N ARG B 319 19.72 38.50 49.71
CA ARG B 319 20.31 37.14 49.69
C ARG B 319 21.83 37.17 49.56
N TRP B 320 22.34 37.98 48.64
CA TRP B 320 23.78 38.12 48.33
C TRP B 320 24.41 36.97 47.52
N GLY B 321 23.86 35.76 47.61
CA GLY B 321 24.18 34.67 46.69
C GLY B 321 23.45 34.79 45.35
N TYR B 322 22.23 35.34 45.39
CA TYR B 322 21.43 35.60 44.20
C TYR B 322 22.10 36.63 43.28
N VAL B 323 22.52 37.75 43.85
CA VAL B 323 23.21 38.81 43.10
C VAL B 323 24.54 38.36 42.50
N ALA B 324 25.25 37.48 43.22
CA ALA B 324 26.51 36.91 42.75
C ALA B 324 26.34 36.01 41.53
N MET B 325 25.27 35.20 41.52
CA MET B 325 24.97 34.32 40.40
C MET B 325 24.52 35.10 39.15
N LYS B 326 23.75 36.17 39.36
CA LYS B 326 23.27 37.00 38.25
C LYS B 326 24.41 37.79 37.61
N PHE B 327 25.24 38.45 38.45
CA PHE B 327 26.44 39.14 37.98
C PHE B 327 27.43 38.21 37.25
N ALA B 328 27.46 36.94 37.66
CA ALA B 328 28.24 35.91 36.95
C ALA B 328 27.63 35.58 35.58
N GLN B 329 26.30 35.49 35.53
CA GLN B 329 25.57 35.27 34.27
C GLN B 329 25.72 36.46 33.30
N VAL B 330 25.64 37.68 33.83
CA VAL B 330 25.84 38.90 33.02
C VAL B 330 27.25 38.93 32.41
N PHE B 331 28.25 38.56 33.21
CA PHE B 331 29.64 38.42 32.74
C PHE B 331 29.78 37.35 31.66
N GLY B 332 29.13 36.20 31.88
CA GLY B 332 29.10 35.11 30.90
C GLY B 332 28.36 35.47 29.62
N CYS B 333 27.30 36.26 29.75
CA CYS B 333 26.55 36.77 28.59
C CYS B 333 27.35 37.76 27.77
N PHE B 334 28.04 38.69 28.45
CA PHE B 334 28.88 39.68 27.78
C PHE B 334 29.98 39.02 26.94
N PHE B 335 30.60 37.99 27.49
CA PHE B 335 31.58 37.18 26.76
C PHE B 335 30.94 36.44 25.59
N TYR B 336 29.74 35.91 25.78
CA TYR B 336 28.99 35.26 24.70
C TYR B 336 28.73 36.22 23.54
N VAL B 337 28.28 37.44 23.86
CA VAL B 337 28.02 38.49 22.85
C VAL B 337 29.30 38.87 22.10
N TYR B 338 30.43 38.94 22.81
CA TYR B 338 31.74 39.18 22.19
C TYR B 338 32.11 38.06 21.21
N TYR B 339 32.04 36.82 21.68
CA TYR B 339 32.33 35.64 20.84
C TYR B 339 31.36 35.47 19.67
N ILE B 340 30.13 35.95 19.82
CA ILE B 340 29.18 36.00 18.69
C ILE B 340 29.74 36.90 17.58
N PHE B 341 30.07 38.15 17.89
CA PHE B 341 30.65 39.06 16.89
C PHE B 341 32.00 38.58 16.34
N GLU B 342 32.81 37.90 17.17
CA GLU B 342 34.15 37.43 16.76
C GLU B 342 34.15 36.21 15.83
N ARG B 343 33.10 35.40 15.86
CA ARG B 343 33.01 34.20 15.01
C ARG B 343 31.86 34.20 14.02
N LEU B 344 30.74 34.81 14.40
CA LEU B 344 29.57 34.88 13.53
C LEU B 344 29.63 36.13 12.64
N CYS B 345 30.10 37.25 13.19
CA CYS B 345 30.21 38.53 12.45
C CYS B 345 31.64 38.92 12.05
N ALA B 346 32.65 38.15 12.44
CA ALA B 346 34.03 38.40 11.97
C ALA B 346 34.33 37.90 10.54
N PRO B 347 34.15 36.58 10.28
CA PRO B 347 34.67 36.00 9.03
C PRO B 347 34.13 36.61 7.73
N LEU B 348 32.86 37.04 7.74
CA LEU B 348 32.19 37.52 6.52
C LEU B 348 32.06 39.06 6.39
N PHE B 349 32.37 39.80 7.45
CA PHE B 349 32.40 41.28 7.39
C PHE B 349 33.80 41.89 7.44
N ARG B 350 34.71 41.31 8.22
CA ARG B 350 36.12 41.75 8.26
C ARG B 350 36.85 41.51 6.93
N ASN B 351 36.49 40.42 6.25
CA ASN B 351 37.26 39.91 5.09
C ASN B 351 36.85 40.50 3.74
N ILE B 352 35.55 40.58 3.47
CA ILE B 352 35.03 40.84 2.11
C ILE B 352 35.31 42.25 1.57
N LYS B 353 35.78 42.30 0.31
CA LYS B 353 36.02 43.58 -0.38
C LYS B 353 35.98 43.59 -1.93
N GLN B 354 35.68 42.45 -2.57
CA GLN B 354 35.88 42.28 -4.02
C GLN B 354 34.55 42.16 -4.79
N GLU B 355 34.58 42.57 -6.06
CA GLU B 355 33.43 42.50 -6.97
C GLU B 355 32.16 43.07 -6.33
N PRO B 356 32.21 44.36 -5.95
CA PRO B 356 31.19 45.11 -5.21
C PRO B 356 29.86 45.23 -5.96
N PHE B 357 29.11 44.11 -5.98
CA PHE B 357 27.82 44.03 -6.67
C PHE B 357 26.77 43.48 -5.71
N SER B 358 25.51 43.79 -6.00
CA SER B 358 24.36 43.34 -5.20
C SER B 358 23.72 42.05 -5.73
N ALA B 359 24.35 41.39 -6.71
CA ALA B 359 23.82 40.17 -7.32
C ALA B 359 23.97 38.98 -6.39
N ARG B 360 22.92 38.70 -5.62
CA ARG B 360 22.78 37.50 -4.77
C ARG B 360 23.53 37.54 -3.42
N VAL B 361 24.68 38.20 -3.35
CA VAL B 361 25.47 38.28 -2.11
C VAL B 361 24.72 38.97 -0.95
N LEU B 362 23.89 39.96 -1.26
CA LEU B 362 23.13 40.70 -0.25
C LEU B 362 22.09 39.82 0.46
N VAL B 363 21.37 39.00 -0.30
CA VAL B 363 20.35 38.09 0.24
C VAL B 363 21.00 37.04 1.17
N LEU B 364 22.17 36.53 0.78
CA LEU B 364 22.90 35.56 1.58
C LEU B 364 23.57 36.18 2.80
N CYS B 365 24.06 37.40 2.66
CA CYS B 365 24.64 38.16 3.77
C CYS B 365 23.58 38.52 4.82
N VAL B 366 22.37 38.83 4.36
CA VAL B 366 21.21 39.02 5.25
C VAL B 366 20.78 37.69 5.88
N PHE B 367 20.76 36.62 5.09
CA PHE B 367 20.35 35.30 5.57
C PHE B 367 21.29 34.72 6.63
N ASN B 368 22.59 34.72 6.33
CA ASN B 368 23.60 34.21 7.26
C ASN B 368 23.79 35.07 8.52
N SER B 369 23.36 36.33 8.47
CA SER B 369 23.38 37.23 9.63
C SER B 369 22.14 37.11 10.55
N ILE B 370 21.16 36.30 10.18
CA ILE B 370 19.99 36.02 11.04
C ILE B 370 20.44 35.28 12.30
N LEU B 371 21.09 34.13 12.12
CA LEU B 371 21.48 33.24 13.23
C LEU B 371 22.34 33.92 14.31
N PRO B 372 23.25 34.84 13.92
CA PRO B 372 23.87 35.74 14.89
C PRO B 372 22.86 36.71 15.54
N GLY B 373 22.04 37.34 14.71
CA GLY B 373 21.01 38.28 15.17
C GLY B 373 20.03 37.73 16.19
N VAL B 374 19.65 36.47 16.03
CA VAL B 374 18.70 35.81 16.94
C VAL B 374 19.33 35.64 18.33
N LEU B 375 20.58 35.20 18.37
CA LEU B 375 21.32 35.04 19.64
C LEU B 375 21.66 36.39 20.28
N ILE B 376 21.99 37.40 19.47
CA ILE B 376 22.22 38.77 19.97
C ILE B 376 20.96 39.33 20.65
N LEU B 377 19.79 39.10 20.03
CA LEU B 377 18.51 39.55 20.58
C LEU B 377 18.16 38.86 21.90
N PHE B 378 18.45 37.56 21.98
CA PHE B 378 18.22 36.79 23.21
C PHE B 378 19.21 37.14 24.32
N LEU B 379 20.48 37.34 23.96
CA LEU B 379 21.51 37.72 24.93
C LEU B 379 21.34 39.14 25.46
N THR B 380 21.03 40.10 24.58
CA THR B 380 20.80 41.49 24.99
C THR B 380 19.56 41.63 25.89
N PHE B 381 18.58 40.74 25.70
CA PHE B 381 17.45 40.64 26.63
C PHE B 381 17.90 40.10 27.98
N PHE B 382 18.38 38.85 27.98
CA PHE B 382 18.69 38.13 29.23
C PHE B 382 19.77 38.81 30.04
N ALA B 383 20.85 39.23 29.38
CA ALA B 383 21.99 39.87 30.05
C ALA B 383 21.58 41.16 30.75
N PHE B 384 21.08 42.12 29.97
CA PHE B 384 20.73 43.43 30.52
C PHE B 384 19.37 43.42 31.21
N LEU B 385 18.31 43.19 30.46
CA LEU B 385 16.95 43.44 30.96
C LEU B 385 16.63 42.59 32.17
N HIS B 386 16.63 41.27 32.01
CA HIS B 386 16.31 40.35 33.11
C HIS B 386 17.40 40.30 34.19
N CYS B 387 18.57 39.82 33.81
CA CYS B 387 19.60 39.40 34.76
C CYS B 387 20.30 40.56 35.49
N TRP B 388 20.62 41.62 34.75
CA TRP B 388 21.28 42.81 35.34
C TRP B 388 20.33 43.58 36.27
N LEU B 389 19.07 43.77 35.86
CA LEU B 389 18.10 44.48 36.71
C LEU B 389 17.67 43.69 37.94
N ASN B 390 17.49 42.37 37.81
CA ASN B 390 17.22 41.49 38.96
C ASN B 390 18.35 41.53 40.00
N ALA B 391 19.58 41.62 39.53
CA ALA B 391 20.75 41.71 40.41
C ALA B 391 20.75 42.99 41.23
N PHE B 392 20.47 44.12 40.57
CA PHE B 392 20.32 45.42 41.26
C PHE B 392 19.02 45.49 42.08
N ALA B 393 17.96 44.82 41.60
CA ALA B 393 16.69 44.73 42.34
C ALA B 393 16.78 43.87 43.61
N GLU B 394 17.77 42.96 43.67
CA GLU B 394 18.03 42.16 44.86
C GLU B 394 19.09 42.84 45.75
N MET B 395 20.18 43.33 45.13
CA MET B 395 21.26 44.03 45.86
C MET B 395 20.70 45.23 46.63
N LEU B 396 20.01 46.10 45.90
CA LEU B 396 19.27 47.22 46.48
C LEU B 396 17.81 46.78 46.57
N ARG B 397 17.24 46.87 47.77
CA ARG B 397 15.91 46.31 48.06
C ARG B 397 14.81 46.82 47.11
N PHE B 398 14.22 45.90 46.35
CA PHE B 398 13.17 46.22 45.38
C PHE B 398 12.28 45.01 45.15
N GLY B 399 10.97 45.22 45.20
CA GLY B 399 9.99 44.12 45.24
C GLY B 399 9.19 43.82 43.97
N ASP B 400 9.09 44.78 43.05
CA ASP B 400 8.22 44.62 41.88
C ASP B 400 8.74 43.59 40.89
N ARG B 401 9.91 43.84 40.31
CA ARG B 401 10.60 42.91 39.40
C ARG B 401 9.79 42.37 38.19
N MET B 402 8.67 43.01 37.86
CA MET B 402 7.82 42.59 36.75
C MET B 402 8.01 43.64 35.67
N PHE B 403 9.23 43.68 35.15
CA PHE B 403 9.64 44.67 34.14
C PHE B 403 9.73 44.08 32.72
N TYR B 404 9.42 42.79 32.58
CA TYR B 404 9.11 42.17 31.28
C TYR B 404 8.04 41.10 31.48
N LYS B 405 7.33 40.76 30.41
CA LYS B 405 6.21 39.84 30.43
C LYS B 405 6.37 38.79 29.34
N ASP B 406 5.44 37.83 29.27
CA ASP B 406 5.46 36.79 28.23
C ASP B 406 5.12 37.35 26.83
N TRP B 407 6.14 37.85 26.15
CA TRP B 407 6.03 38.26 24.73
C TRP B 407 6.24 37.08 23.77
N TRP B 408 6.69 35.94 24.30
CA TRP B 408 7.04 34.76 23.49
C TRP B 408 5.85 34.24 22.67
N ASN B 409 4.67 34.23 23.29
CA ASN B 409 3.43 33.77 22.67
C ASN B 409 2.43 34.91 22.42
N SER B 410 2.92 36.15 22.40
CA SER B 410 2.07 37.31 22.14
C SER B 410 1.70 37.35 20.67
N THR B 411 0.51 37.86 20.36
CA THR B 411 0.14 38.19 19.00
C THR B 411 1.05 39.33 18.55
N SER B 412 1.43 39.32 17.27
CA SER B 412 2.44 40.24 16.76
C SER B 412 2.12 41.68 17.13
N TYR B 413 2.94 42.25 18.00
CA TYR B 413 2.88 43.68 18.34
C TYR B 413 1.55 44.11 18.98
N SER B 414 0.90 43.17 19.66
CA SER B 414 -0.31 43.43 20.42
C SER B 414 0.16 43.69 21.85
N ASN B 415 0.85 42.70 22.40
CA ASN B 415 1.51 42.78 23.70
C ASN B 415 3.03 43.02 23.58
N TYR B 416 3.65 42.56 22.48
CA TYR B 416 5.11 42.69 22.27
C TYR B 416 5.68 44.08 22.59
N TYR B 417 4.96 45.12 22.19
CA TYR B 417 5.33 46.51 22.50
C TYR B 417 5.42 46.76 24.01
N ARG B 418 4.37 46.34 24.72
CA ARG B 418 4.27 46.55 26.17
C ARG B 418 5.15 45.57 26.95
N THR B 419 5.07 44.30 26.57
CA THR B 419 5.65 43.19 27.32
C THR B 419 7.18 43.07 27.23
N TRP B 420 7.79 43.65 26.20
CA TRP B 420 9.24 43.54 25.99
C TRP B 420 10.00 44.24 27.13
N ASN B 421 10.03 45.58 27.12
CA ASN B 421 10.45 46.37 28.29
C ASN B 421 9.17 46.96 28.85
N VAL B 422 8.92 46.74 30.14
CA VAL B 422 7.81 47.39 30.84
C VAL B 422 8.28 48.72 31.43
N VAL B 423 9.50 48.74 31.99
CA VAL B 423 10.08 49.97 32.59
C VAL B 423 10.14 51.17 31.64
N VAL B 424 10.55 50.92 30.39
CA VAL B 424 10.65 51.96 29.37
C VAL B 424 9.31 52.17 28.64
N HIS B 425 8.51 51.11 28.51
CA HIS B 425 7.14 51.23 27.99
C HIS B 425 6.27 52.10 28.90
N ASP B 426 6.28 51.79 30.19
CA ASP B 426 5.52 52.55 31.20
C ASP B 426 5.98 54.01 31.22
N TRP B 427 7.29 54.25 31.09
CA TRP B 427 7.82 55.60 30.90
C TRP B 427 7.12 56.32 29.74
N LEU B 428 7.07 55.67 28.58
CA LEU B 428 6.44 56.24 27.38
C LEU B 428 4.92 56.32 27.48
N TYR B 429 4.31 55.27 28.01
CA TYR B 429 2.85 55.20 28.16
C TYR B 429 2.32 56.29 29.08
N TYR B 430 2.89 56.37 30.29
CA TYR B 430 2.40 57.30 31.31
C TYR B 430 2.80 58.75 31.07
N TYR B 431 4.04 59.00 30.62
CA TYR B 431 4.59 60.36 30.56
C TYR B 431 4.76 60.99 29.18
N ALA B 432 4.73 60.18 28.10
CA ALA B 432 4.73 60.69 26.73
C ALA B 432 3.35 60.55 26.09
N TYR B 433 2.83 59.32 26.07
CA TYR B 433 1.55 59.00 25.41
C TYR B 433 0.35 59.61 26.15
N LYS B 434 0.21 59.29 27.44
CA LYS B 434 -0.92 59.78 28.25
C LYS B 434 -0.87 61.28 28.52
N ASP B 435 0.33 61.85 28.68
CA ASP B 435 0.50 63.31 28.81
C ASP B 435 0.17 64.06 27.51
N PHE B 436 0.49 63.46 26.37
CA PHE B 436 0.08 63.97 25.07
C PHE B 436 -1.44 63.92 24.96
N LEU B 437 -2.04 62.78 25.31
CA LEU B 437 -3.51 62.64 25.35
C LEU B 437 -4.17 63.60 26.34
N TRP B 438 -3.51 63.88 27.47
CA TRP B 438 -3.97 64.91 28.41
C TRP B 438 -3.92 66.32 27.81
N PHE B 439 -2.82 66.63 27.11
CA PHE B 439 -2.64 67.95 26.49
C PHE B 439 -3.65 68.21 25.37
N PHE B 440 -3.99 67.17 24.62
CA PHE B 440 -5.05 67.21 23.60
C PHE B 440 -6.42 66.69 24.12
N SER B 441 -6.49 66.46 25.43
CA SER B 441 -7.73 66.15 26.17
C SER B 441 -8.24 64.72 25.99
N LYS B 442 -8.79 64.40 24.82
CA LYS B 442 -9.34 63.06 24.54
C LYS B 442 -9.62 62.88 23.05
N ARG B 443 -9.69 61.61 22.62
CA ARG B 443 -10.14 61.20 21.29
C ARG B 443 -9.19 61.60 20.16
N PHE B 444 -8.18 60.77 19.95
CA PHE B 444 -7.29 60.86 18.78
C PHE B 444 -6.95 59.46 18.28
N LYS B 445 -6.14 58.73 19.05
CA LYS B 445 -5.63 57.40 18.67
C LYS B 445 -4.95 57.45 17.29
N SER B 446 -4.20 58.52 17.05
CA SER B 446 -3.66 58.82 15.73
C SER B 446 -2.30 59.52 15.86
N ALA B 447 -2.24 60.85 15.71
CA ALA B 447 -0.96 61.59 15.76
C ALA B 447 -0.23 61.48 17.10
N ALA B 448 -0.98 61.22 18.17
CA ALA B 448 -0.41 60.85 19.48
C ALA B 448 0.37 59.54 19.38
N MET B 449 -0.22 58.56 18.71
CA MET B 449 0.43 57.25 18.44
C MET B 449 1.62 57.40 17.50
N LEU B 450 1.51 58.32 16.53
CA LEU B 450 2.61 58.66 15.63
C LEU B 450 3.76 59.35 16.36
N ALA B 451 3.42 60.25 17.29
CA ALA B 451 4.42 61.01 18.06
C ALA B 451 5.24 60.16 19.02
N VAL B 452 4.58 59.21 19.71
CA VAL B 452 5.26 58.27 20.61
C VAL B 452 6.13 57.26 19.84
N PHE B 453 5.68 56.83 18.66
CA PHE B 453 6.51 56.03 17.75
C PHE B 453 7.66 56.85 17.15
N ALA B 454 7.42 58.13 16.89
CA ALA B 454 8.45 59.04 16.36
C ALA B 454 9.56 59.27 17.38
N VAL B 455 9.19 59.72 18.58
CA VAL B 455 10.17 59.98 19.66
C VAL B 455 10.96 58.72 20.04
N SER B 456 10.30 57.56 20.02
CA SER B 456 10.98 56.29 20.29
C SER B 456 11.99 55.91 19.20
N ALA B 457 11.59 56.11 17.95
CA ALA B 457 12.48 55.88 16.80
C ALA B 457 13.61 56.91 16.74
N VAL B 458 13.30 58.17 17.03
CA VAL B 458 14.29 59.25 17.03
C VAL B 458 15.36 59.07 18.12
N VAL B 459 14.96 58.55 19.29
CA VAL B 459 15.92 58.26 20.37
C VAL B 459 16.85 57.08 20.00
N HIS B 460 16.32 56.08 19.30
CA HIS B 460 17.12 54.93 18.85
C HIS B 460 18.11 55.28 17.74
N GLU B 461 17.59 55.87 16.66
CA GLU B 461 18.43 56.30 15.52
C GLU B 461 19.54 57.26 15.93
N TYR B 462 19.24 58.15 16.88
CA TYR B 462 20.23 59.08 17.43
C TYR B 462 21.33 58.34 18.19
N ALA B 463 20.92 57.47 19.12
CA ALA B 463 21.86 56.70 19.95
C ALA B 463 22.82 55.85 19.11
N LEU B 464 22.28 55.22 18.07
CA LEU B 464 23.07 54.44 17.12
C LEU B 464 23.96 55.32 16.23
N ALA B 465 23.44 56.49 15.84
CA ALA B 465 24.18 57.44 15.00
C ALA B 465 25.43 58.02 15.67
N VAL B 466 25.34 58.27 16.97
CA VAL B 466 26.45 58.87 17.72
C VAL B 466 27.66 57.93 17.81
N CYS B 467 27.40 56.65 18.12
CA CYS B 467 28.48 55.68 18.40
C CYS B 467 29.37 55.36 17.20
N LEU B 468 28.77 55.13 16.04
CA LEU B 468 29.53 54.85 14.83
C LEU B 468 29.86 56.13 14.03
N SER B 469 29.32 57.27 14.47
CA SER B 469 29.56 58.60 13.85
C SER B 469 29.08 58.74 12.39
N PHE B 470 28.41 57.71 11.87
CA PHE B 470 27.82 57.73 10.55
C PHE B 470 26.33 57.57 10.76
N PHE B 471 25.57 57.93 9.75
CA PHE B 471 24.14 58.16 9.89
C PHE B 471 23.34 56.99 9.28
N TYR B 472 23.05 57.03 7.98
CA TYR B 472 22.38 55.94 7.24
C TYR B 472 21.36 55.13 8.09
N PRO B 473 20.28 55.79 8.56
CA PRO B 473 19.32 55.03 9.33
C PRO B 473 18.18 54.47 8.47
N VAL B 474 18.38 53.26 7.96
CA VAL B 474 17.26 52.43 7.49
C VAL B 474 16.45 51.99 8.72
N LEU B 475 17.11 51.99 9.88
CA LEU B 475 16.48 51.74 11.17
C LEU B 475 15.24 52.61 11.41
N PHE B 476 15.34 53.91 11.14
CA PHE B 476 14.18 54.82 11.27
C PHE B 476 13.06 54.45 10.30
N VAL B 477 13.41 54.14 9.05
CA VAL B 477 12.43 53.73 8.04
C VAL B 477 11.80 52.38 8.42
N LEU B 478 12.62 51.49 8.98
CA LEU B 478 12.16 50.18 9.48
C LEU B 478 11.30 50.30 10.74
N PHE B 479 11.60 51.29 11.58
CA PHE B 479 10.78 51.57 12.78
C PHE B 479 9.54 52.43 12.45
N MET B 480 9.66 53.34 11.49
CA MET B 480 8.57 54.26 11.14
C MET B 480 7.52 53.55 10.29
N PHE B 481 7.91 53.03 9.13
CA PHE B 481 6.96 52.42 8.20
C PHE B 481 6.33 51.15 8.79
N PHE B 482 7.19 50.23 9.21
CA PHE B 482 6.75 48.91 9.69
C PHE B 482 6.18 48.93 11.10
N GLY B 483 6.80 49.70 12.00
CA GLY B 483 6.27 49.89 13.37
C GLY B 483 4.84 50.41 13.43
N MET B 484 4.44 51.19 12.42
CA MET B 484 3.04 51.58 12.25
C MET B 484 2.27 50.38 11.72
N ALA B 485 2.73 49.84 10.59
CA ALA B 485 2.08 48.69 9.92
C ALA B 485 1.79 47.55 10.89
N PHE B 486 2.77 47.23 11.74
CA PHE B 486 2.61 46.17 12.74
C PHE B 486 1.76 46.54 13.96
N ASN B 487 1.04 47.66 13.95
CA ASN B 487 0.09 47.98 15.02
C ASN B 487 -1.31 48.30 14.51
N PHE B 488 -1.40 49.12 13.46
CA PHE B 488 -2.69 49.59 12.94
C PHE B 488 -3.44 48.54 12.11
N ILE B 489 -2.74 47.81 11.24
CA ILE B 489 -3.36 46.76 10.39
C ILE B 489 -3.31 45.35 11.01
N VAL B 490 -2.82 45.23 12.25
CA VAL B 490 -2.81 43.95 12.98
C VAL B 490 -3.88 43.85 14.07
N ASN B 491 -4.11 44.93 14.80
CA ASN B 491 -5.04 44.96 15.96
C ASN B 491 -4.57 44.09 17.13
N ASP B 492 -5.25 44.25 18.27
CA ASP B 492 -4.95 43.51 19.50
C ASP B 492 -5.88 42.31 19.71
N SER B 493 -7.09 42.36 19.14
CA SER B 493 -8.12 41.32 19.34
C SER B 493 -7.85 39.99 18.62
N ARG B 494 -6.86 39.93 17.72
CA ARG B 494 -6.53 38.69 17.00
C ARG B 494 -6.01 37.61 17.95
N LYS B 495 -6.53 36.39 17.78
CA LYS B 495 -6.26 35.27 18.70
C LYS B 495 -5.68 34.00 18.03
N LYS B 496 -5.48 34.01 16.71
CA LYS B 496 -5.03 32.81 15.99
C LYS B 496 -3.52 32.59 16.25
N PRO B 497 -3.08 31.32 16.41
CA PRO B 497 -1.65 31.07 16.67
C PRO B 497 -0.71 31.37 15.49
N ILE B 498 -1.24 31.39 14.27
CA ILE B 498 -0.45 31.74 13.07
C ILE B 498 0.16 33.15 13.10
N TRP B 499 -0.50 34.09 13.79
CA TRP B 499 0.04 35.45 13.96
C TRP B 499 1.31 35.52 14.82
N ASN B 500 1.49 34.56 15.73
CA ASN B 500 2.74 34.41 16.48
C ASN B 500 3.89 34.01 15.55
N VAL B 501 3.60 33.14 14.59
CA VAL B 501 4.57 32.74 13.57
C VAL B 501 4.97 33.94 12.69
N LEU B 502 3.96 34.71 12.25
CA LEU B 502 4.21 35.91 11.43
C LEU B 502 4.94 37.03 12.18
N MET B 503 4.75 37.11 13.51
CA MET B 503 5.57 38.00 14.35
C MET B 503 7.02 37.56 14.35
N TRP B 504 7.20 36.28 14.64
CA TRP B 504 8.52 35.69 14.82
C TRP B 504 9.31 35.62 13.51
N THR B 505 8.59 35.54 12.39
CA THR B 505 9.20 35.71 11.06
C THR B 505 9.69 37.13 10.86
N SER B 506 8.82 38.10 11.15
CA SER B 506 9.15 39.53 10.98
C SER B 506 10.27 39.99 11.92
N LEU B 507 10.26 39.52 13.16
CA LEU B 507 11.30 39.86 14.15
C LEU B 507 12.67 39.30 13.74
N PHE B 508 12.69 38.04 13.31
CA PHE B 508 13.90 37.39 12.78
C PHE B 508 14.51 38.11 11.59
N LEU B 509 13.66 38.45 10.62
CA LEU B 509 14.11 39.14 9.40
C LEU B 509 14.52 40.59 9.69
N GLY B 510 13.72 41.28 10.50
CA GLY B 510 13.99 42.68 10.89
C GLY B 510 15.33 42.88 11.58
N ASN B 511 15.63 42.01 12.54
CA ASN B 511 16.89 42.06 13.27
C ASN B 511 18.08 41.57 12.44
N GLY B 512 17.83 40.59 11.57
CA GLY B 512 18.86 40.10 10.64
C GLY B 512 19.26 41.13 9.58
N VAL B 513 18.26 41.83 9.04
CA VAL B 513 18.49 42.95 8.11
C VAL B 513 19.21 44.12 8.81
N LEU B 514 18.87 44.35 10.07
CA LEU B 514 19.49 45.40 10.89
C LEU B 514 20.99 45.15 11.08
N LEU B 515 21.33 44.00 11.65
CA LEU B 515 22.72 43.64 11.95
C LEU B 515 23.59 43.53 10.69
N CYS B 516 23.00 43.05 9.60
CA CYS B 516 23.69 42.94 8.31
C CYS B 516 24.11 44.30 7.77
N PHE B 517 23.11 45.17 7.58
CA PHE B 517 23.29 46.47 6.93
C PHE B 517 24.19 47.44 7.71
N TYR B 518 24.13 47.36 9.05
CA TYR B 518 24.93 48.25 9.91
C TYR B 518 26.40 47.83 10.01
N SER B 519 26.62 46.53 10.26
CA SER B 519 27.98 45.98 10.32
C SER B 519 28.67 45.99 8.94
N GLN B 520 27.88 45.90 7.87
CA GLN B 520 28.39 46.17 6.51
C GLN B 520 28.88 47.61 6.38
N GLU B 521 28.03 48.55 6.81
CA GLU B 521 28.32 49.99 6.71
C GLU B 521 29.50 50.43 7.59
N TRP B 522 29.68 49.78 8.74
CA TRP B 522 30.79 50.10 9.64
C TRP B 522 32.14 49.69 9.05
N TYR B 523 32.24 48.44 8.59
CA TYR B 523 33.46 47.95 7.92
C TYR B 523 33.66 48.55 6.52
N ALA B 524 32.60 49.06 5.90
CA ALA B 524 32.71 49.78 4.62
C ALA B 524 33.50 51.09 4.74
N ARG B 525 33.43 51.73 5.90
CA ARG B 525 34.17 52.99 6.17
C ARG B 525 35.48 52.72 6.96
N GLN B 526 36.29 51.78 6.47
CA GLN B 526 37.61 51.50 7.03
C GLN B 526 38.52 50.85 5.98
N GLN C 118 -37.04 -1.25 1.82
CA GLN C 118 -36.83 -0.78 0.40
C GLN C 118 -35.40 -1.04 -0.10
N GLY C 119 -34.42 -0.47 0.62
CA GLY C 119 -33.01 -0.65 0.28
C GLY C 119 -32.53 -2.07 0.48
N LYS C 120 -31.32 -2.36 -0.02
CA LYS C 120 -30.77 -3.72 0.05
C LYS C 120 -30.53 -4.14 1.50
N ILE C 121 -30.86 -5.39 1.82
CA ILE C 121 -30.74 -5.92 3.19
C ILE C 121 -29.75 -7.09 3.20
N PHE C 122 -28.65 -6.90 3.92
CA PHE C 122 -27.52 -7.83 3.89
C PHE C 122 -27.70 -9.00 4.84
N ILE C 123 -27.48 -10.21 4.33
CA ILE C 123 -27.62 -11.45 5.10
C ILE C 123 -26.33 -12.27 4.94
N ALA C 124 -25.88 -12.88 6.04
CA ALA C 124 -24.62 -13.63 6.06
C ALA C 124 -24.72 -14.91 5.21
N ARG C 125 -24.21 -14.84 3.98
CA ARG C 125 -24.22 -15.95 3.04
C ARG C 125 -22.80 -16.24 2.54
N ARG C 126 -22.65 -17.32 1.79
CA ARG C 126 -21.43 -17.61 1.05
C ARG C 126 -21.69 -17.42 -0.44
N SER C 127 -20.62 -17.22 -1.20
CA SER C 127 -20.71 -17.17 -2.66
C SER C 127 -21.20 -18.51 -3.17
N LEU C 128 -22.15 -18.48 -4.09
CA LEU C 128 -22.82 -19.70 -4.56
C LEU C 128 -21.85 -20.70 -5.18
N LEU C 129 -20.87 -20.20 -5.94
CA LEU C 129 -19.85 -21.06 -6.55
C LEU C 129 -18.94 -21.68 -5.50
N ASP C 130 -18.56 -20.91 -4.48
CA ASP C 130 -17.75 -21.42 -3.35
C ASP C 130 -18.45 -22.57 -2.63
N GLU C 131 -19.74 -22.41 -2.37
CA GLU C 131 -20.60 -23.47 -1.83
C GLU C 131 -20.69 -24.66 -2.79
N LEU C 132 -20.89 -24.36 -4.07
CA LEU C 132 -21.07 -25.36 -5.13
C LEU C 132 -19.78 -26.01 -5.65
N LEU C 133 -18.62 -25.43 -5.34
CA LEU C 133 -17.32 -25.95 -5.83
C LEU C 133 -16.86 -27.24 -5.14
N GLU C 134 -17.49 -27.59 -4.00
CA GLU C 134 -17.17 -28.81 -3.26
C GLU C 134 -18.25 -29.92 -3.41
N VAL C 135 -19.02 -29.86 -4.48
CA VAL C 135 -20.04 -30.88 -4.77
C VAL C 135 -19.46 -32.15 -5.45
N ASP C 136 -18.18 -32.11 -5.82
CA ASP C 136 -17.41 -33.28 -6.33
C ASP C 136 -17.56 -33.54 -7.84
N HIS C 137 -18.43 -32.79 -8.52
CA HIS C 137 -18.53 -32.79 -9.98
C HIS C 137 -18.07 -31.47 -10.62
N ILE C 138 -18.14 -30.37 -9.87
CA ILE C 138 -17.69 -29.07 -10.34
C ILE C 138 -16.20 -28.86 -10.00
N ARG C 139 -15.72 -29.52 -8.94
CA ARG C 139 -14.28 -29.62 -8.65
C ARG C 139 -13.51 -30.34 -9.78
N THR C 140 -14.20 -31.19 -10.54
CA THR C 140 -13.64 -31.72 -11.79
C THR C 140 -13.36 -30.58 -12.77
N ILE C 141 -14.35 -29.72 -13.02
CA ILE C 141 -14.21 -28.63 -14.01
C ILE C 141 -13.07 -27.67 -13.60
N TYR C 142 -12.90 -27.47 -12.30
CA TYR C 142 -11.75 -26.75 -11.76
C TYR C 142 -10.43 -27.43 -12.17
N HIS C 143 -10.37 -28.74 -11.96
CA HIS C 143 -9.20 -29.54 -12.36
C HIS C 143 -9.03 -29.67 -13.87
N MET C 144 -10.14 -29.62 -14.62
CA MET C 144 -10.10 -29.59 -16.09
C MET C 144 -9.36 -28.35 -16.59
N PHE C 145 -9.69 -27.20 -16.01
CA PHE C 145 -9.09 -25.92 -16.39
C PHE C 145 -7.66 -25.76 -15.87
N ILE C 146 -7.36 -26.32 -14.69
CA ILE C 146 -5.98 -26.40 -14.18
C ILE C 146 -5.12 -27.24 -15.13
N ALA C 147 -5.62 -28.40 -15.53
CA ALA C 147 -4.93 -29.31 -16.45
C ALA C 147 -4.66 -28.65 -17.82
N LEU C 148 -5.60 -27.85 -18.29
CA LEU C 148 -5.45 -27.12 -19.55
C LEU C 148 -4.43 -25.97 -19.44
N LEU C 149 -4.32 -25.36 -18.26
CA LEU C 149 -3.27 -24.37 -17.98
C LEU C 149 -1.88 -25.00 -18.06
N ILE C 150 -1.72 -26.17 -17.46
CA ILE C 150 -0.45 -26.92 -17.48
C ILE C 150 -0.03 -27.28 -18.91
N LEU C 151 -1.01 -27.71 -19.71
CA LEU C 151 -0.77 -28.11 -21.10
C LEU C 151 -0.51 -26.90 -22.01
N PHE C 152 -1.10 -25.75 -21.67
CA PHE C 152 -0.80 -24.47 -22.34
C PHE C 152 0.62 -23.99 -22.03
N ILE C 153 1.02 -24.09 -20.76
CA ILE C 153 2.37 -23.72 -20.32
C ILE C 153 3.42 -24.64 -20.96
N LEU C 154 3.15 -25.94 -20.95
CA LEU C 154 4.05 -26.94 -21.55
C LEU C 154 4.22 -26.73 -23.06
N SER C 155 3.11 -26.42 -23.75
CA SER C 155 3.14 -26.16 -25.18
C SER C 155 3.94 -24.90 -25.54
N THR C 156 3.72 -23.82 -24.77
CA THR C 156 4.42 -22.55 -25.01
C THR C 156 5.93 -22.64 -24.71
N LEU C 157 6.29 -23.33 -23.63
CA LEU C 157 7.70 -23.51 -23.26
C LEU C 157 8.48 -24.40 -24.23
N VAL C 158 7.82 -25.45 -24.75
CA VAL C 158 8.42 -26.31 -25.78
C VAL C 158 8.64 -25.54 -27.09
N VAL C 159 7.62 -24.80 -27.52
CA VAL C 159 7.70 -23.99 -28.76
C VAL C 159 8.79 -22.92 -28.66
N ASP C 160 8.82 -22.20 -27.54
CA ASP C 160 9.83 -21.15 -27.30
C ASP C 160 11.26 -21.70 -27.19
N TYR C 161 11.40 -22.90 -26.62
CA TYR C 161 12.69 -23.59 -26.53
C TYR C 161 13.25 -23.92 -27.92
N ILE C 162 12.46 -24.60 -28.74
CA ILE C 162 12.88 -24.99 -30.09
C ILE C 162 13.03 -23.81 -31.06
N ASP C 163 12.31 -22.71 -30.80
CA ASP C 163 12.33 -21.54 -31.68
C ASP C 163 13.63 -20.72 -31.52
N GLU C 164 13.86 -20.19 -30.33
CA GLU C 164 14.93 -19.20 -30.10
C GLU C 164 16.16 -19.76 -29.38
N GLY C 165 16.05 -20.02 -28.07
CA GLY C 165 17.22 -20.35 -27.23
C GLY C 165 16.94 -21.43 -26.19
N ARG C 166 17.27 -21.15 -24.92
CA ARG C 166 17.10 -22.11 -23.83
C ARG C 166 15.63 -22.21 -23.42
N LEU C 167 15.06 -21.07 -23.02
CA LEU C 167 13.64 -20.96 -22.67
C LEU C 167 13.29 -19.48 -22.44
N VAL C 168 11.99 -19.19 -22.37
CA VAL C 168 11.52 -17.82 -22.12
C VAL C 168 11.88 -17.39 -20.69
N LEU C 169 12.61 -16.27 -20.58
CA LEU C 169 13.04 -15.72 -19.29
C LEU C 169 11.98 -14.76 -18.77
N GLU C 170 11.66 -13.75 -19.59
CA GLU C 170 10.58 -12.80 -19.32
C GLU C 170 9.56 -12.93 -20.44
N PHE C 171 8.29 -12.76 -20.11
CA PHE C 171 7.18 -13.13 -21.00
C PHE C 171 7.05 -12.27 -22.26
N SER C 172 7.55 -11.03 -22.19
CA SER C 172 7.64 -10.09 -23.34
C SER C 172 6.33 -9.33 -23.65
N LEU C 173 5.18 -9.99 -23.51
CA LEU C 173 3.88 -9.34 -23.68
C LEU C 173 3.53 -8.49 -22.46
N LEU C 174 3.64 -9.11 -21.28
CA LEU C 174 3.37 -8.43 -20.01
C LEU C 174 4.35 -7.28 -19.74
N SER C 175 5.57 -7.37 -20.27
CA SER C 175 6.53 -6.27 -20.23
C SER C 175 6.01 -5.02 -20.96
N TYR C 176 5.44 -5.23 -22.14
CA TYR C 176 4.83 -4.14 -22.93
C TYR C 176 3.49 -3.71 -22.34
N ALA C 177 2.62 -4.68 -22.07
CA ALA C 177 1.24 -4.43 -21.62
C ALA C 177 1.20 -3.76 -20.24
N PHE C 178 1.88 -4.37 -19.27
CA PHE C 178 2.08 -3.76 -17.95
C PHE C 178 3.38 -2.95 -18.02
N GLY C 179 3.32 -1.84 -18.76
CA GLY C 179 4.52 -1.06 -19.10
C GLY C 179 4.96 -0.13 -18.00
N LYS C 180 4.60 1.15 -18.11
CA LYS C 180 4.97 2.15 -17.12
C LYS C 180 4.06 2.03 -15.89
N PHE C 181 4.38 1.06 -15.04
CA PHE C 181 3.63 0.79 -13.81
C PHE C 181 3.93 1.74 -12.63
N PRO C 182 5.11 2.40 -12.59
CA PRO C 182 5.25 3.43 -11.54
C PRO C 182 4.26 4.60 -11.69
N THR C 183 4.00 5.04 -12.92
CA THR C 183 3.01 6.10 -13.17
C THR C 183 1.52 5.67 -13.05
N VAL C 184 1.28 4.40 -12.72
CA VAL C 184 -0.05 3.89 -12.31
C VAL C 184 -0.23 3.97 -10.79
N VAL C 185 0.82 3.64 -10.03
CA VAL C 185 0.82 3.77 -8.56
C VAL C 185 0.76 5.25 -8.18
N TRP C 186 1.60 6.04 -8.87
CA TRP C 186 1.49 7.50 -9.03
C TRP C 186 0.03 7.99 -9.05
N THR C 187 -0.77 7.40 -9.94
CA THR C 187 -2.17 7.78 -10.15
C THR C 187 -3.06 7.30 -9.02
N TRP C 188 -3.00 6.00 -8.76
CA TRP C 188 -3.91 5.33 -7.83
C TRP C 188 -3.87 5.93 -6.42
N TRP C 189 -2.67 6.28 -5.96
CA TRP C 189 -2.51 6.79 -4.60
C TRP C 189 -3.03 8.24 -4.44
N ILE C 190 -2.74 9.10 -5.42
CA ILE C 190 -3.34 10.44 -5.48
C ILE C 190 -4.86 10.34 -5.59
N MET C 191 -5.33 9.38 -6.39
CA MET C 191 -6.76 9.14 -6.57
C MET C 191 -7.43 8.60 -5.29
N PHE C 192 -6.73 7.73 -4.57
CA PHE C 192 -7.22 7.16 -3.31
C PHE C 192 -7.25 8.18 -2.16
N LEU C 193 -6.18 8.98 -2.04
CA LEU C 193 -6.13 10.04 -1.02
C LEU C 193 -7.15 11.15 -1.25
N SER C 194 -7.41 11.48 -2.51
CA SER C 194 -8.37 12.52 -2.87
C SER C 194 -9.82 12.08 -2.61
N THR C 195 -10.16 10.87 -3.07
CA THR C 195 -11.50 10.29 -2.85
C THR C 195 -11.77 9.89 -1.40
N PHE C 196 -10.73 9.71 -0.59
CA PHE C 196 -10.87 9.47 0.85
C PHE C 196 -11.07 10.79 1.60
N SER C 197 -10.31 11.81 1.24
CA SER C 197 -10.29 13.09 1.95
C SER C 197 -11.47 14.00 1.60
N VAL C 198 -11.66 14.25 0.30
CA VAL C 198 -12.56 15.33 -0.16
C VAL C 198 -14.07 15.02 0.01
N PRO C 199 -14.54 13.83 -0.42
CA PRO C 199 -15.97 13.49 -0.25
C PRO C 199 -16.46 13.49 1.20
N TYR C 200 -15.67 12.92 2.10
CA TYR C 200 -16.02 12.88 3.53
C TYR C 200 -15.95 14.26 4.17
N PHE C 201 -14.91 15.03 3.86
CA PHE C 201 -14.73 16.38 4.42
C PHE C 201 -15.85 17.34 3.99
N LEU C 202 -16.25 17.26 2.72
CA LEU C 202 -17.37 18.06 2.20
C LEU C 202 -18.70 17.68 2.85
N PHE C 203 -18.91 16.38 3.10
CA PHE C 203 -20.11 15.92 3.81
C PHE C 203 -20.05 16.22 5.30
N GLN C 204 -18.87 16.06 5.91
CA GLN C 204 -18.67 16.39 7.33
C GLN C 204 -18.85 17.89 7.62
N HIS C 205 -18.68 18.72 6.60
CA HIS C 205 -18.96 20.17 6.70
C HIS C 205 -20.46 20.50 6.91
N TRP C 206 -21.34 19.52 6.67
CA TRP C 206 -22.74 19.56 7.15
C TRP C 206 -22.90 19.11 8.62
N ALA C 207 -21.86 19.27 9.45
CA ALA C 207 -21.97 19.05 10.90
C ALA C 207 -22.84 20.14 11.52
N THR C 208 -22.53 21.39 11.17
CA THR C 208 -23.47 22.51 11.38
C THR C 208 -24.77 22.24 10.60
N GLY C 209 -24.64 21.81 9.35
CA GLY C 209 -25.74 21.28 8.54
C GLY C 209 -26.98 22.13 8.47
N TYR C 210 -28.14 21.47 8.63
CA TYR C 210 -29.44 22.14 8.75
C TYR C 210 -29.83 22.38 10.22
N SER C 211 -28.97 22.01 11.16
CA SER C 211 -29.23 22.22 12.59
C SER C 211 -29.19 23.70 12.96
N LYS C 212 -28.11 24.38 12.55
CA LYS C 212 -28.00 25.83 12.68
C LYS C 212 -28.96 26.57 11.74
N SER C 213 -29.10 26.03 10.51
CA SER C 213 -29.96 26.60 9.47
C SER C 213 -29.51 28.00 9.05
N SER C 214 -28.22 28.11 8.69
CA SER C 214 -27.63 29.38 8.25
C SER C 214 -28.02 29.68 6.80
N HIS C 215 -29.31 30.02 6.62
CA HIS C 215 -29.92 30.20 5.30
C HIS C 215 -29.73 28.95 4.40
N PRO C 216 -30.53 27.88 4.63
CA PRO C 216 -30.43 26.68 3.80
C PRO C 216 -30.92 26.87 2.36
N LEU C 217 -30.77 25.82 1.55
CA LEU C 217 -31.13 25.79 0.12
C LEU C 217 -30.04 26.38 -0.82
N ILE C 218 -29.29 27.37 -0.35
CA ILE C 218 -28.16 27.95 -1.10
C ILE C 218 -26.83 27.27 -0.73
N ARG C 219 -26.60 27.05 0.58
CA ARG C 219 -25.39 26.38 1.04
C ARG C 219 -25.38 24.89 0.70
N SER C 220 -26.56 24.29 0.62
CA SER C 220 -26.72 22.88 0.25
C SER C 220 -26.32 22.65 -1.21
N LEU C 221 -26.83 23.50 -2.10
CA LEU C 221 -26.48 23.47 -3.52
C LEU C 221 -25.04 23.93 -3.78
N PHE C 222 -24.50 24.76 -2.89
CA PHE C 222 -23.08 25.18 -2.95
C PHE C 222 -22.14 24.01 -2.69
N HIS C 223 -22.42 23.24 -1.65
CA HIS C 223 -21.66 22.01 -1.35
C HIS C 223 -21.93 20.90 -2.38
N GLY C 224 -23.15 20.86 -2.91
CA GLY C 224 -23.49 19.97 -4.02
C GLY C 224 -22.74 20.31 -5.30
N PHE C 225 -22.55 21.61 -5.55
CA PHE C 225 -21.73 22.09 -6.67
C PHE C 225 -20.26 21.76 -6.49
N LEU C 226 -19.74 22.01 -5.28
CA LEU C 226 -18.35 21.66 -4.94
C LEU C 226 -18.05 20.16 -5.10
N PHE C 227 -19.02 19.33 -4.72
CA PHE C 227 -18.91 17.87 -4.89
C PHE C 227 -18.96 17.45 -6.37
N MET C 228 -19.77 18.15 -7.17
CA MET C 228 -19.83 17.93 -8.62
C MET C 228 -18.52 18.34 -9.30
N ILE C 229 -17.97 19.49 -8.89
CA ILE C 229 -16.67 19.97 -9.38
C ILE C 229 -15.55 19.00 -9.00
N PHE C 230 -15.63 18.41 -7.81
CA PHE C 230 -14.70 17.36 -7.39
C PHE C 230 -14.82 16.12 -8.29
N GLN C 231 -16.04 15.60 -8.44
CA GLN C 231 -16.31 14.38 -9.21
C GLN C 231 -15.83 14.45 -10.66
N ILE C 232 -16.11 15.56 -11.33
CA ILE C 232 -15.75 15.75 -12.74
C ILE C 232 -14.27 16.11 -12.88
N GLY C 233 -13.85 17.16 -12.17
CA GLY C 233 -12.49 17.69 -12.30
C GLY C 233 -11.37 16.78 -11.82
N VAL C 234 -11.59 16.10 -10.70
CA VAL C 234 -10.55 15.31 -10.03
C VAL C 234 -10.56 13.83 -10.44
N LEU C 235 -11.75 13.25 -10.65
CA LEU C 235 -11.89 11.84 -11.05
C LEU C 235 -12.34 11.65 -12.51
N GLY C 236 -13.22 12.51 -13.01
CA GLY C 236 -13.68 12.43 -14.40
C GLY C 236 -12.63 12.87 -15.40
N PHE C 237 -11.96 13.98 -15.11
CA PHE C 237 -10.95 14.60 -16.00
C PHE C 237 -9.52 14.24 -15.61
N GLY C 238 -9.23 14.11 -14.32
CA GLY C 238 -7.86 13.91 -13.83
C GLY C 238 -7.14 12.67 -14.34
N PRO C 239 -7.60 11.46 -13.95
CA PRO C 239 -6.97 10.21 -14.40
C PRO C 239 -7.02 9.95 -15.91
N THR C 240 -8.09 10.40 -16.58
CA THR C 240 -8.18 10.28 -18.04
C THR C 240 -7.20 11.20 -18.77
N TYR C 241 -6.96 12.39 -18.21
CA TYR C 241 -5.91 13.30 -18.69
C TYR C 241 -4.52 12.67 -18.53
N VAL C 242 -4.29 11.99 -17.41
CA VAL C 242 -3.00 11.34 -17.10
C VAL C 242 -2.67 10.26 -18.13
N VAL C 243 -3.60 9.33 -18.34
CA VAL C 243 -3.40 8.22 -19.28
C VAL C 243 -3.27 8.66 -20.76
N LEU C 244 -3.99 9.71 -21.14
CA LEU C 244 -3.91 10.25 -22.51
C LEU C 244 -2.68 11.14 -22.73
N ALA C 245 -2.38 12.02 -21.77
CA ALA C 245 -1.23 12.93 -21.89
C ALA C 245 0.09 12.19 -21.74
N TYR C 246 0.27 11.51 -20.60
CA TYR C 246 1.43 10.65 -20.38
C TYR C 246 1.12 9.31 -21.02
N THR C 247 1.76 9.02 -22.15
CA THR C 247 1.45 7.83 -22.95
C THR C 247 1.66 6.52 -22.17
N LEU C 248 0.58 5.75 -22.03
CA LEU C 248 0.57 4.46 -21.35
C LEU C 248 0.09 3.37 -22.32
N PRO C 249 0.55 2.12 -22.13
CA PRO C 249 0.09 1.01 -22.98
C PRO C 249 -1.24 0.41 -22.50
N PRO C 250 -1.90 -0.42 -23.34
CA PRO C 250 -3.16 -1.07 -22.94
C PRO C 250 -2.94 -2.14 -21.89
N ALA C 251 -3.98 -2.38 -21.08
CA ALA C 251 -3.94 -3.24 -19.86
C ALA C 251 -3.32 -2.56 -18.62
N SER C 252 -2.53 -1.51 -18.82
CA SER C 252 -2.04 -0.65 -17.74
C SER C 252 -3.00 0.53 -17.50
N ARG C 253 -3.51 1.11 -18.59
CA ARG C 253 -4.54 2.15 -18.52
C ARG C 253 -5.83 1.65 -17.87
N PHE C 254 -6.21 0.41 -18.18
CA PHE C 254 -7.43 -0.22 -17.64
C PHE C 254 -7.49 -0.22 -16.11
N ILE C 255 -6.34 -0.35 -15.45
CA ILE C 255 -6.26 -0.27 -13.98
C ILE C 255 -6.69 1.12 -13.49
N ILE C 256 -6.17 2.17 -14.11
CA ILE C 256 -6.48 3.56 -13.74
C ILE C 256 -7.97 3.89 -13.94
N ILE C 257 -8.53 3.47 -15.07
CA ILE C 257 -9.93 3.78 -15.42
C ILE C 257 -10.91 2.90 -14.62
N PHE C 258 -10.52 1.66 -14.33
CA PHE C 258 -11.32 0.76 -13.49
C PHE C 258 -11.41 1.28 -12.05
N GLU C 259 -10.26 1.62 -11.48
CA GLU C 259 -10.18 2.14 -10.11
C GLU C 259 -10.74 3.58 -10.02
N GLN C 260 -10.74 4.30 -11.14
CA GLN C 260 -11.42 5.60 -11.26
C GLN C 260 -12.93 5.43 -11.07
N ILE C 261 -13.52 4.58 -11.90
CA ILE C 261 -14.97 4.30 -11.88
C ILE C 261 -15.41 3.77 -10.51
N ARG C 262 -14.57 2.96 -9.88
CA ARG C 262 -14.79 2.51 -8.49
C ARG C 262 -15.01 3.69 -7.54
N PHE C 263 -14.02 4.57 -7.46
CA PHE C 263 -14.06 5.69 -6.50
C PHE C 263 -15.13 6.75 -6.82
N VAL C 264 -15.57 6.83 -8.08
CA VAL C 264 -16.71 7.68 -8.44
C VAL C 264 -18.01 7.10 -7.88
N MET C 265 -18.17 5.78 -8.00
CA MET C 265 -19.33 5.08 -7.44
C MET C 265 -19.34 5.09 -5.91
N LYS C 266 -18.17 4.85 -5.32
CA LYS C 266 -18.01 4.86 -3.87
C LYS C 266 -18.33 6.23 -3.27
N ALA C 267 -17.88 7.29 -3.95
CA ALA C 267 -18.13 8.67 -3.52
C ALA C 267 -19.60 9.06 -3.64
N HIS C 268 -20.23 8.70 -4.76
CA HIS C 268 -21.66 8.95 -4.97
C HIS C 268 -22.53 8.15 -4.01
N SER C 269 -22.16 6.89 -3.79
CA SER C 269 -22.86 6.01 -2.83
C SER C 269 -22.81 6.55 -1.39
N PHE C 270 -21.69 7.15 -1.01
CA PHE C 270 -21.52 7.73 0.32
C PHE C 270 -22.48 8.88 0.58
N VAL C 271 -22.53 9.83 -0.35
CA VAL C 271 -23.32 11.06 -0.19
C VAL C 271 -24.82 10.75 -0.29
N ARG C 272 -25.20 9.99 -1.32
CA ARG C 272 -26.62 9.70 -1.60
C ARG C 272 -27.34 8.93 -0.48
N GLU C 273 -26.63 8.06 0.23
CA GLU C 273 -27.21 7.32 1.36
C GLU C 273 -27.29 8.13 2.66
N ASN C 274 -26.31 9.01 2.89
CA ASN C 274 -26.22 9.78 4.14
C ASN C 274 -26.97 11.12 4.13
N VAL C 275 -27.35 11.62 2.95
CA VAL C 275 -28.20 12.82 2.84
C VAL C 275 -29.61 12.62 3.44
N PRO C 276 -30.27 11.47 3.16
CA PRO C 276 -31.57 11.22 3.81
C PRO C 276 -31.55 11.19 5.34
N ARG C 277 -30.44 10.72 5.94
CA ARG C 277 -30.28 10.70 7.39
C ARG C 277 -30.34 12.10 8.01
N VAL C 278 -29.46 12.97 7.51
CA VAL C 278 -29.36 14.35 8.01
C VAL C 278 -30.63 15.18 7.75
N LEU C 279 -31.27 14.97 6.60
CA LEU C 279 -32.52 15.67 6.26
C LEU C 279 -33.69 15.22 7.13
N ASN C 280 -33.80 13.92 7.38
CA ASN C 280 -34.83 13.37 8.29
C ASN C 280 -34.55 13.74 9.75
N SER C 281 -33.27 13.76 10.13
CA SER C 281 -32.86 14.23 11.46
C SER C 281 -33.04 15.74 11.62
N ALA C 282 -32.92 16.50 10.53
CA ALA C 282 -33.16 17.95 10.54
C ALA C 282 -34.63 18.34 10.69
N LYS C 283 -35.56 17.46 10.29
CA LYS C 283 -36.99 17.72 10.45
C LYS C 283 -37.41 17.90 11.92
N GLU C 284 -36.88 17.04 12.78
CA GLU C 284 -37.05 17.17 14.24
C GLU C 284 -35.84 17.92 14.82
N LYS C 285 -36.04 19.19 15.18
CA LYS C 285 -34.95 20.06 15.62
C LYS C 285 -34.41 19.69 17.00
N SER C 286 -33.18 20.12 17.27
CA SER C 286 -32.48 19.87 18.54
C SER C 286 -32.23 18.38 18.78
N SER C 287 -31.39 17.79 17.93
CA SER C 287 -31.01 16.38 18.02
C SER C 287 -29.56 16.16 17.63
N THR C 288 -29.03 14.99 17.98
CA THR C 288 -27.67 14.61 17.63
C THR C 288 -27.61 14.26 16.14
N VAL C 289 -27.03 15.17 15.35
CA VAL C 289 -26.90 14.99 13.89
C VAL C 289 -26.11 13.70 13.56
N PRO C 290 -26.73 12.75 12.81
CA PRO C 290 -25.97 11.55 12.43
C PRO C 290 -24.93 11.83 11.33
N ILE C 291 -23.66 11.65 11.67
CA ILE C 291 -22.55 11.70 10.71
C ILE C 291 -21.74 10.42 10.91
N PRO C 292 -21.50 9.66 9.82
CA PRO C 292 -20.70 8.43 9.99
C PRO C 292 -19.24 8.72 10.35
N THR C 293 -18.71 7.98 11.31
CA THR C 293 -17.27 8.04 11.65
C THR C 293 -16.41 7.57 10.49
N VAL C 294 -15.13 7.95 10.50
CA VAL C 294 -14.24 7.75 9.34
C VAL C 294 -13.54 6.38 9.28
N ASN C 295 -13.66 5.56 10.33
CA ASN C 295 -13.32 4.13 10.23
C ASN C 295 -14.32 3.44 9.31
N GLN C 296 -15.60 3.70 9.58
CA GLN C 296 -16.68 3.46 8.61
C GLN C 296 -16.42 4.39 7.43
N TYR C 297 -16.93 4.04 6.26
CA TYR C 297 -16.58 4.71 4.99
C TYR C 297 -15.19 4.27 4.46
N LEU C 298 -14.14 4.34 5.28
CA LEU C 298 -12.83 3.77 4.92
C LEU C 298 -12.90 2.26 4.77
N TYR C 299 -13.54 1.61 5.75
CA TYR C 299 -13.87 0.18 5.69
C TYR C 299 -14.72 -0.12 4.44
N PHE C 300 -15.71 0.72 4.18
CA PHE C 300 -16.53 0.66 2.95
C PHE C 300 -15.71 0.87 1.66
N LEU C 301 -14.74 1.78 1.72
CA LEU C 301 -13.87 2.08 0.56
C LEU C 301 -12.98 0.90 0.14
N PHE C 302 -12.74 -0.04 1.06
CA PHE C 302 -12.10 -1.33 0.74
C PHE C 302 -13.06 -2.53 0.73
N ALA C 303 -14.25 -2.39 1.33
CA ALA C 303 -15.27 -3.45 1.30
C ALA C 303 -15.75 -3.75 -0.12
N PRO C 304 -16.12 -5.01 -0.42
CA PRO C 304 -16.51 -5.41 -1.77
C PRO C 304 -18.01 -5.22 -2.10
N THR C 305 -18.55 -4.05 -1.77
CA THR C 305 -19.96 -3.72 -2.05
C THR C 305 -20.12 -2.19 -2.04
N LEU C 306 -21.06 -1.69 -2.83
CA LEU C 306 -21.22 -0.26 -3.08
C LEU C 306 -22.51 0.35 -2.46
N ILE C 307 -22.98 -0.16 -1.32
CA ILE C 307 -24.32 0.19 -0.80
C ILE C 307 -24.31 0.95 0.54
N TYR C 308 -24.05 0.27 1.65
CA TYR C 308 -24.22 0.86 3.01
C TYR C 308 -22.93 1.35 3.67
N ARG C 309 -23.10 2.07 4.78
CA ARG C 309 -22.00 2.58 5.60
C ARG C 309 -21.84 1.73 6.88
N ASP C 310 -22.89 1.71 7.69
CA ASP C 310 -22.82 1.24 9.07
C ASP C 310 -23.26 -0.22 9.24
N SER C 311 -22.55 -0.94 10.10
CA SER C 311 -22.90 -2.28 10.56
C SER C 311 -23.29 -3.26 9.44
N TYR C 312 -22.32 -3.59 8.59
CA TYR C 312 -22.46 -4.70 7.65
C TYR C 312 -22.43 -6.01 8.43
N PRO C 313 -23.06 -7.09 7.89
CA PRO C 313 -22.87 -8.41 8.51
C PRO C 313 -21.43 -8.88 8.37
N ARG C 314 -20.82 -9.27 9.50
CA ARG C 314 -19.41 -9.64 9.56
C ARG C 314 -19.24 -11.04 10.13
N ASN C 315 -18.32 -11.81 9.54
CA ASN C 315 -17.97 -13.15 10.04
C ASN C 315 -17.17 -13.05 11.34
N PRO C 316 -17.25 -14.09 12.20
CA PRO C 316 -16.61 -14.01 13.52
C PRO C 316 -15.07 -14.02 13.49
N THR C 317 -14.49 -14.77 12.54
CA THR C 317 -13.04 -14.88 12.40
C THR C 317 -12.62 -14.81 10.93
N VAL C 318 -11.31 -14.76 10.72
CA VAL C 318 -10.72 -14.76 9.37
C VAL C 318 -9.75 -15.94 9.27
N ARG C 319 -9.79 -16.62 8.12
CA ARG C 319 -9.06 -17.88 7.93
C ARG C 319 -7.61 -17.67 7.51
N TRP C 320 -7.41 -16.79 6.53
CA TRP C 320 -6.08 -16.45 5.96
C TRP C 320 -5.41 -17.53 5.09
N GLY C 321 -5.72 -18.81 5.33
CA GLY C 321 -5.45 -19.86 4.35
C GLY C 321 -6.37 -19.78 3.15
N TYR C 322 -7.60 -19.31 3.38
CA TYR C 322 -8.59 -19.08 2.32
C TYR C 322 -8.11 -18.00 1.34
N VAL C 323 -7.70 -16.85 1.87
CA VAL C 323 -7.24 -15.71 1.03
C VAL C 323 -5.94 -16.03 0.29
N ALA C 324 -5.08 -16.84 0.91
CA ALA C 324 -3.85 -17.31 0.28
C ALA C 324 -4.15 -18.22 -0.92
N MET C 325 -5.19 -19.05 -0.79
CA MET C 325 -5.63 -19.91 -1.90
C MET C 325 -6.30 -19.10 -3.01
N LYS C 326 -7.04 -18.06 -2.66
CA LYS C 326 -7.71 -17.21 -3.65
C LYS C 326 -6.73 -16.32 -4.42
N PHE C 327 -5.80 -15.68 -3.72
CA PHE C 327 -4.73 -14.90 -4.41
C PHE C 327 -3.80 -15.79 -5.25
N ALA C 328 -3.66 -17.06 -4.86
CA ALA C 328 -2.95 -18.04 -5.68
C ALA C 328 -3.72 -18.36 -6.97
N GLN C 329 -5.04 -18.48 -6.85
CA GLN C 329 -5.93 -18.71 -8.00
C GLN C 329 -6.00 -17.49 -8.93
N VAL C 330 -6.11 -16.29 -8.36
CA VAL C 330 -6.12 -15.03 -9.14
C VAL C 330 -4.79 -14.86 -9.91
N PHE C 331 -3.68 -15.16 -9.24
CA PHE C 331 -2.35 -15.19 -9.88
C PHE C 331 -2.29 -16.20 -11.02
N GLY C 332 -2.88 -17.37 -10.82
CA GLY C 332 -3.00 -18.40 -11.86
C GLY C 332 -3.92 -18.02 -13.00
N CYS C 333 -5.03 -17.33 -12.69
CA CYS C 333 -5.99 -16.87 -13.70
C CYS C 333 -5.41 -15.78 -14.60
N PHE C 334 -4.71 -14.82 -14.00
CA PHE C 334 -4.04 -13.74 -14.76
C PHE C 334 -3.08 -14.30 -15.81
N PHE C 335 -2.31 -15.31 -15.42
CA PHE C 335 -1.42 -16.02 -16.33
C PHE C 335 -2.23 -16.78 -17.39
N TYR C 336 -3.21 -17.57 -16.95
CA TYR C 336 -4.14 -18.28 -17.87
C TYR C 336 -4.60 -17.34 -18.99
N VAL C 337 -5.09 -16.17 -18.59
CA VAL C 337 -5.52 -15.11 -19.52
C VAL C 337 -4.36 -14.66 -20.42
N TYR C 338 -3.16 -14.46 -19.87
CA TYR C 338 -1.97 -14.15 -20.69
C TYR C 338 -1.67 -15.26 -21.70
N TYR C 339 -1.65 -16.51 -21.22
CA TYR C 339 -1.45 -17.67 -22.10
C TYR C 339 -2.51 -17.72 -23.21
N ILE C 340 -3.73 -17.26 -22.92
CA ILE C 340 -4.77 -17.10 -23.94
C ILE C 340 -4.30 -16.23 -25.13
N PHE C 341 -3.64 -15.11 -24.86
CA PHE C 341 -3.27 -14.15 -25.93
C PHE C 341 -2.20 -14.65 -26.92
N GLU C 342 -1.30 -15.52 -26.47
CA GLU C 342 -0.27 -16.07 -27.36
C GLU C 342 -0.79 -17.30 -28.11
N ARG C 343 -0.98 -18.39 -27.39
CA ARG C 343 -1.29 -19.67 -28.04
C ARG C 343 -2.68 -19.74 -28.68
N LEU C 344 -3.57 -18.81 -28.32
CA LEU C 344 -4.98 -18.84 -28.73
C LEU C 344 -5.33 -17.72 -29.71
N CYS C 345 -4.71 -16.54 -29.56
CA CYS C 345 -4.99 -15.38 -30.41
C CYS C 345 -3.81 -14.87 -31.23
N ALA C 346 -2.59 -14.85 -30.66
CA ALA C 346 -1.40 -14.31 -31.35
C ALA C 346 -1.24 -14.69 -32.82
N PRO C 347 -1.33 -16.00 -33.16
CA PRO C 347 -1.11 -16.39 -34.56
C PRO C 347 -2.01 -15.69 -35.57
N LEU C 348 -3.29 -15.51 -35.23
CA LEU C 348 -4.28 -14.96 -36.16
C LEU C 348 -4.40 -13.43 -36.19
N PHE C 349 -3.84 -12.73 -35.20
CA PHE C 349 -3.84 -11.25 -35.17
C PHE C 349 -2.47 -10.62 -35.46
N ARG C 350 -1.43 -11.12 -34.81
CA ARG C 350 -0.06 -10.59 -34.99
C ARG C 350 0.46 -10.74 -36.42
N ASN C 351 0.10 -11.84 -37.07
CA ASN C 351 0.69 -12.24 -38.35
C ASN C 351 0.01 -11.65 -39.59
N ILE C 352 -1.31 -11.71 -39.64
CA ILE C 352 -2.08 -11.42 -40.87
C ILE C 352 -1.94 -9.96 -41.36
N LYS C 353 -1.45 -9.80 -42.59
CA LYS C 353 -1.26 -8.46 -43.19
C LYS C 353 -1.35 -8.36 -44.72
N GLN C 354 -1.87 -9.39 -45.41
CA GLN C 354 -1.83 -9.46 -46.87
C GLN C 354 -3.20 -9.77 -47.48
N GLU C 355 -3.47 -9.17 -48.64
CA GLU C 355 -4.74 -9.31 -49.37
C GLU C 355 -5.92 -8.81 -48.53
N PRO C 356 -6.03 -7.48 -48.37
CA PRO C 356 -7.05 -6.80 -47.59
C PRO C 356 -8.44 -6.89 -48.23
N PHE C 357 -9.09 -8.04 -48.04
CA PHE C 357 -10.43 -8.31 -48.57
C PHE C 357 -11.32 -8.90 -47.48
N SER C 358 -12.63 -8.68 -47.62
CA SER C 358 -13.63 -9.18 -46.67
C SER C 358 -14.38 -10.39 -47.25
N ALA C 359 -13.64 -11.32 -47.86
CA ALA C 359 -14.19 -12.50 -48.50
C ALA C 359 -13.79 -13.74 -47.70
N ARG C 360 -14.71 -14.21 -46.85
CA ARG C 360 -14.57 -15.45 -46.07
C ARG C 360 -13.65 -15.38 -44.84
N VAL C 361 -12.63 -14.53 -44.86
CA VAL C 361 -11.69 -14.38 -43.75
C VAL C 361 -12.36 -13.86 -42.45
N LEU C 362 -13.34 -12.97 -42.59
CA LEU C 362 -14.01 -12.35 -41.43
C LEU C 362 -14.86 -13.34 -40.64
N VAL C 363 -15.62 -14.17 -41.35
CA VAL C 363 -16.48 -15.19 -40.71
C VAL C 363 -15.62 -16.25 -40.01
N LEU C 364 -14.58 -16.71 -40.71
CA LEU C 364 -13.57 -17.62 -40.15
C LEU C 364 -12.87 -17.05 -38.91
N CYS C 365 -12.51 -15.77 -38.97
CA CYS C 365 -11.83 -15.10 -37.86
C CYS C 365 -12.74 -14.94 -36.64
N VAL C 366 -14.02 -14.65 -36.88
CA VAL C 366 -15.03 -14.60 -35.82
C VAL C 366 -15.25 -16.01 -35.22
N PHE C 367 -15.35 -17.03 -36.08
CA PHE C 367 -15.54 -18.41 -35.63
C PHE C 367 -14.35 -18.94 -34.82
N ASN C 368 -13.14 -18.66 -35.28
CA ASN C 368 -11.91 -19.04 -34.56
C ASN C 368 -11.73 -18.25 -33.25
N SER C 369 -12.27 -17.03 -33.18
CA SER C 369 -12.19 -16.19 -31.98
C SER C 369 -13.32 -16.42 -30.95
N ILE C 370 -14.29 -17.28 -31.27
CA ILE C 370 -15.34 -17.68 -30.31
C ILE C 370 -14.76 -18.51 -29.15
N LEU C 371 -13.91 -19.48 -29.48
CA LEU C 371 -13.40 -20.46 -28.50
C LEU C 371 -12.41 -19.87 -27.48
N PRO C 372 -11.55 -18.91 -27.90
CA PRO C 372 -10.85 -18.08 -26.91
C PRO C 372 -11.77 -17.16 -26.11
N GLY C 373 -12.78 -16.59 -26.78
CA GLY C 373 -13.75 -15.68 -26.16
C GLY C 373 -14.46 -16.24 -24.93
N VAL C 374 -15.03 -17.42 -25.06
CA VAL C 374 -15.74 -18.10 -23.95
C VAL C 374 -14.81 -18.34 -22.73
N LEU C 375 -13.55 -18.68 -22.99
CA LEU C 375 -12.56 -18.85 -21.93
C LEU C 375 -12.19 -17.51 -21.26
N ILE C 376 -12.03 -16.46 -22.05
CA ILE C 376 -11.78 -15.11 -21.51
C ILE C 376 -12.94 -14.64 -20.62
N LEU C 377 -14.18 -14.88 -21.06
CA LEU C 377 -15.38 -14.53 -20.29
C LEU C 377 -15.49 -15.29 -18.97
N PHE C 378 -15.15 -16.57 -19.00
CA PHE C 378 -15.17 -17.42 -17.81
C PHE C 378 -14.02 -17.09 -16.84
N LEU C 379 -12.84 -16.79 -17.37
CA LEU C 379 -11.69 -16.41 -16.55
C LEU C 379 -11.84 -15.03 -15.90
N THR C 380 -12.29 -14.04 -16.68
CA THR C 380 -12.54 -12.69 -16.14
C THR C 380 -13.68 -12.67 -15.11
N PHE C 381 -14.64 -13.59 -15.27
CA PHE C 381 -15.70 -13.81 -14.27
C PHE C 381 -15.12 -14.36 -12.97
N PHE C 382 -14.53 -15.55 -13.05
CA PHE C 382 -14.05 -16.26 -11.87
C PHE C 382 -12.94 -15.52 -11.12
N ALA C 383 -11.95 -15.02 -11.86
CA ALA C 383 -10.77 -14.37 -11.28
C ALA C 383 -11.13 -13.13 -10.49
N PHE C 384 -11.80 -12.18 -11.16
CA PHE C 384 -12.16 -10.92 -10.51
C PHE C 384 -13.38 -11.07 -9.61
N LEU C 385 -14.51 -11.40 -10.21
CA LEU C 385 -15.82 -11.27 -9.56
C LEU C 385 -16.03 -12.19 -8.36
N HIS C 386 -15.54 -13.43 -8.47
CA HIS C 386 -15.57 -14.38 -7.35
C HIS C 386 -14.26 -14.32 -6.57
N CYS C 387 -13.20 -14.80 -7.19
CA CYS C 387 -11.97 -15.18 -6.48
C CYS C 387 -11.25 -13.99 -5.81
N TRP C 388 -10.98 -12.95 -6.59
CA TRP C 388 -10.35 -11.72 -6.08
C TRP C 388 -11.26 -10.98 -5.09
N LEU C 389 -12.55 -10.92 -5.41
CA LEU C 389 -13.52 -10.18 -4.59
C LEU C 389 -13.82 -10.90 -3.27
N ASN C 390 -13.85 -12.24 -3.29
CA ASN C 390 -14.02 -13.04 -2.07
C ASN C 390 -12.74 -13.01 -1.21
N ALA C 391 -11.58 -12.93 -1.85
CA ALA C 391 -10.29 -12.80 -1.15
C ALA C 391 -10.26 -11.52 -0.30
N PHE C 392 -10.71 -10.42 -0.88
CA PHE C 392 -10.92 -9.17 -0.13
C PHE C 392 -12.07 -9.29 0.88
N ALA C 393 -13.15 -9.98 0.48
CA ALA C 393 -14.29 -10.25 1.38
C ALA C 393 -13.98 -11.20 2.55
N GLU C 394 -12.88 -11.95 2.46
CA GLU C 394 -12.41 -12.80 3.57
C GLU C 394 -11.30 -12.11 4.36
N MET C 395 -10.28 -11.62 3.67
CA MET C 395 -9.15 -10.90 4.31
C MET C 395 -9.67 -9.78 5.21
N LEU C 396 -10.54 -8.96 4.64
CA LEU C 396 -11.36 -8.02 5.39
C LEU C 396 -12.63 -8.76 5.81
N ARG C 397 -13.16 -8.44 6.99
CA ARG C 397 -14.34 -9.13 7.51
C ARG C 397 -15.63 -8.62 6.86
N PHE C 398 -16.17 -9.41 5.93
CA PHE C 398 -17.41 -9.09 5.22
C PHE C 398 -18.23 -10.37 5.03
N GLY C 399 -19.51 -10.32 5.42
CA GLY C 399 -20.34 -11.51 5.57
C GLY C 399 -21.28 -11.88 4.44
N ASP C 400 -21.67 -10.91 3.60
CA ASP C 400 -22.70 -11.14 2.58
C ASP C 400 -22.22 -12.08 1.46
N ARG C 401 -21.25 -11.61 0.67
CA ARG C 401 -20.62 -12.39 -0.40
C ARG C 401 -21.58 -12.95 -1.47
N MET C 402 -22.67 -12.23 -1.74
CA MET C 402 -23.56 -12.59 -2.84
C MET C 402 -23.29 -11.62 -4.00
N PHE C 403 -22.07 -11.71 -4.53
CA PHE C 403 -21.61 -10.83 -5.61
C PHE C 403 -22.18 -11.27 -6.96
N TYR C 404 -22.65 -12.51 -7.04
CA TYR C 404 -23.31 -13.05 -8.23
C TYR C 404 -24.25 -14.20 -7.81
N LYS C 405 -25.43 -14.23 -8.43
CA LYS C 405 -26.40 -15.30 -8.18
C LYS C 405 -26.19 -16.44 -9.19
N ASP C 406 -27.04 -17.47 -9.14
CA ASP C 406 -27.01 -18.54 -10.15
C ASP C 406 -27.53 -18.06 -11.52
N TRP C 407 -26.66 -17.37 -12.24
CA TRP C 407 -26.97 -16.88 -13.60
C TRP C 407 -26.74 -17.93 -14.71
N TRP C 408 -26.18 -19.08 -14.34
CA TRP C 408 -25.87 -20.16 -15.28
C TRP C 408 -27.15 -20.73 -15.87
N ASN C 409 -28.07 -21.06 -14.97
CA ASN C 409 -29.40 -21.56 -15.30
C ASN C 409 -30.32 -20.37 -15.09
N SER C 410 -30.24 -19.45 -16.04
CA SER C 410 -31.07 -18.26 -16.03
C SER C 410 -31.84 -18.21 -17.33
N THR C 411 -33.06 -17.67 -17.27
CA THR C 411 -33.85 -17.34 -18.44
C THR C 411 -33.10 -16.28 -19.26
N SER C 412 -33.22 -16.32 -20.58
CA SER C 412 -32.35 -15.54 -21.47
C SER C 412 -32.58 -14.01 -21.43
N TYR C 413 -31.69 -13.30 -20.74
CA TYR C 413 -31.67 -11.82 -20.66
C TYR C 413 -32.74 -11.15 -19.81
N SER C 414 -33.69 -11.92 -19.30
CA SER C 414 -34.71 -11.40 -18.40
C SER C 414 -34.09 -11.04 -17.05
N ASN C 415 -33.25 -11.95 -16.56
CA ASN C 415 -32.57 -11.80 -15.26
C ASN C 415 -31.04 -11.90 -15.28
N TYR C 416 -30.43 -12.02 -16.47
CA TYR C 416 -28.97 -12.15 -16.61
C TYR C 416 -28.27 -10.92 -16.03
N TYR C 417 -28.89 -9.77 -16.23
CA TYR C 417 -28.36 -8.48 -15.78
C TYR C 417 -28.28 -8.36 -14.25
N ARG C 418 -29.28 -8.90 -13.55
CA ARG C 418 -29.34 -8.82 -12.07
C ARG C 418 -28.67 -9.99 -11.33
N THR C 419 -28.24 -11.01 -12.06
CA THR C 419 -27.54 -12.17 -11.50
C THR C 419 -26.07 -12.32 -11.93
N TRP C 420 -25.64 -11.63 -12.99
CA TRP C 420 -24.25 -11.68 -13.46
C TRP C 420 -23.32 -10.99 -12.47
N ASN C 421 -23.48 -9.68 -12.31
CA ASN C 421 -22.67 -8.87 -11.39
C ASN C 421 -23.61 -8.08 -10.48
N VAL C 422 -23.75 -8.55 -9.24
CA VAL C 422 -24.73 -7.99 -8.30
C VAL C 422 -24.29 -6.63 -7.75
N VAL C 423 -23.01 -6.48 -7.42
CA VAL C 423 -22.50 -5.24 -6.79
C VAL C 423 -22.66 -3.99 -7.69
N VAL C 424 -22.46 -4.16 -9.00
CA VAL C 424 -22.67 -3.08 -9.98
C VAL C 424 -24.16 -2.92 -10.29
N HIS C 425 -24.88 -4.03 -10.42
CA HIS C 425 -26.34 -4.01 -10.65
C HIS C 425 -27.09 -3.31 -9.51
N ASP C 426 -26.74 -3.63 -8.26
CA ASP C 426 -27.33 -2.98 -7.09
C ASP C 426 -27.10 -1.48 -7.11
N TRP C 427 -25.85 -1.06 -7.39
CA TRP C 427 -25.52 0.37 -7.52
C TRP C 427 -26.40 1.07 -8.56
N LEU C 428 -26.55 0.43 -9.71
CA LEU C 428 -27.40 0.95 -10.79
C LEU C 428 -28.88 0.97 -10.41
N TYR C 429 -29.37 -0.17 -9.93
CA TYR C 429 -30.78 -0.34 -9.59
C TYR C 429 -31.25 0.59 -8.47
N TYR C 430 -30.44 0.74 -7.43
CA TYR C 430 -30.81 1.56 -6.26
C TYR C 430 -30.56 3.07 -6.45
N TYR C 431 -29.47 3.44 -7.13
CA TYR C 431 -29.06 4.86 -7.23
C TYR C 431 -29.26 5.55 -8.58
N ALA C 432 -29.35 4.79 -9.67
CA ALA C 432 -29.62 5.35 -11.01
C ALA C 432 -31.08 5.12 -11.43
N TYR C 433 -31.52 3.87 -11.37
CA TYR C 433 -32.88 3.48 -11.80
C TYR C 433 -33.97 4.02 -10.87
N LYS C 434 -33.88 3.68 -9.59
CA LYS C 434 -34.88 4.07 -8.58
C LYS C 434 -34.95 5.58 -8.34
N ASP C 435 -33.79 6.25 -8.40
CA ASP C 435 -33.72 7.71 -8.26
C ASP C 435 -34.34 8.43 -9.46
N PHE C 436 -34.16 7.86 -10.66
CA PHE C 436 -34.82 8.35 -11.88
C PHE C 436 -36.34 8.16 -11.80
N LEU C 437 -36.78 7.01 -11.27
CA LEU C 437 -38.21 6.76 -11.03
C LEU C 437 -38.79 7.65 -9.92
N TRP C 438 -37.98 7.98 -8.92
CA TRP C 438 -38.36 8.97 -7.89
C TRP C 438 -38.51 10.38 -8.49
N PHE C 439 -37.57 10.76 -9.35
CA PHE C 439 -37.57 12.10 -9.97
C PHE C 439 -38.76 12.28 -10.93
N PHE C 440 -39.06 11.24 -11.70
CA PHE C 440 -40.23 11.21 -12.61
C PHE C 440 -41.49 10.64 -11.95
N SER C 441 -41.37 10.22 -10.68
CA SER C 441 -42.50 9.91 -9.78
C SER C 441 -43.08 8.50 -9.95
N LYS C 442 -43.71 8.23 -11.10
CA LYS C 442 -44.37 6.95 -11.34
C LYS C 442 -44.63 6.71 -12.82
N ARG C 443 -44.63 5.43 -13.22
CA ARG C 443 -45.17 4.96 -14.50
C ARG C 443 -44.39 5.47 -15.72
N PHE C 444 -43.31 4.76 -16.04
CA PHE C 444 -42.57 4.96 -17.30
C PHE C 444 -42.12 3.61 -17.85
N LYS C 445 -41.16 2.98 -17.18
CA LYS C 445 -40.56 1.71 -17.61
C LYS C 445 -40.07 1.76 -19.07
N SER C 446 -39.46 2.89 -19.42
CA SER C 446 -38.99 3.17 -20.78
C SER C 446 -37.89 4.22 -20.74
N ALA C 447 -38.21 5.40 -20.19
CA ALA C 447 -37.21 6.44 -19.91
C ALA C 447 -36.17 5.95 -18.90
N ALA C 448 -36.61 5.22 -17.88
CA ALA C 448 -35.71 4.64 -16.86
C ALA C 448 -34.86 3.51 -17.42
N MET C 449 -35.48 2.61 -18.20
CA MET C 449 -34.77 1.49 -18.83
C MET C 449 -33.68 1.96 -19.80
N LEU C 450 -34.04 2.90 -20.68
CA LEU C 450 -33.08 3.48 -21.62
C LEU C 450 -32.00 4.34 -20.94
N ALA C 451 -32.35 5.00 -19.82
CA ALA C 451 -31.39 5.83 -19.08
C ALA C 451 -30.28 5.02 -18.43
N VAL C 452 -30.64 3.93 -17.78
CA VAL C 452 -29.66 3.06 -17.11
C VAL C 452 -28.78 2.34 -18.12
N PHE C 453 -29.39 1.87 -19.21
CA PHE C 453 -28.67 1.32 -20.36
C PHE C 453 -27.71 2.35 -20.98
N ALA C 454 -28.17 3.60 -21.10
CA ALA C 454 -27.34 4.69 -21.63
C ALA C 454 -26.15 5.02 -20.73
N VAL C 455 -26.38 5.05 -19.42
CA VAL C 455 -25.31 5.27 -18.44
C VAL C 455 -24.27 4.15 -18.48
N SER C 456 -24.73 2.90 -18.51
CA SER C 456 -23.83 1.74 -18.47
C SER C 456 -23.03 1.55 -19.77
N ALA C 457 -23.71 1.66 -20.91
CA ALA C 457 -23.08 1.45 -22.22
C ALA C 457 -22.07 2.55 -22.59
N VAL C 458 -22.34 3.79 -22.20
CA VAL C 458 -21.41 4.91 -22.39
C VAL C 458 -20.16 4.74 -21.52
N VAL C 459 -20.36 4.35 -20.26
CA VAL C 459 -19.24 4.10 -19.33
C VAL C 459 -18.36 2.93 -19.80
N HIS C 460 -18.99 1.88 -20.31
CA HIS C 460 -18.24 0.75 -20.90
C HIS C 460 -17.45 1.15 -22.13
N GLU C 461 -18.08 1.94 -23.00
CA GLU C 461 -17.41 2.45 -24.18
C GLU C 461 -16.29 3.43 -23.82
N TYR C 462 -16.57 4.30 -22.85
CA TYR C 462 -15.56 5.20 -22.28
C TYR C 462 -14.37 4.42 -21.71
N ALA C 463 -14.65 3.36 -20.96
CA ALA C 463 -13.60 2.51 -20.38
C ALA C 463 -12.72 1.84 -21.43
N LEU C 464 -13.34 1.37 -22.51
CA LEU C 464 -12.64 0.64 -23.58
C LEU C 464 -12.11 1.55 -24.71
N ALA C 465 -12.56 2.81 -24.77
CA ALA C 465 -12.06 3.79 -25.74
C ALA C 465 -10.80 4.53 -25.26
N VAL C 466 -10.68 4.72 -23.95
CA VAL C 466 -9.53 5.41 -23.35
C VAL C 466 -8.25 4.58 -23.45
N CYS C 467 -8.35 3.26 -23.22
CA CYS C 467 -7.18 2.40 -23.09
C CYS C 467 -6.40 2.18 -24.40
N LEU C 468 -7.13 1.97 -25.49
CA LEU C 468 -6.52 1.79 -26.81
C LEU C 468 -6.41 3.11 -27.60
N SER C 469 -6.94 4.20 -27.03
CA SER C 469 -6.93 5.56 -27.64
C SER C 469 -7.64 5.69 -29.00
N PHE C 470 -8.28 4.61 -29.45
CA PHE C 470 -9.08 4.62 -30.66
C PHE C 470 -10.50 4.33 -30.23
N PHE C 471 -11.44 4.62 -31.11
CA PHE C 471 -12.83 4.80 -30.73
C PHE C 471 -13.71 3.63 -31.16
N TYR C 472 -14.12 3.58 -32.44
CA TYR C 472 -14.89 2.45 -33.01
C TYR C 472 -15.88 1.81 -32.00
N PRO C 473 -16.96 2.54 -31.64
CA PRO C 473 -17.86 2.05 -30.59
C PRO C 473 -18.99 1.15 -31.13
N VAL C 474 -18.64 0.04 -31.76
CA VAL C 474 -19.62 -1.01 -32.11
C VAL C 474 -20.17 -1.66 -30.84
N LEU C 475 -19.32 -1.77 -29.81
CA LEU C 475 -19.71 -2.30 -28.50
C LEU C 475 -20.92 -1.56 -27.93
N PHE C 476 -20.98 -0.25 -28.16
CA PHE C 476 -22.12 0.56 -27.73
C PHE C 476 -23.41 0.19 -28.46
N VAL C 477 -23.35 0.03 -29.80
CA VAL C 477 -24.56 -0.29 -30.59
C VAL C 477 -24.99 -1.75 -30.39
N LEU C 478 -24.04 -2.64 -30.11
CA LEU C 478 -24.33 -4.04 -29.81
C LEU C 478 -25.06 -4.17 -28.46
N PHE C 479 -24.61 -3.41 -27.46
CA PHE C 479 -25.31 -3.35 -26.17
C PHE C 479 -26.64 -2.60 -26.22
N MET C 480 -26.71 -1.55 -27.04
CA MET C 480 -27.92 -0.72 -27.16
C MET C 480 -29.06 -1.42 -27.89
N PHE C 481 -28.79 -1.81 -29.14
CA PHE C 481 -29.81 -2.35 -30.04
C PHE C 481 -30.33 -3.71 -29.58
N PHE C 482 -29.40 -4.64 -29.34
CA PHE C 482 -29.74 -6.02 -28.97
C PHE C 482 -30.10 -6.15 -27.49
N GLY C 483 -29.32 -5.50 -26.63
CA GLY C 483 -29.55 -5.51 -25.18
C GLY C 483 -30.92 -5.01 -24.75
N MET C 484 -31.47 -4.04 -25.49
CA MET C 484 -32.87 -3.63 -25.32
C MET C 484 -33.77 -4.80 -25.71
N ALA C 485 -33.71 -5.20 -26.98
CA ALA C 485 -34.53 -6.28 -27.52
C ALA C 485 -34.57 -7.46 -26.56
N PHE C 486 -33.38 -8.00 -26.26
CA PHE C 486 -33.23 -9.15 -25.37
C PHE C 486 -33.92 -9.00 -24.00
N ASN C 487 -33.95 -7.79 -23.46
CA ASN C 487 -34.70 -7.50 -22.23
C ASN C 487 -36.23 -7.53 -22.47
N PHE C 488 -36.66 -6.97 -23.60
CA PHE C 488 -38.09 -6.77 -23.90
C PHE C 488 -38.79 -7.92 -24.64
N ILE C 489 -38.15 -8.54 -25.64
CA ILE C 489 -38.77 -9.67 -26.38
C ILE C 489 -38.76 -10.98 -25.58
N VAL C 490 -37.73 -11.22 -24.77
CA VAL C 490 -37.63 -12.48 -24.04
C VAL C 490 -38.58 -12.53 -22.84
N ASN C 491 -38.58 -11.48 -22.02
CA ASN C 491 -39.37 -11.40 -20.77
C ASN C 491 -38.94 -12.35 -19.66
N ASP C 492 -39.39 -12.02 -18.45
CA ASP C 492 -39.12 -12.81 -17.24
C ASP C 492 -40.17 -13.93 -17.04
N SER C 493 -41.18 -13.98 -17.91
CA SER C 493 -42.29 -14.93 -17.79
C SER C 493 -42.03 -16.28 -18.47
N ARG C 494 -41.19 -16.29 -19.50
CA ARG C 494 -40.80 -17.54 -20.18
C ARG C 494 -39.93 -18.40 -19.26
N LYS C 495 -40.28 -19.69 -19.12
CA LYS C 495 -39.54 -20.63 -18.28
C LYS C 495 -39.04 -21.87 -19.02
N LYS C 496 -39.13 -21.89 -20.35
CA LYS C 496 -38.69 -23.04 -21.15
C LYS C 496 -37.16 -23.05 -21.30
N PRO C 497 -36.54 -24.25 -21.35
CA PRO C 497 -35.07 -24.31 -21.42
C PRO C 497 -34.45 -23.92 -22.78
N ILE C 498 -35.26 -23.83 -23.84
CA ILE C 498 -34.78 -23.37 -25.15
C ILE C 498 -34.21 -21.95 -25.13
N TRP C 499 -34.76 -21.10 -24.26
CA TRP C 499 -34.29 -19.72 -24.12
C TRP C 499 -32.85 -19.68 -23.60
N ASN C 500 -32.54 -20.56 -22.63
CA ASN C 500 -31.16 -20.70 -22.11
C ASN C 500 -30.14 -21.04 -23.20
N VAL C 501 -30.55 -21.88 -24.17
CA VAL C 501 -29.73 -22.19 -25.35
C VAL C 501 -29.48 -20.92 -26.19
N LEU C 502 -30.52 -20.14 -26.41
CA LEU C 502 -30.42 -18.88 -27.18
C LEU C 502 -29.65 -17.78 -26.44
N MET C 503 -29.57 -17.86 -25.11
CA MET C 503 -28.70 -16.98 -24.32
C MET C 503 -27.23 -17.30 -24.58
N TRP C 504 -26.89 -18.59 -24.43
CA TRP C 504 -25.53 -19.06 -24.68
C TRP C 504 -25.07 -18.89 -26.13
N THR C 505 -26.01 -18.99 -27.08
CA THR C 505 -25.74 -18.72 -28.49
C THR C 505 -25.42 -17.23 -28.70
N SER C 506 -26.27 -16.38 -28.12
CA SER C 506 -26.08 -14.92 -28.20
C SER C 506 -24.80 -14.44 -27.50
N LEU C 507 -24.52 -15.01 -26.33
CA LEU C 507 -23.34 -14.62 -25.54
C LEU C 507 -22.03 -15.08 -26.19
N PHE C 508 -22.01 -16.29 -26.73
CA PHE C 508 -20.85 -16.83 -27.46
C PHE C 508 -20.53 -16.03 -28.72
N LEU C 509 -21.57 -15.73 -29.51
CA LEU C 509 -21.43 -14.93 -30.72
C LEU C 509 -21.07 -13.47 -30.41
N GLY C 510 -21.78 -12.89 -29.44
CA GLY C 510 -21.54 -11.51 -29.01
C GLY C 510 -20.13 -11.24 -28.53
N ASN C 511 -19.59 -12.16 -27.73
CA ASN C 511 -18.21 -12.05 -27.22
C ASN C 511 -17.17 -12.37 -28.31
N GLY C 512 -17.48 -13.33 -29.17
CA GLY C 512 -16.61 -13.67 -30.31
C GLY C 512 -16.47 -12.55 -31.32
N VAL C 513 -17.58 -11.87 -31.62
CA VAL C 513 -17.58 -10.68 -32.47
C VAL C 513 -16.85 -9.51 -31.81
N LEU C 514 -17.02 -9.37 -30.49
CA LEU C 514 -16.38 -8.30 -29.70
C LEU C 514 -14.87 -8.40 -29.73
N LEU C 515 -14.34 -9.57 -29.35
CA LEU C 515 -12.90 -9.82 -29.30
C LEU C 515 -12.23 -9.74 -30.67
N CYS C 516 -12.90 -10.28 -31.69
CA CYS C 516 -12.40 -10.27 -33.06
C CYS C 516 -12.24 -8.86 -33.61
N PHE C 517 -13.31 -8.08 -33.56
CA PHE C 517 -13.37 -6.74 -34.15
C PHE C 517 -12.44 -5.73 -33.46
N TYR C 518 -12.38 -5.78 -32.13
CA TYR C 518 -11.49 -4.89 -31.35
C TYR C 518 -10.00 -5.19 -31.58
N SER C 519 -9.66 -6.48 -31.64
CA SER C 519 -8.29 -6.90 -31.92
C SER C 519 -7.91 -6.58 -33.36
N GLN C 520 -8.81 -6.86 -34.31
CA GLN C 520 -8.64 -6.45 -35.72
C GLN C 520 -8.33 -4.96 -35.85
N GLU C 521 -9.06 -4.13 -35.09
CA GLU C 521 -8.89 -2.67 -35.11
C GLU C 521 -7.59 -2.22 -34.42
N TRP C 522 -7.23 -2.86 -33.31
CA TRP C 522 -6.01 -2.52 -32.55
C TRP C 522 -4.75 -2.85 -33.35
N TYR C 523 -4.68 -4.08 -33.87
CA TYR C 523 -3.55 -4.52 -34.69
C TYR C 523 -3.47 -3.80 -36.05
N ALA C 524 -4.60 -3.29 -36.55
CA ALA C 524 -4.63 -2.52 -37.80
C ALA C 524 -3.98 -1.13 -37.71
N ARG C 525 -3.86 -0.58 -36.50
CA ARG C 525 -3.27 0.76 -36.30
C ARG C 525 -1.75 0.73 -36.11
N GLN C 526 -1.05 0.04 -37.01
CA GLN C 526 0.43 -0.05 -37.01
C GLN C 526 0.93 -0.86 -38.20
N GLN D 118 -19.99 -65.09 -6.32
CA GLN D 118 -19.03 -64.67 -7.39
C GLN D 118 -19.74 -64.27 -8.69
N GLY D 119 -19.00 -63.60 -9.57
CA GLY D 119 -19.54 -63.06 -10.82
C GLY D 119 -20.20 -61.72 -10.60
N LYS D 120 -20.57 -61.05 -11.70
CA LYS D 120 -21.29 -59.78 -11.62
C LYS D 120 -22.72 -60.03 -11.18
N ILE D 121 -23.23 -59.17 -10.30
CA ILE D 121 -24.61 -59.26 -9.81
C ILE D 121 -25.37 -58.02 -10.27
N PHE D 122 -26.56 -58.24 -10.84
CA PHE D 122 -27.35 -57.18 -11.46
C PHE D 122 -28.37 -56.60 -10.49
N ILE D 123 -28.38 -55.27 -10.38
CA ILE D 123 -29.29 -54.54 -9.50
C ILE D 123 -30.01 -53.47 -10.34
N ALA D 124 -31.31 -53.30 -10.12
CA ALA D 124 -32.11 -52.33 -10.87
C ALA D 124 -31.74 -50.90 -10.49
N ARG D 125 -30.89 -50.28 -11.29
CA ARG D 125 -30.39 -48.92 -11.05
C ARG D 125 -30.64 -48.05 -12.28
N ARG D 126 -30.77 -46.74 -12.06
CA ARG D 126 -30.76 -45.77 -13.16
C ARG D 126 -29.31 -45.41 -13.50
N SER D 127 -29.11 -44.91 -14.71
CA SER D 127 -27.79 -44.46 -15.16
C SER D 127 -27.39 -43.20 -14.38
N LEU D 128 -26.10 -43.07 -14.10
CA LEU D 128 -25.59 -41.98 -13.26
C LEU D 128 -25.84 -40.62 -13.89
N LEU D 129 -25.49 -40.46 -15.16
CA LEU D 129 -25.65 -39.17 -15.85
C LEU D 129 -27.11 -38.81 -16.13
N ASP D 130 -27.99 -39.80 -16.19
CA ASP D 130 -29.43 -39.56 -16.40
C ASP D 130 -30.05 -38.81 -15.22
N GLU D 131 -29.84 -39.33 -14.01
CA GLU D 131 -30.27 -38.66 -12.78
C GLU D 131 -29.47 -37.38 -12.48
N LEU D 132 -28.22 -37.34 -12.93
CA LEU D 132 -27.33 -36.19 -12.75
C LEU D 132 -27.52 -35.07 -13.80
N LEU D 133 -28.35 -35.31 -14.83
CA LEU D 133 -28.66 -34.30 -15.85
C LEU D 133 -29.89 -33.42 -15.50
N GLU D 134 -30.41 -33.54 -14.27
CA GLU D 134 -31.52 -32.70 -13.79
C GLU D 134 -31.18 -32.02 -12.46
N VAL D 135 -29.90 -31.73 -12.24
CA VAL D 135 -29.44 -31.04 -11.02
C VAL D 135 -29.66 -29.53 -11.16
N ASP D 136 -29.80 -29.06 -12.42
CA ASP D 136 -29.99 -27.64 -12.76
C ASP D 136 -28.67 -26.87 -12.87
N HIS D 137 -27.53 -27.56 -12.74
CA HIS D 137 -26.21 -27.02 -13.08
C HIS D 137 -25.47 -27.82 -14.16
N ILE D 138 -25.81 -29.10 -14.31
CA ILE D 138 -25.25 -29.95 -15.36
C ILE D 138 -26.06 -29.83 -16.65
N ARG D 139 -27.37 -29.58 -16.52
CA ARG D 139 -28.24 -29.26 -17.66
C ARG D 139 -27.81 -27.98 -18.40
N THR D 140 -27.13 -27.07 -17.69
CA THR D 140 -26.48 -25.92 -18.31
C THR D 140 -25.42 -26.31 -19.36
N ILE D 141 -24.59 -27.30 -19.02
CA ILE D 141 -23.51 -27.74 -19.91
C ILE D 141 -24.11 -28.38 -21.17
N TYR D 142 -25.20 -29.14 -21.00
CA TYR D 142 -25.97 -29.67 -22.12
C TYR D 142 -26.41 -28.54 -23.07
N HIS D 143 -27.00 -27.49 -22.49
CA HIS D 143 -27.45 -26.33 -23.28
C HIS D 143 -26.30 -25.52 -23.89
N MET D 144 -25.16 -25.46 -23.20
CA MET D 144 -23.94 -24.85 -23.75
C MET D 144 -23.45 -25.59 -25.01
N PHE D 145 -23.45 -26.92 -24.95
CA PHE D 145 -23.05 -27.77 -26.09
C PHE D 145 -24.07 -27.74 -27.23
N ILE D 146 -25.35 -27.60 -26.90
CA ILE D 146 -26.40 -27.35 -27.91
C ILE D 146 -26.17 -26.00 -28.59
N ALA D 147 -25.91 -24.96 -27.79
CA ALA D 147 -25.62 -23.62 -28.31
C ALA D 147 -24.40 -23.59 -29.22
N LEU D 148 -23.39 -24.40 -28.89
CA LEU D 148 -22.18 -24.53 -29.70
C LEU D 148 -22.42 -25.35 -30.98
N LEU D 149 -23.35 -26.32 -30.91
CA LEU D 149 -23.83 -27.04 -32.12
C LEU D 149 -24.49 -26.09 -33.11
N ILE D 150 -25.38 -25.23 -32.60
CA ILE D 150 -26.11 -24.25 -33.42
C ILE D 150 -25.14 -23.26 -34.07
N LEU D 151 -24.16 -22.80 -33.29
CA LEU D 151 -23.19 -21.80 -33.77
C LEU D 151 -22.19 -22.41 -34.77
N PHE D 152 -21.91 -23.71 -34.62
CA PHE D 152 -21.15 -24.47 -35.63
C PHE D 152 -21.91 -24.59 -36.95
N ILE D 153 -23.19 -24.95 -36.86
CA ILE D 153 -24.06 -25.07 -38.04
C ILE D 153 -24.23 -23.72 -38.75
N LEU D 154 -24.47 -22.66 -37.99
CA LEU D 154 -24.62 -21.31 -38.55
C LEU D 154 -23.35 -20.85 -39.26
N SER D 155 -22.19 -21.10 -38.65
CA SER D 155 -20.90 -20.72 -39.23
C SER D 155 -20.60 -21.45 -40.54
N THR D 156 -20.82 -22.76 -40.54
CA THR D 156 -20.57 -23.61 -41.73
C THR D 156 -21.51 -23.25 -42.90
N LEU D 157 -22.79 -23.05 -42.59
CA LEU D 157 -23.78 -22.66 -43.62
C LEU D 157 -23.50 -21.30 -44.24
N VAL D 158 -23.06 -20.33 -43.43
CA VAL D 158 -22.67 -19.00 -43.92
C VAL D 158 -21.41 -19.08 -44.79
N VAL D 159 -20.40 -19.81 -44.33
CA VAL D 159 -19.13 -19.97 -45.06
C VAL D 159 -19.34 -20.67 -46.42
N ASP D 160 -20.10 -21.78 -46.39
CA ASP D 160 -20.42 -22.51 -47.62
C ASP D 160 -21.31 -21.72 -48.60
N TYR D 161 -22.16 -20.83 -48.06
CA TYR D 161 -23.01 -19.96 -48.88
C TYR D 161 -22.21 -18.89 -49.63
N ILE D 162 -21.32 -18.20 -48.91
CA ILE D 162 -20.48 -17.15 -49.51
C ILE D 162 -19.40 -17.70 -50.47
N ASP D 163 -18.96 -18.93 -50.24
CA ASP D 163 -17.94 -19.57 -51.09
C ASP D 163 -18.53 -19.97 -52.45
N GLU D 164 -19.65 -20.70 -52.40
CA GLU D 164 -20.31 -21.23 -53.61
C GLU D 164 -21.56 -20.38 -53.95
N GLY D 165 -22.45 -20.90 -54.79
CA GLY D 165 -23.72 -20.23 -55.10
C GLY D 165 -24.72 -20.38 -53.97
N ARG D 166 -25.73 -21.22 -54.17
CA ARG D 166 -26.71 -21.54 -53.12
C ARG D 166 -26.08 -22.44 -52.05
N LEU D 167 -26.71 -22.47 -50.87
CA LEU D 167 -26.20 -23.25 -49.73
C LEU D 167 -26.18 -24.75 -50.03
N VAL D 168 -25.24 -25.46 -49.42
CA VAL D 168 -25.07 -26.91 -49.64
C VAL D 168 -26.30 -27.69 -49.18
N LEU D 169 -26.88 -28.48 -50.08
CA LEU D 169 -28.11 -29.24 -49.81
C LEU D 169 -27.75 -30.48 -48.98
N GLU D 170 -26.91 -31.34 -49.55
CA GLU D 170 -26.39 -32.50 -48.85
C GLU D 170 -24.96 -32.19 -48.41
N PHE D 171 -24.51 -32.89 -47.37
CA PHE D 171 -23.23 -32.61 -46.72
C PHE D 171 -22.02 -32.96 -47.60
N SER D 172 -22.16 -34.03 -48.40
CA SER D 172 -21.15 -34.47 -49.39
C SER D 172 -19.98 -35.28 -48.81
N LEU D 173 -19.59 -35.00 -47.56
CA LEU D 173 -18.59 -35.80 -46.85
C LEU D 173 -19.17 -37.14 -46.42
N LEU D 174 -20.38 -37.11 -45.87
CA LEU D 174 -21.07 -38.32 -45.40
C LEU D 174 -21.44 -39.28 -46.54
N SER D 175 -21.56 -38.77 -47.77
CA SER D 175 -21.76 -39.62 -48.95
C SER D 175 -20.52 -40.45 -49.28
N TYR D 176 -19.34 -39.82 -49.22
CA TYR D 176 -18.07 -40.53 -49.36
C TYR D 176 -17.75 -41.39 -48.13
N ALA D 177 -18.00 -40.84 -46.94
CA ALA D 177 -17.70 -41.51 -45.67
C ALA D 177 -18.53 -42.79 -45.49
N PHE D 178 -19.85 -42.66 -45.64
CA PHE D 178 -20.74 -43.82 -45.75
C PHE D 178 -21.07 -44.06 -47.22
N GLY D 179 -20.23 -44.86 -47.87
CA GLY D 179 -20.27 -45.07 -49.32
C GLY D 179 -21.18 -46.22 -49.71
N LYS D 180 -20.59 -47.40 -49.88
CA LYS D 180 -21.33 -48.60 -50.28
C LYS D 180 -22.04 -49.17 -49.06
N PHE D 181 -23.18 -48.58 -48.72
CA PHE D 181 -23.96 -49.00 -47.55
C PHE D 181 -24.70 -50.34 -47.69
N PRO D 182 -25.31 -50.64 -48.86
CA PRO D 182 -25.99 -51.94 -48.99
C PRO D 182 -25.12 -53.19 -48.73
N THR D 183 -23.85 -53.14 -49.13
CA THR D 183 -22.91 -54.25 -48.82
C THR D 183 -22.53 -54.34 -47.33
N VAL D 184 -22.63 -53.23 -46.60
CA VAL D 184 -22.49 -53.24 -45.13
C VAL D 184 -23.75 -53.84 -44.47
N VAL D 185 -24.91 -53.65 -45.10
CA VAL D 185 -26.18 -54.18 -44.57
C VAL D 185 -26.24 -55.70 -44.67
N TRP D 186 -25.95 -56.27 -45.85
CA TRP D 186 -26.02 -57.75 -46.01
C TRP D 186 -24.88 -58.50 -45.35
N THR D 187 -23.69 -57.89 -45.26
CA THR D 187 -22.57 -58.50 -44.53
C THR D 187 -22.81 -58.49 -43.01
N TRP D 188 -23.51 -57.46 -42.53
CA TRP D 188 -23.99 -57.42 -41.14
C TRP D 188 -25.07 -58.48 -40.90
N TRP D 189 -25.99 -58.62 -41.86
CA TRP D 189 -27.08 -59.59 -41.77
C TRP D 189 -26.54 -61.03 -41.72
N ILE D 190 -25.64 -61.38 -42.63
CA ILE D 190 -25.06 -62.73 -42.68
C ILE D 190 -24.15 -63.00 -41.47
N MET D 191 -23.52 -61.95 -40.93
CA MET D 191 -22.74 -62.05 -39.69
C MET D 191 -23.67 -62.26 -38.48
N PHE D 192 -24.81 -61.55 -38.46
CA PHE D 192 -25.82 -61.72 -37.42
C PHE D 192 -26.48 -63.11 -37.45
N LEU D 193 -26.81 -63.58 -38.65
CA LEU D 193 -27.38 -64.93 -38.82
C LEU D 193 -26.41 -66.05 -38.43
N SER D 194 -25.12 -65.84 -38.67
CA SER D 194 -24.09 -66.83 -38.32
C SER D 194 -23.85 -66.93 -36.82
N THR D 195 -23.64 -65.77 -36.17
CA THR D 195 -23.44 -65.70 -34.72
C THR D 195 -24.67 -66.05 -33.88
N PHE D 196 -25.85 -65.92 -34.48
CA PHE D 196 -27.09 -66.37 -33.84
C PHE D 196 -27.26 -67.88 -33.96
N SER D 197 -27.11 -68.39 -35.18
CA SER D 197 -27.40 -69.79 -35.50
C SER D 197 -26.32 -70.77 -35.02
N VAL D 198 -25.07 -70.49 -35.35
CA VAL D 198 -23.98 -71.48 -35.21
C VAL D 198 -23.59 -71.78 -33.74
N PRO D 199 -23.33 -70.75 -32.92
CA PRO D 199 -23.01 -71.01 -31.51
C PRO D 199 -24.15 -71.68 -30.71
N TYR D 200 -25.39 -71.30 -31.01
CA TYR D 200 -26.57 -71.90 -30.37
C TYR D 200 -26.77 -73.37 -30.78
N PHE D 201 -26.61 -73.65 -32.07
CA PHE D 201 -26.74 -75.02 -32.60
C PHE D 201 -25.61 -75.95 -32.13
N LEU D 202 -24.38 -75.42 -32.07
CA LEU D 202 -23.24 -76.16 -31.51
C LEU D 202 -23.40 -76.43 -30.01
N PHE D 203 -24.03 -75.49 -29.28
CA PHE D 203 -24.34 -75.69 -27.87
C PHE D 203 -25.60 -76.54 -27.64
N GLN D 204 -26.54 -76.49 -28.58
CA GLN D 204 -27.71 -77.39 -28.55
C GLN D 204 -27.33 -78.83 -28.92
N HIS D 205 -26.19 -79.02 -29.58
CA HIS D 205 -25.61 -80.35 -29.81
C HIS D 205 -25.17 -81.02 -28.49
N TRP D 206 -24.89 -80.23 -27.47
CA TRP D 206 -24.67 -80.70 -26.09
C TRP D 206 -25.98 -81.00 -25.29
N ALA D 207 -27.12 -81.11 -25.98
CA ALA D 207 -28.37 -81.56 -25.35
C ALA D 207 -28.20 -82.97 -24.78
N THR D 208 -27.54 -83.83 -25.55
CA THR D 208 -27.01 -85.09 -25.03
C THR D 208 -25.82 -84.77 -24.13
N GLY D 209 -24.81 -84.12 -24.70
CA GLY D 209 -23.64 -83.61 -23.97
C GLY D 209 -22.93 -84.63 -23.08
N TYR D 210 -23.13 -84.49 -21.77
CA TYR D 210 -22.53 -85.37 -20.75
C TYR D 210 -23.55 -86.35 -20.14
N SER D 211 -24.73 -86.48 -20.74
CA SER D 211 -25.78 -87.37 -20.22
C SER D 211 -25.46 -88.83 -20.53
N LYS D 212 -25.34 -89.14 -21.83
CA LYS D 212 -24.91 -90.48 -22.26
C LYS D 212 -23.40 -90.66 -22.09
N SER D 213 -22.64 -89.58 -22.34
CA SER D 213 -21.18 -89.56 -22.21
C SER D 213 -20.51 -90.59 -23.13
N SER D 214 -20.69 -90.41 -24.44
CA SER D 214 -20.10 -91.28 -25.46
C SER D 214 -18.62 -90.93 -25.64
N HIS D 215 -17.80 -91.41 -24.70
CA HIS D 215 -16.36 -91.16 -24.68
C HIS D 215 -16.04 -89.65 -24.55
N PRO D 216 -16.17 -89.10 -23.32
CA PRO D 216 -15.79 -87.69 -23.09
C PRO D 216 -14.28 -87.42 -23.23
N LEU D 217 -13.92 -86.15 -23.31
CA LEU D 217 -12.55 -85.66 -23.64
C LEU D 217 -12.30 -85.54 -25.15
N ILE D 218 -12.96 -86.36 -25.96
CA ILE D 218 -12.88 -86.29 -27.42
C ILE D 218 -13.90 -85.29 -27.94
N ARG D 219 -15.18 -85.53 -27.63
CA ARG D 219 -16.28 -84.67 -28.13
C ARG D 219 -16.24 -83.24 -27.58
N SER D 220 -15.76 -83.08 -26.34
CA SER D 220 -15.65 -81.78 -25.71
C SER D 220 -14.68 -80.86 -26.44
N LEU D 221 -13.46 -81.35 -26.68
CA LEU D 221 -12.45 -80.61 -27.45
C LEU D 221 -12.74 -80.57 -28.96
N PHE D 222 -13.52 -81.54 -29.46
CA PHE D 222 -13.98 -81.52 -30.85
C PHE D 222 -14.94 -80.35 -31.07
N HIS D 223 -15.99 -80.28 -30.25
CA HIS D 223 -16.94 -79.15 -30.27
C HIS D 223 -16.29 -77.82 -29.87
N GLY D 224 -15.25 -77.88 -29.04
CA GLY D 224 -14.41 -76.71 -28.73
C GLY D 224 -13.63 -76.21 -29.93
N PHE D 225 -13.08 -77.13 -30.72
CA PHE D 225 -12.39 -76.81 -31.97
C PHE D 225 -13.37 -76.36 -33.06
N LEU D 226 -14.55 -76.99 -33.11
CA LEU D 226 -15.64 -76.55 -34.00
C LEU D 226 -16.15 -75.14 -33.68
N PHE D 227 -16.07 -74.74 -32.41
CA PHE D 227 -16.36 -73.35 -32.01
C PHE D 227 -15.25 -72.40 -32.44
N MET D 228 -14.00 -72.83 -32.31
CA MET D 228 -12.83 -72.01 -32.65
C MET D 228 -12.71 -71.74 -34.15
N ILE D 229 -12.89 -72.79 -34.97
CA ILE D 229 -12.91 -72.63 -36.43
C ILE D 229 -14.04 -71.72 -36.91
N PHE D 230 -15.19 -71.76 -36.22
CA PHE D 230 -16.29 -70.81 -36.46
C PHE D 230 -15.86 -69.38 -36.13
N GLN D 231 -15.32 -69.18 -34.92
CA GLN D 231 -14.88 -67.87 -34.44
C GLN D 231 -13.88 -67.18 -35.39
N ILE D 232 -12.88 -67.94 -35.85
CA ILE D 232 -11.84 -67.42 -36.75
C ILE D 232 -12.36 -67.37 -38.18
N GLY D 233 -12.89 -68.50 -38.66
CA GLY D 233 -13.32 -68.63 -40.06
C GLY D 233 -14.41 -67.66 -40.52
N VAL D 234 -15.37 -67.39 -39.65
CA VAL D 234 -16.51 -66.54 -39.98
C VAL D 234 -16.21 -65.07 -39.66
N LEU D 235 -15.84 -64.78 -38.41
CA LEU D 235 -15.65 -63.40 -37.93
C LEU D 235 -14.24 -62.83 -38.16
N GLY D 236 -13.23 -63.70 -38.28
CA GLY D 236 -11.86 -63.27 -38.55
C GLY D 236 -11.69 -62.82 -40.00
N PHE D 237 -12.11 -63.67 -40.94
CA PHE D 237 -11.98 -63.39 -42.37
C PHE D 237 -13.14 -62.55 -42.91
N GLY D 238 -14.37 -63.06 -42.74
CA GLY D 238 -15.57 -62.49 -43.37
C GLY D 238 -15.71 -60.97 -43.34
N PRO D 239 -15.71 -60.37 -42.13
CA PRO D 239 -15.70 -58.91 -41.94
C PRO D 239 -14.49 -58.19 -42.55
N THR D 240 -13.30 -58.74 -42.35
CA THR D 240 -12.07 -58.16 -42.92
C THR D 240 -11.99 -58.30 -44.43
N TYR D 241 -12.52 -59.41 -44.95
CA TYR D 241 -12.47 -59.71 -46.37
C TYR D 241 -13.27 -58.68 -47.18
N VAL D 242 -14.51 -58.43 -46.76
CA VAL D 242 -15.38 -57.47 -47.46
C VAL D 242 -14.85 -56.03 -47.42
N VAL D 243 -14.37 -55.58 -46.26
CA VAL D 243 -13.83 -54.22 -46.12
C VAL D 243 -12.54 -54.00 -46.91
N LEU D 244 -11.68 -55.02 -46.96
CA LEU D 244 -10.42 -54.95 -47.72
C LEU D 244 -10.60 -55.20 -49.22
N ALA D 245 -11.43 -56.20 -49.58
CA ALA D 245 -11.61 -56.59 -50.99
C ALA D 245 -12.53 -55.66 -51.78
N TYR D 246 -13.64 -55.23 -51.17
CA TYR D 246 -14.63 -54.35 -51.83
C TYR D 246 -14.30 -52.85 -51.70
N THR D 247 -13.09 -52.52 -51.21
CA THR D 247 -12.59 -51.14 -51.07
C THR D 247 -13.59 -50.15 -50.47
N LEU D 248 -14.14 -50.51 -49.31
CA LEU D 248 -15.09 -49.66 -48.59
C LEU D 248 -14.38 -48.43 -48.02
N PRO D 249 -15.12 -47.33 -47.78
CA PRO D 249 -14.51 -46.11 -47.24
C PRO D 249 -14.33 -46.15 -45.72
N PRO D 250 -13.38 -45.36 -45.17
CA PRO D 250 -12.90 -45.49 -43.78
C PRO D 250 -13.96 -45.45 -42.68
N ALA D 251 -14.91 -44.51 -42.76
CA ALA D 251 -15.97 -44.37 -41.75
C ALA D 251 -16.96 -45.53 -41.77
N SER D 252 -17.28 -46.04 -42.96
CA SER D 252 -18.21 -47.16 -43.12
C SER D 252 -17.65 -48.51 -42.64
N ARG D 253 -16.32 -48.64 -42.63
CA ARG D 253 -15.65 -49.87 -42.20
C ARG D 253 -15.70 -50.09 -40.69
N PHE D 254 -15.71 -48.99 -39.92
CA PHE D 254 -15.80 -49.05 -38.45
C PHE D 254 -17.08 -49.73 -37.95
N ILE D 255 -18.17 -49.63 -38.71
CA ILE D 255 -19.44 -50.29 -38.37
C ILE D 255 -19.29 -51.82 -38.39
N ILE D 256 -18.69 -52.34 -39.46
CA ILE D 256 -18.47 -53.80 -39.61
C ILE D 256 -17.53 -54.34 -38.53
N ILE D 257 -16.46 -53.61 -38.24
CA ILE D 257 -15.46 -54.01 -37.25
C ILE D 257 -16.02 -53.93 -35.82
N PHE D 258 -16.78 -52.87 -35.53
CA PHE D 258 -17.47 -52.71 -34.25
C PHE D 258 -18.46 -53.85 -33.98
N GLU D 259 -19.28 -54.16 -34.99
CA GLU D 259 -20.27 -55.24 -34.89
C GLU D 259 -19.63 -56.64 -34.87
N GLN D 260 -18.45 -56.77 -35.50
CA GLN D 260 -17.65 -58.00 -35.42
C GLN D 260 -17.17 -58.25 -34.00
N ILE D 261 -16.57 -57.22 -33.40
CA ILE D 261 -16.05 -57.31 -32.02
C ILE D 261 -17.21 -57.50 -31.01
N ARG D 262 -18.40 -56.98 -31.34
CA ARG D 262 -19.60 -57.25 -30.53
C ARG D 262 -19.97 -58.73 -30.53
N PHE D 263 -20.18 -59.30 -31.73
CA PHE D 263 -20.68 -60.67 -31.86
C PHE D 263 -19.70 -61.75 -31.43
N VAL D 264 -18.40 -61.51 -31.59
CA VAL D 264 -17.36 -62.43 -31.06
C VAL D 264 -17.36 -62.44 -29.53
N MET D 265 -17.61 -61.28 -28.92
CA MET D 265 -17.78 -61.19 -27.46
C MET D 265 -19.06 -61.88 -26.98
N LYS D 266 -20.16 -61.63 -27.69
CA LYS D 266 -21.46 -62.22 -27.36
C LYS D 266 -21.44 -63.76 -27.45
N ALA D 267 -20.71 -64.28 -28.45
CA ALA D 267 -20.59 -65.73 -28.67
C ALA D 267 -19.72 -66.41 -27.62
N HIS D 268 -18.56 -65.83 -27.33
CA HIS D 268 -17.64 -66.36 -26.31
C HIS D 268 -18.24 -66.26 -24.91
N SER D 269 -18.93 -65.15 -24.63
CA SER D 269 -19.66 -64.97 -23.38
C SER D 269 -20.75 -66.02 -23.18
N PHE D 270 -21.47 -66.33 -24.26
CA PHE D 270 -22.50 -67.39 -24.26
C PHE D 270 -21.93 -68.75 -23.92
N VAL D 271 -20.83 -69.11 -24.58
CA VAL D 271 -20.17 -70.41 -24.37
C VAL D 271 -19.52 -70.50 -22.98
N ARG D 272 -18.79 -69.46 -22.59
CA ARG D 272 -18.03 -69.48 -21.32
C ARG D 272 -18.91 -69.54 -20.06
N GLU D 273 -20.10 -68.95 -20.11
CA GLU D 273 -21.00 -68.91 -18.94
C GLU D 273 -21.88 -70.15 -18.81
N ASN D 274 -22.38 -70.65 -19.95
CA ASN D 274 -23.29 -71.82 -19.95
C ASN D 274 -22.60 -73.19 -19.81
N VAL D 275 -21.31 -73.27 -20.11
CA VAL D 275 -20.53 -74.52 -19.90
C VAL D 275 -20.45 -74.94 -18.41
N PRO D 276 -20.16 -74.00 -17.49
CA PRO D 276 -20.21 -74.29 -16.05
C PRO D 276 -21.52 -74.91 -15.53
N ARG D 277 -22.65 -74.52 -16.12
CA ARG D 277 -23.96 -75.10 -15.75
C ARG D 277 -24.02 -76.60 -16.04
N VAL D 278 -23.83 -76.96 -17.31
CA VAL D 278 -23.86 -78.37 -17.74
C VAL D 278 -22.74 -79.22 -17.14
N LEU D 279 -21.55 -78.62 -16.97
CA LEU D 279 -20.38 -79.35 -16.45
C LEU D 279 -20.51 -79.66 -14.95
N ASN D 280 -21.18 -78.79 -14.20
CA ASN D 280 -21.54 -79.06 -12.80
C ASN D 280 -22.75 -80.00 -12.69
N SER D 281 -23.76 -79.76 -13.53
CA SER D 281 -24.99 -80.57 -13.53
C SER D 281 -24.78 -82.01 -14.06
N ALA D 282 -23.71 -82.25 -14.82
CA ALA D 282 -23.38 -83.59 -15.32
C ALA D 282 -23.03 -84.60 -14.21
N LYS D 283 -22.53 -84.10 -13.07
CA LYS D 283 -22.22 -84.96 -11.92
C LYS D 283 -23.47 -85.60 -11.31
N GLU D 284 -24.57 -84.86 -11.26
CA GLU D 284 -25.86 -85.38 -10.77
C GLU D 284 -26.47 -86.35 -11.79
N LYS D 285 -26.77 -87.57 -11.34
CA LYS D 285 -27.32 -88.62 -12.20
C LYS D 285 -28.84 -88.53 -12.30
N SER D 286 -29.36 -88.71 -13.52
CA SER D 286 -30.80 -88.70 -13.79
C SER D 286 -31.45 -87.35 -13.45
N SER D 287 -30.89 -86.29 -14.02
CA SER D 287 -31.36 -84.92 -13.80
C SER D 287 -31.55 -84.18 -15.13
N THR D 288 -32.46 -83.21 -15.12
CA THR D 288 -32.75 -82.41 -16.32
C THR D 288 -31.64 -81.40 -16.60
N VAL D 289 -30.98 -81.54 -17.74
CA VAL D 289 -29.90 -80.63 -18.14
C VAL D 289 -30.46 -79.22 -18.44
N PRO D 290 -29.80 -78.15 -17.94
CA PRO D 290 -30.24 -76.81 -18.30
C PRO D 290 -29.66 -76.36 -19.64
N ILE D 291 -30.54 -76.02 -20.58
CA ILE D 291 -30.15 -75.48 -21.89
C ILE D 291 -30.90 -74.16 -22.11
N PRO D 292 -30.19 -73.09 -22.54
CA PRO D 292 -30.89 -71.84 -22.87
C PRO D 292 -31.81 -71.95 -24.09
N THR D 293 -32.96 -71.29 -24.03
CA THR D 293 -33.92 -71.24 -25.14
C THR D 293 -33.51 -70.18 -26.17
N VAL D 294 -34.18 -70.20 -27.32
CA VAL D 294 -33.89 -69.28 -28.43
C VAL D 294 -34.29 -67.84 -28.10
N ASN D 295 -35.40 -67.68 -27.38
CA ASN D 295 -36.00 -66.37 -27.12
C ASN D 295 -35.11 -65.50 -26.22
N GLN D 296 -34.68 -66.06 -25.10
CA GLN D 296 -33.85 -65.35 -24.12
C GLN D 296 -32.40 -65.12 -24.59
N TYR D 297 -31.89 -66.00 -25.45
CA TYR D 297 -30.57 -65.79 -26.09
C TYR D 297 -30.61 -64.68 -27.14
N LEU D 298 -31.67 -64.68 -27.95
CA LEU D 298 -31.91 -63.60 -28.92
C LEU D 298 -32.13 -62.25 -28.23
N TYR D 299 -32.79 -62.28 -27.06
CA TYR D 299 -32.92 -61.11 -26.19
C TYR D 299 -31.55 -60.60 -25.70
N PHE D 300 -30.70 -61.54 -25.26
CA PHE D 300 -29.33 -61.21 -24.84
C PHE D 300 -28.50 -60.60 -25.97
N LEU D 301 -28.67 -61.12 -27.19
CA LEU D 301 -27.88 -60.68 -28.36
C LEU D 301 -28.16 -59.23 -28.78
N PHE D 302 -29.28 -58.64 -28.33
CA PHE D 302 -29.57 -57.20 -28.46
C PHE D 302 -29.42 -56.39 -27.16
N ALA D 303 -29.30 -57.06 -26.02
CA ALA D 303 -29.15 -56.40 -24.72
C ALA D 303 -27.82 -55.63 -24.60
N PRO D 304 -27.77 -54.57 -23.77
CA PRO D 304 -26.56 -53.75 -23.62
C PRO D 304 -25.62 -54.20 -22.49
N THR D 305 -25.37 -55.51 -22.39
CA THR D 305 -24.45 -56.06 -21.38
C THR D 305 -24.01 -57.46 -21.83
N LEU D 306 -22.78 -57.85 -21.49
CA LEU D 306 -22.14 -59.08 -21.99
C LEU D 306 -21.88 -60.14 -20.91
N ILE D 307 -22.78 -60.27 -19.91
CA ILE D 307 -22.52 -61.13 -18.74
C ILE D 307 -23.40 -62.38 -18.62
N TYR D 308 -24.70 -62.22 -18.39
CA TYR D 308 -25.61 -63.36 -18.17
C TYR D 308 -26.56 -63.64 -19.33
N ARG D 309 -27.23 -64.79 -19.25
CA ARG D 309 -28.21 -65.23 -20.26
C ARG D 309 -29.66 -65.30 -19.74
N ASP D 310 -29.85 -65.34 -18.41
CA ASP D 310 -31.12 -65.72 -17.79
C ASP D 310 -31.60 -64.70 -16.78
N SER D 311 -32.84 -64.22 -16.98
CA SER D 311 -33.57 -63.42 -15.99
C SER D 311 -32.80 -62.16 -15.54
N TYR D 312 -32.57 -61.26 -16.50
CA TYR D 312 -32.04 -59.94 -16.20
C TYR D 312 -33.07 -59.13 -15.39
N PRO D 313 -32.61 -58.27 -14.47
CA PRO D 313 -33.57 -57.35 -13.83
C PRO D 313 -34.19 -56.38 -14.84
N ARG D 314 -35.52 -56.31 -14.86
CA ARG D 314 -36.27 -55.55 -15.87
C ARG D 314 -37.18 -54.51 -15.23
N ASN D 315 -37.50 -53.49 -16.02
CA ASN D 315 -38.38 -52.40 -15.58
C ASN D 315 -39.85 -52.77 -15.86
N PRO D 316 -40.81 -52.07 -15.21
CA PRO D 316 -42.22 -52.40 -15.42
C PRO D 316 -42.76 -52.14 -16.83
N THR D 317 -42.54 -50.92 -17.34
CA THR D 317 -43.10 -50.49 -18.63
C THR D 317 -42.09 -49.67 -19.45
N VAL D 318 -42.25 -49.70 -20.78
CA VAL D 318 -41.46 -48.90 -21.69
C VAL D 318 -42.12 -47.53 -21.84
N ARG D 319 -41.32 -46.47 -21.76
CA ARG D 319 -41.81 -45.09 -21.84
C ARG D 319 -42.13 -44.66 -23.27
N TRP D 320 -41.21 -44.96 -24.20
CA TRP D 320 -41.29 -44.60 -25.64
C TRP D 320 -41.03 -43.11 -25.98
N GLY D 321 -41.28 -42.20 -25.03
CA GLY D 321 -40.81 -40.81 -25.14
C GLY D 321 -39.34 -40.66 -24.77
N TYR D 322 -38.89 -41.50 -23.82
CA TYR D 322 -37.48 -41.53 -23.39
C TYR D 322 -36.56 -41.97 -24.53
N VAL D 323 -36.92 -43.07 -25.20
CA VAL D 323 -36.13 -43.59 -26.34
C VAL D 323 -36.09 -42.62 -27.52
N ALA D 324 -37.18 -41.89 -27.74
CA ALA D 324 -37.26 -40.89 -28.80
C ALA D 324 -36.32 -39.70 -28.57
N MET D 325 -36.23 -39.25 -27.32
CA MET D 325 -35.33 -38.15 -26.94
C MET D 325 -33.85 -38.55 -27.02
N LYS D 326 -33.54 -39.79 -26.64
CA LYS D 326 -32.17 -40.29 -26.69
C LYS D 326 -31.70 -40.50 -28.14
N PHE D 327 -32.53 -41.15 -28.96
CA PHE D 327 -32.26 -41.29 -30.41
C PHE D 327 -32.13 -39.95 -31.13
N ALA D 328 -32.84 -38.93 -30.65
CA ALA D 328 -32.69 -37.56 -31.15
C ALA D 328 -31.33 -36.96 -30.74
N GLN D 329 -30.93 -37.20 -29.48
CA GLN D 329 -29.61 -36.77 -28.99
C GLN D 329 -28.45 -37.47 -29.71
N VAL D 330 -28.60 -38.78 -29.96
CA VAL D 330 -27.59 -39.56 -30.71
C VAL D 330 -27.42 -38.99 -32.13
N PHE D 331 -28.54 -38.67 -32.77
CA PHE D 331 -28.55 -38.03 -34.09
C PHE D 331 -27.88 -36.65 -34.06
N GLY D 332 -28.19 -35.86 -33.04
CA GLY D 332 -27.57 -34.56 -32.82
C GLY D 332 -26.08 -34.63 -32.51
N CYS D 333 -25.68 -35.68 -31.77
CA CYS D 333 -24.28 -35.93 -31.47
C CYS D 333 -23.48 -36.35 -32.71
N PHE D 334 -24.06 -37.23 -33.52
CA PHE D 334 -23.42 -37.67 -34.76
C PHE D 334 -23.14 -36.51 -35.71
N PHE D 335 -24.10 -35.60 -35.84
CA PHE D 335 -23.93 -34.36 -36.60
C PHE D 335 -22.85 -33.46 -35.98
N TYR D 336 -22.83 -33.37 -34.65
CA TYR D 336 -21.78 -32.60 -33.94
C TYR D 336 -20.39 -33.16 -34.25
N VAL D 337 -20.23 -34.47 -34.19
CA VAL D 337 -18.96 -35.15 -34.50
C VAL D 337 -18.52 -34.90 -35.96
N TYR D 338 -19.49 -34.90 -36.88
CA TYR D 338 -19.23 -34.57 -38.29
C TYR D 338 -18.73 -33.12 -38.44
N TYR D 339 -19.47 -32.19 -37.85
CA TYR D 339 -19.09 -30.76 -37.88
C TYR D 339 -17.78 -30.46 -37.16
N ILE D 340 -17.43 -31.27 -36.17
CA ILE D 340 -16.12 -31.19 -35.51
C ILE D 340 -15.01 -31.47 -36.55
N PHE D 341 -15.06 -32.62 -37.21
CA PHE D 341 -14.07 -32.94 -38.24
C PHE D 341 -14.08 -31.97 -39.44
N GLU D 342 -15.25 -31.43 -39.79
CA GLU D 342 -15.39 -30.52 -40.95
C GLU D 342 -14.85 -29.10 -40.71
N ARG D 343 -14.79 -28.65 -39.46
CA ARG D 343 -14.30 -27.30 -39.13
C ARG D 343 -13.05 -27.27 -38.25
N LEU D 344 -12.91 -28.23 -37.36
CA LEU D 344 -11.76 -28.32 -36.48
C LEU D 344 -10.63 -29.12 -37.12
N CYS D 345 -10.98 -30.20 -37.84
CA CYS D 345 -9.99 -31.06 -38.51
C CYS D 345 -9.93 -30.91 -40.04
N ALA D 346 -10.79 -30.08 -40.63
CA ALA D 346 -10.68 -29.78 -42.07
C ALA D 346 -9.60 -28.77 -42.45
N PRO D 347 -9.64 -27.53 -41.90
CA PRO D 347 -8.79 -26.45 -42.42
C PRO D 347 -7.27 -26.71 -42.37
N LEU D 348 -6.80 -27.43 -41.34
CA LEU D 348 -5.36 -27.62 -41.11
C LEU D 348 -4.80 -29.00 -41.54
N PHE D 349 -5.67 -29.95 -41.89
CA PHE D 349 -5.24 -31.26 -42.42
C PHE D 349 -5.52 -31.46 -43.91
N ARG D 350 -6.66 -30.96 -44.41
CA ARG D 350 -6.98 -31.00 -45.84
C ARG D 350 -6.03 -30.13 -46.68
N ASN D 351 -5.59 -29.01 -46.11
CA ASN D 351 -4.87 -27.97 -46.86
C ASN D 351 -3.35 -28.15 -46.96
N ILE D 352 -2.72 -28.47 -45.83
CA ILE D 352 -1.25 -28.38 -45.70
C ILE D 352 -0.46 -29.38 -46.54
N LYS D 353 0.58 -28.88 -47.23
CA LYS D 353 1.49 -29.74 -48.02
C LYS D 353 2.93 -29.23 -48.27
N GLN D 354 3.30 -28.06 -47.74
CA GLN D 354 4.54 -27.37 -48.13
C GLN D 354 5.59 -27.34 -47.03
N GLU D 355 6.86 -27.28 -47.43
CA GLU D 355 8.01 -27.21 -46.51
C GLU D 355 7.95 -28.28 -45.42
N PRO D 356 7.92 -29.56 -45.83
CA PRO D 356 7.72 -30.74 -45.00
C PRO D 356 8.84 -30.95 -43.95
N PHE D 357 8.78 -30.13 -42.90
CA PHE D 357 9.75 -30.16 -41.81
C PHE D 357 9.03 -30.27 -40.47
N SER D 358 9.75 -30.78 -39.47
CA SER D 358 9.21 -30.95 -38.11
C SER D 358 9.55 -29.77 -37.18
N ALA D 359 10.10 -28.68 -37.73
CA ALA D 359 10.49 -27.52 -36.93
C ALA D 359 9.25 -26.71 -36.50
N ARG D 360 8.78 -27.00 -35.29
CA ARG D 360 7.73 -26.23 -34.60
C ARG D 360 6.28 -26.53 -35.04
N VAL D 361 6.06 -26.86 -36.31
CA VAL D 361 4.72 -27.15 -36.83
C VAL D 361 4.04 -28.35 -36.15
N LEU D 362 4.83 -29.36 -35.78
CA LEU D 362 4.31 -30.58 -35.13
C LEU D 362 3.73 -30.30 -33.75
N VAL D 363 4.42 -29.48 -32.95
CA VAL D 363 3.96 -29.12 -31.60
C VAL D 363 2.65 -28.32 -31.66
N LEU D 364 2.54 -27.42 -32.64
CA LEU D 364 1.33 -26.61 -32.84
C LEU D 364 0.18 -27.41 -33.43
N CYS D 365 0.50 -28.35 -34.32
CA CYS D 365 -0.50 -29.25 -34.90
C CYS D 365 -1.07 -30.21 -33.84
N VAL D 366 -0.22 -30.66 -32.92
CA VAL D 366 -0.65 -31.43 -31.76
C VAL D 366 -1.46 -30.56 -30.78
N PHE D 367 -1.00 -29.33 -30.56
CA PHE D 367 -1.68 -28.40 -29.63
C PHE D 367 -3.07 -27.99 -30.10
N ASN D 368 -3.17 -27.55 -31.36
CA ASN D 368 -4.45 -27.14 -31.94
C ASN D 368 -5.44 -28.30 -32.17
N SER D 369 -4.94 -29.53 -32.21
CA SER D 369 -5.78 -30.74 -32.31
C SER D 369 -6.30 -31.27 -30.96
N ILE D 370 -5.89 -30.66 -29.84
CA ILE D 370 -6.43 -31.00 -28.52
C ILE D 370 -7.90 -30.66 -28.43
N LEU D 371 -8.22 -29.38 -28.68
CA LEU D 371 -9.59 -28.85 -28.52
C LEU D 371 -10.66 -29.60 -29.34
N PRO D 372 -10.32 -30.07 -30.56
CA PRO D 372 -11.16 -31.06 -31.26
C PRO D 372 -11.21 -32.40 -30.54
N GLY D 373 -10.04 -32.92 -30.16
CA GLY D 373 -9.93 -34.19 -29.44
C GLY D 373 -10.73 -34.30 -28.16
N VAL D 374 -10.80 -33.20 -27.39
CA VAL D 374 -11.54 -33.17 -26.13
C VAL D 374 -13.05 -33.33 -26.38
N LEU D 375 -13.55 -32.61 -27.39
CA LEU D 375 -14.97 -32.71 -27.77
C LEU D 375 -15.31 -34.05 -28.41
N ILE D 376 -14.41 -34.60 -29.22
CA ILE D 376 -14.57 -35.94 -29.80
C ILE D 376 -14.67 -37.01 -28.70
N LEU D 377 -13.83 -36.90 -27.67
CA LEU D 377 -13.85 -37.83 -26.53
C LEU D 377 -15.15 -37.75 -25.73
N PHE D 378 -15.65 -36.53 -25.53
CA PHE D 378 -16.92 -36.31 -24.83
C PHE D 378 -18.14 -36.75 -25.66
N LEU D 379 -18.11 -36.46 -26.95
CA LEU D 379 -19.21 -36.87 -27.85
C LEU D 379 -19.26 -38.38 -28.07
N THR D 380 -18.12 -39.02 -28.29
CA THR D 380 -18.07 -40.49 -28.47
C THR D 380 -18.50 -41.24 -27.20
N PHE D 381 -18.28 -40.63 -26.03
CA PHE D 381 -18.83 -41.15 -24.78
C PHE D 381 -20.35 -41.00 -24.75
N PHE D 382 -20.82 -39.75 -24.77
CA PHE D 382 -22.25 -39.44 -24.57
C PHE D 382 -23.12 -40.06 -25.66
N ALA D 383 -22.72 -39.92 -26.91
CA ALA D 383 -23.48 -40.43 -28.06
C ALA D 383 -23.68 -41.94 -27.97
N PHE D 384 -22.56 -42.68 -27.98
CA PHE D 384 -22.61 -44.13 -28.01
C PHE D 384 -22.88 -44.72 -26.62
N LEU D 385 -21.93 -44.53 -25.70
CA LEU D 385 -21.94 -45.28 -24.45
C LEU D 385 -23.19 -45.01 -23.63
N HIS D 386 -23.39 -43.77 -23.21
CA HIS D 386 -24.56 -43.40 -22.40
C HIS D 386 -25.87 -43.43 -23.17
N CYS D 387 -25.98 -42.55 -24.17
CA CYS D 387 -27.27 -42.24 -24.80
C CYS D 387 -27.83 -43.35 -25.69
N TRP D 388 -26.97 -43.97 -26.49
CA TRP D 388 -27.38 -45.06 -27.38
C TRP D 388 -27.76 -46.33 -26.61
N LEU D 389 -26.98 -46.69 -25.59
CA LEU D 389 -27.30 -47.88 -24.77
C LEU D 389 -28.52 -47.69 -23.87
N ASN D 390 -28.69 -46.51 -23.28
CA ASN D 390 -29.91 -46.17 -22.51
C ASN D 390 -31.18 -46.27 -23.36
N ALA D 391 -31.07 -45.86 -24.62
CA ALA D 391 -32.19 -45.94 -25.56
C ALA D 391 -32.61 -47.39 -25.84
N PHE D 392 -31.63 -48.25 -26.10
CA PHE D 392 -31.87 -49.68 -26.26
C PHE D 392 -32.23 -50.37 -24.93
N ALA D 393 -31.67 -49.89 -23.83
CA ALA D 393 -32.01 -50.39 -22.48
C ALA D 393 -33.44 -50.03 -22.03
N GLU D 394 -34.00 -48.96 -22.62
CA GLU D 394 -35.40 -48.58 -22.37
C GLU D 394 -36.34 -49.20 -23.41
N MET D 395 -35.95 -49.16 -24.69
CA MET D 395 -36.74 -49.75 -25.78
C MET D 395 -36.97 -51.25 -25.54
N LEU D 396 -35.88 -51.97 -25.33
CA LEU D 396 -35.91 -53.37 -24.92
C LEU D 396 -35.69 -53.39 -23.41
N ARG D 397 -36.61 -54.03 -22.68
CA ARG D 397 -36.64 -53.96 -21.21
C ARG D 397 -35.32 -54.39 -20.56
N PHE D 398 -34.69 -53.46 -19.84
CA PHE D 398 -33.41 -53.70 -19.18
C PHE D 398 -33.25 -52.75 -17.98
N GLY D 399 -32.86 -53.31 -16.84
CA GLY D 399 -32.91 -52.59 -15.55
C GLY D 399 -31.60 -52.09 -14.96
N ASP D 400 -30.47 -52.67 -15.37
CA ASP D 400 -29.18 -52.37 -14.74
C ASP D 400 -28.69 -50.95 -15.05
N ARG D 401 -28.43 -50.67 -16.33
CA ARG D 401 -28.03 -49.34 -16.81
C ARG D 401 -26.83 -48.66 -16.13
N MET D 402 -26.04 -49.42 -15.36
CA MET D 402 -24.89 -48.89 -14.65
C MET D 402 -23.65 -49.42 -15.38
N PHE D 403 -23.52 -48.96 -16.63
CA PHE D 403 -22.45 -49.40 -17.53
C PHE D 403 -21.32 -48.36 -17.68
N TYR D 404 -21.44 -47.23 -16.98
CA TYR D 404 -20.33 -46.30 -16.73
C TYR D 404 -20.49 -45.68 -15.34
N LYS D 405 -19.38 -45.22 -14.79
CA LYS D 405 -19.32 -44.67 -13.43
C LYS D 405 -18.64 -43.31 -13.42
N ASP D 406 -18.57 -42.68 -12.26
CA ASP D 406 -17.87 -41.37 -12.11
C ASP D 406 -16.34 -41.49 -12.26
N TRP D 407 -15.87 -41.45 -13.51
CA TRP D 407 -14.43 -41.36 -13.81
C TRP D 407 -13.92 -39.91 -13.78
N TRP D 408 -14.83 -38.94 -13.71
CA TRP D 408 -14.50 -37.51 -13.78
C TRP D 408 -13.55 -37.07 -12.68
N ASN D 409 -13.79 -37.59 -11.47
CA ASN D 409 -12.98 -37.29 -10.28
C ASN D 409 -12.16 -38.50 -9.79
N SER D 410 -11.95 -39.48 -10.66
CA SER D 410 -11.16 -40.67 -10.33
C SER D 410 -9.69 -40.30 -10.29
N THR D 411 -8.94 -40.96 -9.42
CA THR D 411 -7.48 -40.90 -9.45
C THR D 411 -7.03 -41.53 -10.76
N SER D 412 -5.97 -40.99 -11.35
CA SER D 412 -5.54 -41.38 -12.69
C SER D 412 -5.41 -42.89 -12.81
N TYR D 413 -6.30 -43.49 -13.60
CA TYR D 413 -6.22 -44.91 -13.96
C TYR D 413 -6.30 -45.87 -12.77
N SER D 414 -6.99 -45.42 -11.72
CA SER D 414 -7.29 -46.23 -10.55
C SER D 414 -8.67 -46.83 -10.79
N ASN D 415 -9.63 -45.94 -10.99
CA ASN D 415 -10.99 -46.29 -11.38
C ASN D 415 -11.26 -46.06 -12.87
N TYR D 416 -10.55 -45.12 -13.51
CA TYR D 416 -10.74 -44.76 -14.94
C TYR D 416 -10.83 -45.98 -15.87
N TYR D 417 -9.98 -46.98 -15.64
CA TYR D 417 -10.01 -48.24 -16.40
C TYR D 417 -11.35 -48.95 -16.27
N ARG D 418 -11.82 -49.10 -15.03
CA ARG D 418 -13.07 -49.80 -14.73
C ARG D 418 -14.30 -48.95 -15.06
N THR D 419 -14.26 -47.70 -14.62
CA THR D 419 -15.42 -46.80 -14.65
C THR D 419 -15.80 -46.26 -16.03
N TRP D 420 -14.87 -46.26 -16.98
CA TRP D 420 -15.13 -45.72 -18.32
C TRP D 420 -16.20 -46.54 -19.05
N ASN D 421 -15.86 -47.73 -19.53
CA ASN D 421 -16.85 -48.73 -19.95
C ASN D 421 -16.84 -49.80 -18.88
N VAL D 422 -18.02 -50.09 -18.33
CA VAL D 422 -18.16 -51.21 -17.39
C VAL D 422 -18.50 -52.49 -18.17
N VAL D 423 -19.36 -52.38 -19.19
CA VAL D 423 -19.75 -53.54 -20.02
C VAL D 423 -18.58 -54.28 -20.67
N VAL D 424 -17.60 -53.53 -21.19
CA VAL D 424 -16.42 -54.10 -21.84
C VAL D 424 -15.31 -54.39 -20.81
N HIS D 425 -15.24 -53.60 -19.74
CA HIS D 425 -14.34 -53.89 -18.62
C HIS D 425 -14.70 -55.21 -17.94
N ASP D 426 -15.98 -55.36 -17.60
CA ASP D 426 -16.48 -56.60 -16.98
C ASP D 426 -16.25 -57.81 -17.88
N TRP D 427 -16.44 -57.62 -19.20
CA TRP D 427 -16.06 -58.64 -20.18
C TRP D 427 -14.60 -59.08 -20.00
N LEU D 428 -13.69 -58.11 -19.95
CA LEU D 428 -12.26 -58.39 -19.80
C LEU D 428 -11.89 -58.89 -18.40
N TYR D 429 -12.49 -58.28 -17.38
CA TYR D 429 -12.22 -58.65 -15.99
C TYR D 429 -12.64 -60.09 -15.69
N TYR D 430 -13.88 -60.43 -16.01
CA TYR D 430 -14.43 -61.74 -15.68
C TYR D 430 -13.94 -62.87 -16.59
N TYR D 431 -13.83 -62.61 -17.90
CA TYR D 431 -13.57 -63.68 -18.88
C TYR D 431 -12.17 -63.73 -19.51
N ALA D 432 -11.40 -62.64 -19.41
CA ALA D 432 -9.99 -62.64 -19.85
C ALA D 432 -9.04 -62.64 -18.65
N TYR D 433 -9.20 -61.67 -17.77
CA TYR D 433 -8.32 -61.49 -16.60
C TYR D 433 -8.49 -62.61 -15.56
N LYS D 434 -9.72 -62.80 -15.08
CA LYS D 434 -10.02 -63.81 -14.05
C LYS D 434 -9.88 -65.25 -14.55
N ASP D 435 -10.21 -65.50 -15.82
CA ASP D 435 -10.01 -66.82 -16.44
C ASP D 435 -8.53 -67.14 -16.65
N PHE D 436 -7.73 -66.12 -16.95
CA PHE D 436 -6.26 -66.25 -17.00
C PHE D 436 -5.74 -66.58 -15.60
N LEU D 437 -6.20 -65.82 -14.60
CA LEU D 437 -5.85 -66.09 -13.19
C LEU D 437 -6.32 -67.47 -12.71
N TRP D 438 -7.47 -67.94 -13.22
CA TRP D 438 -7.94 -69.30 -12.95
C TRP D 438 -7.03 -70.36 -13.60
N PHE D 439 -6.62 -70.11 -14.84
CA PHE D 439 -5.76 -71.05 -15.58
C PHE D 439 -4.36 -71.17 -14.95
N PHE D 440 -3.85 -70.06 -14.43
CA PHE D 440 -2.59 -70.04 -13.65
C PHE D 440 -2.82 -70.10 -12.13
N SER D 441 -4.06 -70.35 -11.72
CA SER D 441 -4.46 -70.65 -10.33
C SER D 441 -4.53 -69.42 -9.41
N LYS D 442 -3.38 -68.88 -9.02
CA LYS D 442 -3.32 -67.73 -8.12
C LYS D 442 -1.91 -67.12 -8.08
N ARG D 443 -1.83 -65.86 -7.66
CA ARG D 443 -0.58 -65.16 -7.37
C ARG D 443 0.29 -64.88 -8.59
N PHE D 444 -0.02 -63.79 -9.28
CA PHE D 444 0.82 -63.25 -10.34
C PHE D 444 0.81 -61.72 -10.29
N LYS D 445 -0.32 -61.11 -10.63
CA LYS D 445 -0.47 -59.64 -10.72
C LYS D 445 0.62 -59.04 -11.62
N SER D 446 0.92 -59.73 -12.72
CA SER D 446 2.06 -59.42 -13.59
C SER D 446 1.72 -59.72 -15.05
N ALA D 447 2.19 -60.86 -15.59
CA ALA D 447 1.98 -61.21 -17.00
C ALA D 447 0.50 -61.38 -17.38
N ALA D 448 -0.34 -61.70 -16.39
CA ALA D 448 -1.79 -61.66 -16.55
C ALA D 448 -2.29 -60.24 -16.85
N MET D 449 -1.76 -59.28 -16.09
CA MET D 449 -2.04 -57.85 -16.30
C MET D 449 -1.46 -57.34 -17.62
N LEU D 450 -0.30 -57.87 -18.01
CA LEU D 450 0.31 -57.58 -19.32
C LEU D 450 -0.53 -58.15 -20.48
N ALA D 451 -1.04 -59.37 -20.29
CA ALA D 451 -1.83 -60.06 -21.32
C ALA D 451 -3.18 -59.40 -21.60
N VAL D 452 -3.87 -58.95 -20.54
CA VAL D 452 -5.14 -58.24 -20.69
C VAL D 452 -4.96 -56.83 -21.29
N PHE D 453 -3.85 -56.16 -20.95
CA PHE D 453 -3.47 -54.90 -21.62
C PHE D 453 -3.03 -55.14 -23.07
N ALA D 454 -2.38 -56.28 -23.33
CA ALA D 454 -1.95 -56.64 -24.68
C ALA D 454 -3.14 -56.91 -25.59
N VAL D 455 -4.03 -57.82 -25.18
CA VAL D 455 -5.23 -58.15 -25.96
C VAL D 455 -6.15 -56.94 -26.19
N SER D 456 -6.24 -56.05 -25.20
CA SER D 456 -7.02 -54.82 -25.34
C SER D 456 -6.40 -53.86 -26.35
N ALA D 457 -5.09 -53.70 -26.28
CA ALA D 457 -4.34 -52.87 -27.24
C ALA D 457 -4.33 -53.48 -28.65
N VAL D 458 -4.19 -54.81 -28.73
CA VAL D 458 -4.18 -55.53 -30.02
C VAL D 458 -5.55 -55.46 -30.73
N VAL D 459 -6.64 -55.49 -29.97
CA VAL D 459 -7.99 -55.33 -30.54
C VAL D 459 -8.22 -53.91 -31.06
N HIS D 460 -7.68 -52.90 -30.37
CA HIS D 460 -7.80 -51.49 -30.80
C HIS D 460 -6.98 -51.18 -32.04
N GLU D 461 -5.68 -51.48 -31.97
CA GLU D 461 -4.76 -51.26 -33.10
C GLU D 461 -5.20 -51.98 -34.38
N TYR D 462 -5.75 -53.18 -34.23
CA TYR D 462 -6.30 -53.94 -35.35
C TYR D 462 -7.51 -53.24 -35.97
N ALA D 463 -8.47 -52.88 -35.12
CA ALA D 463 -9.71 -52.22 -35.57
C ALA D 463 -9.45 -50.92 -36.32
N LEU D 464 -8.49 -50.15 -35.81
CA LEU D 464 -8.06 -48.90 -36.45
C LEU D 464 -7.25 -49.16 -37.73
N ALA D 465 -6.44 -50.22 -37.73
CA ALA D 465 -5.63 -50.60 -38.90
C ALA D 465 -6.46 -51.03 -40.11
N VAL D 466 -7.56 -51.72 -39.87
CA VAL D 466 -8.42 -52.23 -40.96
C VAL D 466 -9.09 -51.08 -41.72
N CYS D 467 -9.63 -50.10 -41.00
CA CYS D 467 -10.47 -49.04 -41.61
C CYS D 467 -9.70 -48.11 -42.55
N LEU D 468 -8.51 -47.66 -42.14
CA LEU D 468 -7.69 -46.79 -42.98
C LEU D 468 -6.72 -47.59 -43.87
N SER D 469 -6.66 -48.92 -43.68
CA SER D 469 -5.81 -49.84 -44.46
C SER D 469 -4.29 -49.60 -44.35
N PHE D 470 -3.89 -48.67 -43.48
CA PHE D 470 -2.50 -48.39 -43.20
C PHE D 470 -2.31 -48.71 -41.72
N PHE D 471 -1.06 -48.90 -41.33
CA PHE D 471 -0.73 -49.52 -40.07
C PHE D 471 -0.24 -48.47 -39.05
N TYR D 472 1.06 -48.15 -39.05
CA TYR D 472 1.63 -47.08 -38.20
C TYR D 472 0.94 -46.91 -36.83
N PRO D 473 0.98 -47.95 -35.97
CA PRO D 473 0.35 -47.77 -34.67
C PRO D 473 1.32 -47.28 -33.60
N VAL D 474 1.42 -45.96 -33.47
CA VAL D 474 1.95 -45.34 -32.24
C VAL D 474 0.93 -45.56 -31.11
N LEU D 475 -0.32 -45.79 -31.50
CA LEU D 475 -1.39 -46.18 -30.59
C LEU D 475 -1.03 -47.37 -29.70
N PHE D 476 -0.47 -48.42 -30.28
CA PHE D 476 -0.02 -49.59 -29.50
C PHE D 476 1.10 -49.22 -28.53
N VAL D 477 2.07 -48.43 -28.99
CA VAL D 477 3.17 -47.97 -28.13
C VAL D 477 2.64 -47.05 -27.02
N LEU D 478 1.67 -46.22 -27.36
CA LEU D 478 1.00 -45.33 -26.40
C LEU D 478 0.10 -46.09 -25.41
N PHE D 479 -0.50 -47.19 -25.85
CA PHE D 479 -1.29 -48.06 -24.97
C PHE D 479 -0.40 -49.05 -24.19
N MET D 480 0.68 -49.52 -24.79
CA MET D 480 1.57 -50.51 -24.17
C MET D 480 2.46 -49.86 -23.11
N PHE D 481 3.28 -48.90 -23.52
CA PHE D 481 4.25 -48.27 -22.61
C PHE D 481 3.55 -47.50 -21.50
N PHE D 482 2.67 -46.58 -21.89
CA PHE D 482 2.02 -45.67 -20.96
C PHE D 482 0.89 -46.33 -20.17
N GLY D 483 0.09 -47.17 -20.82
CA GLY D 483 -0.98 -47.93 -20.15
C GLY D 483 -0.48 -48.80 -18.99
N MET D 484 0.77 -49.27 -19.08
CA MET D 484 1.43 -49.93 -17.95
C MET D 484 1.82 -48.86 -16.93
N ALA D 485 2.58 -47.87 -17.39
CA ALA D 485 3.08 -46.78 -16.53
C ALA D 485 1.98 -46.15 -15.70
N PHE D 486 0.83 -45.89 -16.32
CA PHE D 486 -0.33 -45.33 -15.63
C PHE D 486 -1.11 -46.29 -14.73
N ASN D 487 -0.60 -47.49 -14.46
CA ASN D 487 -1.23 -48.39 -13.48
C ASN D 487 -0.27 -48.88 -12.40
N PHE D 488 0.94 -49.29 -12.80
CA PHE D 488 1.91 -49.87 -11.87
C PHE D 488 2.62 -48.83 -10.98
N ILE D 489 3.02 -47.70 -11.55
CA ILE D 489 3.70 -46.63 -10.77
C ILE D 489 2.75 -45.54 -10.22
N VAL D 490 1.44 -45.73 -10.40
CA VAL D 490 0.42 -44.82 -9.83
C VAL D 490 -0.29 -45.38 -8.61
N ASN D 491 -0.62 -46.68 -8.62
CA ASN D 491 -1.41 -47.34 -7.56
C ASN D 491 -2.86 -46.82 -7.48
N ASP D 492 -3.67 -47.54 -6.68
CA ASP D 492 -5.08 -47.21 -6.48
C ASP D 492 -5.32 -46.44 -5.17
N SER D 493 -4.44 -46.61 -4.18
CA SER D 493 -4.60 -46.01 -2.85
C SER D 493 -4.36 -44.49 -2.76
N ARG D 494 -3.84 -43.87 -3.83
CA ARG D 494 -3.60 -42.42 -3.87
C ARG D 494 -4.91 -41.63 -3.78
N LYS D 495 -4.92 -40.60 -2.93
CA LYS D 495 -6.14 -39.83 -2.63
C LYS D 495 -6.03 -38.31 -2.85
N LYS D 496 -4.86 -37.82 -3.29
CA LYS D 496 -4.65 -36.37 -3.43
C LYS D 496 -5.38 -35.86 -4.70
N PRO D 497 -5.99 -34.66 -4.64
CA PRO D 497 -6.70 -34.14 -5.83
C PRO D 497 -5.81 -33.76 -7.02
N ILE D 498 -4.51 -33.51 -6.77
CA ILE D 498 -3.55 -33.21 -7.84
C ILE D 498 -3.39 -34.33 -8.87
N TRP D 499 -3.59 -35.59 -8.46
CA TRP D 499 -3.54 -36.73 -9.37
C TRP D 499 -4.67 -36.75 -10.41
N ASN D 500 -5.81 -36.15 -10.08
CA ASN D 500 -6.90 -35.95 -11.04
C ASN D 500 -6.49 -34.97 -12.14
N VAL D 501 -5.75 -33.93 -11.76
CA VAL D 501 -5.19 -32.96 -12.71
C VAL D 501 -4.18 -33.64 -13.65
N LEU D 502 -3.28 -34.46 -13.07
CA LEU D 502 -2.28 -35.20 -13.86
C LEU D 502 -2.89 -36.27 -14.77
N MET D 503 -4.03 -36.85 -14.37
CA MET D 503 -4.81 -37.73 -15.26
C MET D 503 -5.34 -36.93 -16.46
N TRP D 504 -6.00 -35.83 -16.14
CA TRP D 504 -6.70 -35.03 -17.11
C TRP D 504 -5.74 -34.31 -18.07
N THR D 505 -4.52 -34.04 -17.60
CA THR D 505 -3.43 -33.57 -18.46
C THR D 505 -3.01 -34.67 -19.43
N SER D 506 -2.77 -35.87 -18.91
CA SER D 506 -2.33 -37.01 -19.73
C SER D 506 -3.40 -37.46 -20.73
N LEU D 507 -4.66 -37.45 -20.32
CA LEU D 507 -5.77 -37.81 -21.22
C LEU D 507 -5.94 -36.82 -22.36
N PHE D 508 -5.89 -35.52 -22.04
CA PHE D 508 -5.92 -34.44 -23.03
C PHE D 508 -4.80 -34.53 -24.07
N LEU D 509 -3.57 -34.72 -23.58
CA LEU D 509 -2.40 -34.82 -24.47
C LEU D 509 -2.40 -36.11 -25.28
N GLY D 510 -2.74 -37.23 -24.62
CA GLY D 510 -2.81 -38.54 -25.28
C GLY D 510 -3.77 -38.62 -26.44
N ASN D 511 -4.97 -38.07 -26.24
CA ASN D 511 -6.00 -38.05 -27.28
C ASN D 511 -5.70 -37.01 -28.37
N GLY D 512 -5.08 -35.89 -27.98
CA GLY D 512 -4.64 -34.86 -28.92
C GLY D 512 -3.52 -35.33 -29.85
N VAL D 513 -2.55 -36.04 -29.28
CA VAL D 513 -1.47 -36.67 -30.04
C VAL D 513 -2.01 -37.77 -30.97
N LEU D 514 -3.02 -38.50 -30.50
CA LEU D 514 -3.68 -39.57 -31.27
C LEU D 514 -4.35 -39.02 -32.53
N LEU D 515 -5.27 -38.07 -32.34
CA LEU D 515 -6.04 -37.48 -33.45
C LEU D 515 -5.16 -36.74 -34.45
N CYS D 516 -4.12 -36.08 -33.94
CA CYS D 516 -3.15 -35.36 -34.79
C CYS D 516 -2.41 -36.30 -35.73
N PHE D 517 -1.73 -37.28 -35.15
CA PHE D 517 -0.83 -38.18 -35.89
C PHE D 517 -1.56 -39.09 -36.89
N TYR D 518 -2.79 -39.49 -36.56
CA TYR D 518 -3.58 -40.37 -37.43
C TYR D 518 -4.21 -39.64 -38.61
N SER D 519 -4.84 -38.50 -38.33
CA SER D 519 -5.43 -37.67 -39.39
C SER D 519 -4.36 -37.02 -40.29
N GLN D 520 -3.16 -36.78 -39.74
CA GLN D 520 -1.99 -36.44 -40.55
C GLN D 520 -1.63 -37.57 -41.52
N GLU D 521 -1.53 -38.77 -40.98
CA GLU D 521 -1.15 -39.96 -41.74
C GLU D 521 -2.18 -40.34 -42.82
N TRP D 522 -3.46 -40.11 -42.54
CA TRP D 522 -4.53 -40.40 -43.51
C TRP D 522 -4.48 -39.48 -44.72
N TYR D 523 -4.41 -38.18 -44.48
CA TYR D 523 -4.28 -37.19 -45.56
C TYR D 523 -2.89 -37.20 -46.22
N ALA D 524 -1.87 -37.73 -45.54
CA ALA D 524 -0.53 -37.91 -46.12
C ALA D 524 -0.52 -38.92 -47.27
N ARG D 525 -1.41 -39.93 -47.20
CA ARG D 525 -1.54 -40.95 -48.26
C ARG D 525 -2.71 -40.64 -49.23
N GLN D 526 -2.73 -39.41 -49.74
CA GLN D 526 -3.71 -38.99 -50.76
C GLN D 526 -3.17 -37.82 -51.58
C1 OLA E . 6.14 1.72 11.92
O1 OLA E . 5.34 2.29 12.70
O2 OLA E . 6.04 1.83 10.68
C2 OLA E . 7.26 0.88 12.48
C3 OLA E . 7.47 1.10 13.96
C4 OLA E . 8.67 0.35 14.51
C5 OLA E . 9.81 1.30 14.86
C6 OLA E . 11.18 0.64 14.74
C7 OLA E . 12.12 1.49 13.93
C8 OLA E . 13.55 1.00 14.08
C9 OLA E . 14.25 0.96 12.73
C10 OLA E . 15.57 1.02 12.60
C11 OLA E . 16.49 1.10 13.79
C12 OLA E . 17.90 1.52 13.36
C13 OLA E . 18.94 0.52 13.82
C14 OLA E . 19.44 0.85 15.22
C15 OLA E . 20.05 -0.29 16.04
C16 OLA E . 19.49 -1.65 15.65
C17 OLA E . 20.02 -2.89 16.37
C18 OLA E . 20.59 -2.61 17.73
C1 CLR F . 10.20 -8.95 -10.35
C2 CLR F . 11.54 -8.38 -10.80
C3 CLR F . 11.39 -7.35 -11.93
C4 CLR F . 10.34 -6.26 -11.64
C5 CLR F . 9.10 -6.80 -10.95
C6 CLR F . 7.89 -6.36 -11.40
C7 CLR F . 6.62 -6.41 -10.59
C8 CLR F . 6.77 -7.39 -9.43
C9 CLR F . 7.81 -8.50 -9.75
C10 CLR F . 9.21 -7.89 -9.87
C11 CLR F . 7.78 -9.78 -8.88
C12 CLR F . 6.40 -10.15 -8.35
C13 CLR F . 5.63 -8.92 -7.82
C14 CLR F . 5.45 -8.03 -9.04
C15 CLR F . 4.27 -7.13 -8.72
C16 CLR F . 3.32 -8.10 -8.02
C17 CLR F . 4.18 -9.25 -7.44
C18 CLR F . 6.40 -8.17 -6.69
C19 CLR F . 9.71 -7.35 -8.50
C20 CLR F . 3.88 -9.67 -5.98
C21 CLR F . 3.65 -8.47 -5.04
C22 CLR F . 4.89 -10.66 -5.32
C23 CLR F . 4.52 -12.13 -5.17
C24 CLR F . 3.31 -12.60 -5.97
C25 CLR F . 1.99 -12.60 -5.20
C26 CLR F . 1.78 -14.00 -4.65
C27 CLR F . 1.75 -11.53 -4.11
O1 CLR F . 12.68 -6.77 -12.15
C1 CLR G . 13.62 -20.90 26.69
C2 CLR G . 12.78 -20.95 27.97
C3 CLR G . 13.43 -20.20 29.12
C4 CLR G . 13.73 -18.74 28.73
C5 CLR G . 14.44 -18.63 27.40
C6 CLR G . 15.45 -17.73 27.27
C7 CLR G . 16.38 -17.68 26.07
C8 CLR G . 15.57 -18.09 24.86
C9 CLR G . 15.01 -19.50 25.11
C10 CLR G . 13.93 -19.47 26.22
C11 CLR G . 14.58 -20.30 23.86
C12 CLR G . 15.27 -19.96 22.54
C13 CLR G . 15.46 -18.47 22.35
C14 CLR G . 16.33 -18.03 23.52
C15 CLR G . 16.92 -16.70 23.09
C16 CLR G . 17.14 -16.89 21.59
C17 CLR G . 16.29 -18.08 21.10
C18 CLR G . 14.09 -17.74 22.34
C19 CLR G . 12.64 -18.78 25.74
C20 CLR G . 15.55 -17.76 19.79
C21 CLR G . 14.45 -18.74 19.35
C22 CLR G . 16.54 -17.61 18.64
C23 CLR G . 15.97 -16.76 17.49
C24 CLR G . 16.47 -17.18 16.11
C25 CLR G . 17.98 -17.31 15.92
C26 CLR G . 18.80 -16.13 16.46
C27 CLR G . 18.56 -18.66 16.36
O1 CLR G . 12.54 -20.26 30.25
C1 CLR H . 11.30 21.16 24.50
C2 CLR H . 11.92 21.63 25.82
C3 CLR H . 13.20 20.87 26.11
C4 CLR H . 14.22 21.10 24.98
C5 CLR H . 13.63 20.82 23.61
C6 CLR H . 14.40 20.21 22.68
C7 CLR H . 13.83 19.58 21.44
C8 CLR H . 12.72 20.50 20.97
C9 CLR H . 11.65 20.61 22.07
C10 CLR H . 12.23 21.36 23.29
C11 CLR H . 10.27 21.13 21.59
C12 CLR H . 9.85 20.74 20.15
C13 CLR H . 10.98 20.90 19.15
C14 CLR H . 12.11 20.03 19.65
C15 CLR H . 13.08 19.92 18.49
C16 CLR H . 12.21 20.07 17.26
C17 CLR H . 10.77 20.27 17.75
C18 CLR H . 11.38 22.39 19.03
C19 CLR H . 12.40 22.86 23.00
C20 CLR H . 9.88 21.00 16.72
C21 CLR H . 8.43 21.12 17.19
C22 CLR H . 9.92 20.38 15.32
C23 CLR H . 9.78 21.45 14.25
C24 CLR H . 9.34 20.84 12.92
C25 CLR H . 8.76 21.82 11.89
C26 CLR H . 7.32 22.19 12.25
C27 CLR H . 9.63 23.04 11.62
O1 CLR H . 13.74 21.30 27.37
C10 ROV I . 19.10 3.70 20.14
C11 ROV I . 19.94 2.59 19.54
C12 ROV I . 18.37 3.22 21.43
C14 ROV I . 18.63 5.52 17.18
C01 ROV I . 20.79 9.13 17.90
C02 ROV I . 21.55 7.76 18.02
C03 ROV I . 23.11 7.96 17.96
C04 ROV I . 21.10 6.97 19.26
C05 ROV I . 20.35 5.78 19.14
C06 ROV I . 19.94 5.04 20.31
C07 ROV I . 20.29 5.52 21.57
C08 ROV I . 21.03 6.71 21.70
C09 ROV I . 21.44 7.42 20.52
N13 ROV I . 19.98 5.26 17.79
O15 ROV I . 17.80 6.13 17.79
N16 ROV I . 18.33 4.97 15.81
C17 ROV I . 17.01 5.15 15.14
C18 ROV I . 17.00 6.33 14.12
C19 ROV I . 16.53 7.74 14.91
C20 ROV I . 16.08 8.60 13.95
C21 ROV I . 15.67 7.65 12.70
C22 ROV I . 15.93 6.17 13.25
C23 ROV I . 18.37 6.42 13.36
C24 ROV I . 19.21 7.55 13.41
C25 ROV I . 20.44 7.57 12.71
C26 ROV I . 20.83 6.47 11.97
C27 ROV I . 20.02 5.34 11.91
C28 ROV I . 18.79 5.32 12.61
N29 ROV I . 22.10 6.52 11.25
C30 ROV I . 23.25 5.80 11.76
C31 ROV I . 22.18 7.31 10.02
N1A COA J . 16.70 1.15 36.24
C2A COA J . 17.72 0.28 36.19
N3A COA J . 18.89 0.59 36.71
C4A COA J . 19.13 1.78 37.32
C5A COA J . 18.10 2.68 37.40
C6A COA J . 16.85 2.33 36.82
N6A COA J . 15.74 3.24 36.88
N7A COA J . 18.59 3.78 38.05
C8A COA J . 19.86 3.54 38.37
N9A COA J . 20.22 2.33 37.94
C1B COA J . 21.54 1.75 38.09
C2B COA J . 21.60 0.88 39.12
O2B COA J . 22.94 0.93 39.76
C3B COA J . 21.36 -0.46 38.50
O3B COA J . 21.88 -1.49 39.23
P3B COA J . 21.16 -2.97 39.26
O7A COA J . 19.82 -2.97 38.58
O8A COA J . 20.98 -3.39 40.69
O9A COA J . 22.05 -3.97 38.56
C4B COA J . 22.08 -0.32 37.10
O4B COA J . 21.94 0.91 36.76
C5B COA J . 21.43 -1.26 36.06
O5B COA J . 22.14 -1.14 34.81
P1A COA J . 21.37 -1.63 33.41
O1A COA J . 19.87 -1.67 33.58
O2A COA J . 21.86 -3.01 33.00
O3A COA J . 21.75 -0.53 32.26
P2A COA J . 21.04 -0.64 30.79
O4A COA J . 21.38 -2.00 30.25
O5A COA J . 19.54 -0.53 30.95
O6A COA J . 21.52 0.60 29.81
CBP COA J . 21.96 -0.29 27.51
CCP COA J . 22.50 0.46 28.80
CDP COA J . 20.42 -0.47 27.55
CEP COA J . 22.69 -1.65 27.36
CAP COA J . 22.21 0.60 26.26
OAP COA J . 23.58 0.93 26.24
C9P COA J . 21.82 -0.04 24.89
O9P COA J . 21.34 -1.12 24.78
N8P COA J . 22.00 0.67 23.60
C7P COA J . 22.58 2.03 23.54
C6P COA J . 24.00 1.90 22.93
C5P COA J . 23.94 2.53 21.55
O5P COA J . 23.16 2.13 20.73
N4P COA J . 24.81 3.64 21.24
C3P COA J . 24.75 4.26 19.94
C2P COA J . 25.58 5.55 19.96
S1P COA J . 24.94 6.82 21.11
C1 OLA K . 20.04 50.50 36.65
O1 OLA K . 19.96 50.20 37.87
O2 OLA K . 21.07 50.98 36.14
C2 OLA K . 18.83 50.27 35.79
C3 OLA K . 18.04 51.58 35.64
C4 OLA K . 16.65 51.44 35.03
C5 OLA K . 16.60 50.65 33.71
C6 OLA K . 16.09 51.46 32.53
C7 OLA K . 16.96 51.24 31.30
C8 OLA K . 16.76 52.37 30.28
C9 OLA K . 18.06 52.67 29.58
C10 OLA K . 18.17 52.99 28.30
C11 OLA K . 16.96 53.09 27.40
C12 OLA K . 17.38 53.28 25.96
C13 OLA K . 16.42 54.22 25.23
C14 OLA K . 15.37 53.48 24.41
C15 OLA K . 14.12 54.32 24.06
C16 OLA K . 13.50 55.07 25.23
C17 OLA K . 12.90 56.44 24.95
C18 OLA K . 12.02 56.41 23.73
C10 3VV L . 9.80 42.36 6.76
C13 3VV L . 11.06 43.78 9.99
C15 3VV L . 10.12 45.29 11.86
C17 3VV L . 9.64 45.47 14.40
C21 3VV L . 9.69 48.57 17.46
C22 3VV L . 8.87 49.19 18.58
C24 3VV L . 8.62 51.32 19.86
C26 3VV L . 7.28 50.79 20.44
P38 3VV L . -0.84 50.49 23.91
P42 3VV L . -3.39 51.77 24.63
P54 3VV L . -8.93 51.05 22.31
C11 3VV L . 10.94 43.10 7.51
C12 3VV L . 10.33 44.01 8.63
C14 3VV L . 10.11 43.85 11.20
C16 3VV L . 10.72 45.25 13.27
C18 3VV L . 10.02 46.57 15.38
O19 3VV L . 11.14 46.97 15.43
S20 3VV L . 8.79 47.27 16.52
N23 3VV L . 9.39 50.48 18.94
O25 3VV L . 9.03 52.37 20.16
C27 3VV L . 6.37 51.91 20.97
N28 3VV L . 6.04 51.70 22.41
C29 3VV L . 4.68 51.82 22.93
O30 3VV L . 4.57 51.63 24.09
C31 3VV L . 3.48 52.18 22.04
O32 3VV L . 3.84 53.23 21.20
C33 3VV L . 2.21 52.67 22.81
C34 3VV L . 2.52 53.87 23.67
C35 3VV L . 1.16 53.15 21.76
C36 3VV L . 1.58 51.53 23.66
O37 3VV L . 0.46 50.92 22.97
O39 3VV L . -1.66 49.47 23.15
O40 3VV L . -0.30 49.86 25.19
O41 3VV L . -1.75 51.85 24.35
O43 3VV L . -3.65 51.29 26.05
O44 3VV L . -4.00 53.11 24.44
O45 3VV L . -4.03 50.70 23.56
C46 3VV L . -5.42 50.70 23.29
C47 3VV L . -5.86 49.30 22.71
O48 3VV L . -5.24 48.33 23.27
C49 3VV L . -6.27 47.00 23.15
C50 3VV L . -7.49 47.45 23.09
O51 3VV L . -8.18 46.93 21.87
C52 3VV L . -7.37 49.03 23.05
O53 3VV L . -8.16 49.55 22.10
O55 3VV L . -10.39 50.90 21.97
O56 3VV L . -8.82 51.54 23.73
O57 3VV L . -8.30 52.07 21.37
N58 3VV L . -6.06 46.12 24.26
C59 3VV L . -6.13 44.79 24.22
N60 3VV L . -5.90 44.29 25.42
C61 3VV L . -5.69 45.32 26.26
C62 3VV L . -5.41 45.40 27.66
N63 3VV L . -5.29 44.22 28.46
N64 3VV L . -5.26 46.62 28.19
C65 3VV L . -5.38 47.72 27.44
N66 3VV L . -5.65 47.68 26.11
C67 3VV L . -5.80 46.48 25.53
C1 CLR M . 11.88 30.32 27.57
C2 CLR M . 10.64 29.67 26.98
C3 CLR M . 10.00 30.57 25.92
C4 CLR M . 11.01 30.84 24.79
C5 CLR M . 12.35 31.30 25.31
C6 CLR M . 13.01 32.28 24.63
C7 CLR M . 14.12 33.09 25.24
C8 CLR M . 14.96 32.11 26.05
C9 CLR M . 14.08 31.51 27.16
C10 CLR M . 12.98 30.62 26.53
C11 CLR M . 14.86 30.87 28.33
C12 CLR M . 16.24 31.47 28.68
C13 CLR M . 17.07 31.83 27.45
C14 CLR M . 16.20 32.77 26.63
C15 CLR M . 17.14 33.39 25.61
C16 CLR M . 18.49 33.40 26.31
C17 CLR M . 18.29 32.75 27.68
C18 CLR M . 17.46 30.55 26.68
C19 CLR M . 13.56 29.29 26.00
C20 CLR M . 19.59 32.14 28.26
C21 CLR M . 19.40 31.61 29.66
C22 CLR M . 20.80 33.09 28.20
C23 CLR M . 22.09 32.29 28.03
C24 CLR M . 23.32 33.07 28.47
C25 CLR M . 24.48 32.14 28.82
C26 CLR M . 25.81 32.88 28.72
C27 CLR M . 24.28 31.48 30.19
O1 CLR M . 8.82 29.94 25.41
C1 CLR N . -1.09 69.57 35.74
C2 CLR N . -2.36 69.07 36.41
C3 CLR N . -3.14 68.07 35.54
C4 CLR N . -2.25 66.90 35.13
C5 CLR N . -0.90 67.35 34.59
C6 CLR N . -0.38 66.68 33.51
C7 CLR N . 0.82 67.17 32.74
C8 CLR N . 1.75 67.86 33.72
C9 CLR N . 0.99 69.01 34.39
C10 CLR N . -0.13 68.45 35.31
C11 CLR N . 1.87 70.11 35.03
C12 CLR N . 3.30 70.33 34.48
C13 CLR N . 4.00 69.05 34.04
C14 CLR N . 3.03 68.37 33.07
C15 CLR N . 3.86 67.33 32.34
C16 CLR N . 5.20 68.03 32.18
C17 CLR N . 5.26 69.23 33.14
C18 CLR N . 4.30 68.19 35.29
C19 CLR N . 0.47 67.79 36.57
C20 CLR N . 6.68 69.34 33.75
C21 CLR N . 6.83 70.40 34.84
C22 CLR N . 7.80 69.52 32.71
C23 CLR N . 7.77 70.80 31.87
C24 CLR N . 7.06 70.75 30.51
C25 CLR N . 7.77 70.14 29.30
C26 CLR N . 9.09 70.82 28.92
C27 CLR N . 7.90 68.62 29.30
O1 CLR N . -4.28 67.61 36.30
C10 ROV O . 10.36 50.16 23.74
C11 ROV O . 10.90 51.51 23.27
C12 ROV O . 10.68 49.92 25.24
C14 ROV O . 14.11 49.00 23.86
C01 ROV O . 14.33 45.92 21.44
C02 ROV O . 13.72 47.26 20.93
C03 ROV O . 13.77 47.36 19.36
C04 ROV O . 12.31 47.59 21.45
C05 ROV O . 12.06 48.67 22.32
C06 ROV O . 10.72 48.96 22.78
C07 ROV O . 9.67 48.15 22.35
C08 ROV O . 9.91 47.07 21.49
C09 ROV O . 11.24 46.79 21.04
N13 ROV O . 13.20 49.51 22.78
O15 ROV O . 13.90 47.91 24.33
N16 ROV O . 15.29 49.80 24.37
C17 ROV O . 16.17 49.30 25.45
C18 ROV O . 17.33 48.33 25.02
C19 ROV O . 16.81 46.74 25.18
C20 ROV O . 17.93 45.96 25.34
C21 ROV O . 19.10 46.98 25.78
C22 ROV O . 18.33 48.37 25.98
C23 ROV O . 17.90 48.72 23.62
C24 ROV O . 18.00 47.81 22.54
C25 ROV O . 18.53 48.22 21.30
C26 ROV O . 18.95 49.53 21.09
C27 ROV O . 18.84 50.44 22.15
C28 ROV O . 18.32 50.03 23.40
N29 ROV O . 19.50 49.94 19.80
C30 ROV O . 20.63 50.84 19.75
C31 ROV O . 18.90 49.46 18.55
C1 OLA P . -12.30 -3.99 -4.01
O1 OLA P . -12.64 -4.98 -3.31
O2 OLA P . -11.11 -3.69 -4.20
C2 OLA P . -13.36 -3.12 -4.66
C3 OLA P . -14.73 -3.78 -4.63
C4 OLA P . -15.78 -2.97 -5.38
C5 OLA P . -16.18 -3.64 -6.69
C6 OLA P . -16.64 -2.64 -7.75
C7 OLA P . -15.93 -2.91 -9.06
C8 OLA P . -16.62 -2.13 -10.19
C9 OLA P . -15.59 -1.46 -11.06
C10 OLA P . -15.84 -1.10 -12.32
C11 OLA P . -17.18 -1.35 -12.98
C12 OLA P . -17.07 -1.21 -14.50
C13 OLA P . -18.05 -0.19 -15.02
C14 OLA P . -19.41 -0.83 -15.33
C15 OLA P . -20.65 0.08 -15.34
C16 OLA P . -20.48 1.29 -14.45
C17 OLA P . -21.62 2.30 -14.38
C18 OLA P . -22.95 1.74 -14.73
C1 CLR Q . 4.23 14.28 -8.40
C2 CLR Q . 4.40 14.27 -9.92
C3 CLR Q . 5.75 13.68 -10.34
C4 CLR Q . 6.08 12.34 -9.69
C5 CLR Q . 5.66 12.27 -8.23
C6 CLR Q . 6.54 11.70 -7.37
C7 CLR Q . 6.15 11.14 -6.01
C8 CLR Q . 4.78 11.68 -5.60
C9 CLR Q . 4.48 13.05 -6.24
C10 CLR Q . 4.35 12.90 -7.76
C11 CLR Q . 3.36 13.89 -5.61
C12 CLR Q . 3.17 13.69 -4.11
C13 CLR Q . 3.23 12.21 -3.72
C14 CLR Q . 4.64 11.77 -4.09
C15 CLR Q . 4.91 10.53 -3.24
C16 CLR Q . 4.28 10.92 -1.91
C17 CLR Q . 3.20 11.99 -2.21
C18 CLR Q . 2.16 11.35 -4.46
C19 CLR Q . 3.09 12.08 -8.14
C20 CLR Q . 1.84 11.78 -1.51
C21 CLR Q . 1.35 10.34 -1.52
C22 CLR Q . 0.67 12.73 -1.97
C23 CLR Q . 0.26 13.91 -1.10
C24 CLR Q . 1.23 14.29 0.02
C25 CLR Q . 0.89 13.68 1.39
C26 CLR Q . 0.08 14.70 2.16
C27 CLR Q . 0.25 12.28 1.46
O1 CLR Q . 5.74 13.57 -11.78
C1 CLR R . -34.00 13.38 -0.38
C2 CLR R . -34.95 12.78 0.65
C3 CLR R . -36.00 11.87 0.02
C4 CLR R . -35.35 10.76 -0.82
C5 CLR R . -34.29 11.30 -1.77
C6 CLR R . -34.24 10.80 -3.04
C7 CLR R . -33.39 11.41 -4.14
C8 CLR R . -32.14 11.98 -3.48
C9 CLR R . -32.59 13.02 -2.44
C10 CLR R . -33.29 12.33 -1.25
C11 CLR R . -31.52 14.05 -2.01
C12 CLR R . -30.41 14.38 -3.01
C13 CLR R . -29.90 13.14 -3.74
C14 CLR R . -31.12 12.58 -4.45
C15 CLR R . -30.53 11.68 -5.54
C16 CLR R . -29.28 12.43 -5.97
C17 CLR R . -28.89 13.44 -4.86
C18 CLR R . -29.30 12.13 -2.73
C19 CLR R . -32.29 11.53 -0.38
C20 CLR R . -27.38 13.40 -4.56
C21 CLR R . -26.92 14.15 -3.28
C22 CLR R . -26.57 13.92 -5.73
C23 CLR R . -25.13 13.39 -5.72
C24 CLR R . -24.10 14.37 -6.29
C25 CLR R . -24.41 14.95 -7.68
C26 CLR R . -24.83 13.91 -8.73
C27 CLR R . -25.33 16.16 -7.67
O1 CLR R . -36.80 11.31 1.07
C1 CLR S . -20.26 -24.47 -12.95
C2 CLR S . -21.54 -25.18 -13.42
C3 CLR S . -22.38 -24.25 -14.29
C4 CLR S . -21.57 -23.81 -15.52
C5 CLR S . -20.21 -23.25 -15.15
C6 CLR S . -19.74 -22.18 -15.83
C7 CLR S . -18.59 -21.33 -15.33
C8 CLR S . -17.59 -22.30 -14.71
C9 CLR S . -18.27 -23.05 -13.55
C10 CLR S . -19.37 -23.99 -14.10
C11 CLR S . -17.29 -23.72 -12.55
C12 CLR S . -15.96 -22.99 -12.31
C13 CLR S . -15.31 -22.50 -13.60
C14 CLR S . -16.34 -21.58 -14.25
C15 CLR S . -15.58 -20.85 -15.33
C16 CLR S . -14.15 -20.78 -14.81
C17 CLR S . -14.14 -21.51 -13.46
C18 CLR S . -14.93 -23.70 -14.49
C19 CLR S . -18.77 -25.21 -14.83
C20 CLR S . -12.74 -22.05 -13.09
C21 CLR S . -12.72 -22.70 -11.70
C22 CLR S . -11.62 -21.01 -13.18
C23 CLR S . -10.31 -21.64 -13.62
C24 CLR S . -9.12 -20.75 -13.26
C25 CLR S . -7.76 -21.44 -13.26
C26 CLR S . -7.56 -22.28 -11.99
C27 CLR S . -7.44 -22.21 -14.53
O1 CLR S . -23.58 -24.91 -14.69
C10 ROV T . -23.09 -5.18 -15.04
C11 ROV T . -23.07 -3.75 -15.56
C12 ROV T . -24.20 -5.37 -13.95
C14 ROV T . -19.75 -5.93 -15.79
C01 ROV T . -20.10 -8.86 -18.88
C02 ROV T . -20.79 -7.48 -19.09
C03 ROV T . -21.13 -7.22 -20.60
C04 ROV T . -21.99 -7.29 -18.16
C05 ROV T . -21.98 -6.39 -17.09
C06 ROV T . -23.14 -6.22 -16.23
C07 ROV T . -24.28 -6.99 -16.47
C08 ROV T . -24.29 -7.91 -17.55
C09 ROV T . -23.14 -8.05 -18.39
N13 ROV T . -20.77 -5.56 -16.84
O15 ROV T . -19.91 -6.91 -15.12
N16 ROV T . -18.54 -5.04 -15.59
C17 ROV T . -17.51 -5.32 -14.57
C18 ROV T . -16.26 -6.05 -15.16
C19 ROV T . -16.48 -7.72 -15.06
C20 ROV T . -15.23 -8.28 -15.12
C21 ROV T . -14.22 -7.11 -14.65
C22 ROV T . -15.19 -5.89 -14.29
C23 ROV T . -15.93 -5.51 -16.59
C24 ROV T . -15.92 -6.33 -17.74
C25 ROV T . -15.63 -5.79 -19.00
C26 ROV T . -15.34 -4.44 -19.15
C27 ROV T . -15.35 -3.61 -18.02
C28 ROV T . -15.65 -4.16 -16.75
N29 ROV T . -15.04 -3.91 -20.47
C30 ROV T . -16.03 -3.13 -21.17
C31 ROV T . -13.72 -4.18 -21.05
N1A COA U . -37.90 -8.97 -8.87
C2A COA U . -38.37 -7.90 -9.53
N3A COA U . -39.10 -8.05 -10.61
C4A COA U . -39.43 -9.27 -11.11
C5A COA U . -38.96 -10.39 -10.46
C6A COA U . -38.17 -10.19 -9.30
N6A COA U . -37.65 -11.33 -8.57
N7A COA U . -39.42 -11.46 -11.16
C8A COA U . -40.14 -11.02 -12.19
N9A COA U . -40.16 -9.69 -12.19
C1B COA U . -40.84 -8.87 -13.18
C2B COA U . -42.03 -8.42 -12.74
O2B COA U . -42.99 -8.33 -13.87
C3B COA U . -41.74 -7.06 -12.18
O3B COA U . -42.83 -6.25 -12.17
P3B COA U . -43.04 -5.11 -10.99
O7A COA U . -42.03 -5.23 -9.89
O8A COA U . -44.42 -5.26 -10.42
O9A COA U . -42.91 -3.73 -11.61
C4B COA U . -40.63 -6.52 -13.16
O4B COA U . -39.95 -7.55 -13.51
C5B COA U . -39.73 -5.50 -12.44
O5B COA U . -38.75 -4.99 -13.38
P1A COA U . -37.37 -4.27 -12.77
O1A COA U . -37.11 -4.68 -11.34
O2A COA U . -37.50 -2.76 -12.84
O3A COA U . -36.12 -4.77 -13.72
P2A COA U . -34.60 -4.36 -13.31
O4A COA U . -34.56 -2.86 -13.25
O5A COA U . -34.29 -4.91 -11.93
O6A COA U . -33.50 -5.02 -14.36
CBP COA U . -31.75 -3.32 -14.90
CCP COA U . -32.90 -4.29 -15.41
CDP COA U . -31.40 -3.58 -13.42
CEP COA U . -32.18 -1.85 -15.13
CAP COA U . -30.44 -3.63 -15.68
OAP COA U . -30.73 -3.58 -17.05
C9P COA U . -29.24 -2.70 -15.37
O9P COA U . -29.28 -1.82 -14.57
N8P COA U . -27.92 -2.85 -16.02
C7P COA U . -27.68 -3.90 -17.03
C6P COA U . -27.56 -3.20 -18.40
C5P COA U . -26.09 -3.32 -18.82
O5P COA U . -25.23 -2.89 -18.14
N4P COA U . -25.78 -3.99 -20.07
C3P COA U . -24.39 -4.13 -20.47
C2P COA U . -24.32 -5.07 -21.67
S1P COA U . -24.86 -6.78 -21.29
C1 OLA V . -26.21 -52.79 -28.61
O1 OLA V . -27.39 -52.95 -28.21
O2 OLA V . -25.91 -52.76 -29.82
C2 OLA V . -25.13 -52.61 -27.58
C3 OLA V . -24.42 -53.93 -27.33
C4 OLA V . -23.49 -53.98 -26.12
C5 OLA V . -22.49 -52.83 -26.05
C6 OLA V . -21.03 -53.28 -26.09
C7 OLA V . -20.20 -52.45 -27.05
C8 OLA V . -18.91 -53.17 -27.43
C9 OLA V . -18.57 -52.87 -28.87
C10 OLA V . -17.33 -52.68 -29.32
C11 OLA V . -16.13 -52.79 -28.41
C12 OLA V . -14.86 -52.35 -29.14
C13 OLA V . -13.67 -53.21 -28.71
C14 OLA V . -12.82 -52.54 -27.63
C15 OLA V . -11.91 -53.51 -26.84
C16 OLA V . -12.61 -54.75 -26.31
C17 OLA V . -11.81 -56.05 -26.27
C18 OLA V . -10.45 -55.84 -25.68
C10 3VV W . 2.12 -37.96 -22.09
C13 3VV W . -0.85 -40.02 -23.11
C15 3VV W . -1.91 -42.26 -22.40
C17 3VV W . -4.06 -43.41 -21.54
C21 3VV W . -6.08 -47.24 -22.07
C22 3VV W . -6.71 -48.38 -21.31
C24 3VV W . -7.26 -50.82 -21.56
C26 3VV W . -7.54 -50.88 -20.03
P38 3VV W . -8.50 -53.93 -11.79
P42 3VV W . -8.09 -56.00 -9.74
P54 3VV W . -4.55 -56.01 -4.83
C11 3VV W . 1.29 -38.58 -23.25
C12 3VV W . 0.68 -39.94 -22.78
C14 3VV W . -1.67 -40.74 -22.03
C16 3VV W . -3.39 -42.54 -22.69
C18 3VV W . -4.79 -44.63 -22.09
O19 3VV W . -5.04 -44.72 -23.23
S20 3VV W . -5.29 -45.99 -20.98
N23 3VV W . -6.86 -49.55 -22.17
O25 3VV W . -7.38 -51.76 -22.24
C27 3VV W . -7.47 -52.31 -19.46
N28 3VV W . -8.77 -52.71 -18.83
C29 3VV W . -8.82 -53.35 -17.52
O30 3VV W . -9.91 -53.60 -17.13
C31 3VV W . -7.56 -53.69 -16.70
O32 3VV W . -6.61 -54.25 -17.55
C33 3VV W . -7.77 -54.72 -15.55
C34 3VV W . -8.33 -56.02 -16.08
C35 3VV W . -6.38 -55.08 -14.95
C36 3VV W . -8.67 -54.15 -14.43
O37 3VV W . -7.88 -53.66 -13.32
O39 3VV W . -7.82 -52.97 -10.83
O40 3VV W . -9.98 -53.66 -11.84
O41 3VV W . -8.27 -55.55 -11.34
O43 3VV W . -9.44 -56.12 -9.07
O44 3VV W . -7.38 -57.31 -9.67
O45 3VV W . -7.20 -54.84 -8.98
C46 3VV W . -6.55 -55.12 -7.76
C47 3VV W . -6.25 -53.77 -6.99
O48 3VV W . -7.21 -52.92 -7.13
C49 3VV W . -7.15 -51.94 -5.75
C50 3VV W . -6.62 -52.65 -4.79
O51 3VV W . -5.43 -51.96 -4.21
C52 3VV W . -6.20 -54.03 -5.44
O53 3VV W . -4.97 -54.40 -5.07
O55 3VV W . -3.84 -56.15 -3.50
O56 3VV W . -5.75 -56.91 -4.84
O57 3VV W . -3.59 -56.46 -5.94
N58 3VV W . -8.46 -51.48 -5.42
C59 3VV W . -8.75 -50.28 -4.92
N60 3VV W . -10.06 -50.18 -4.75
C61 3VV W . -10.63 -51.33 -5.12
C62 3VV W . -11.97 -51.81 -5.15
N63 3VV W . -13.05 -50.99 -4.70
N64 3VV W . -12.18 -53.05 -5.59
C65 3VV W . -11.16 -53.81 -6.00
N66 3VV W . -9.87 -53.40 -5.99
C67 3VV W . -9.61 -52.16 -5.55
C1 CLR X . -20.82 -33.62 -15.98
C2 CLR X . -20.08 -33.17 -14.71
C3 CLR X . -18.69 -33.78 -14.64
C4 CLR X . -17.88 -33.38 -15.86
C5 CLR X . -18.61 -33.62 -17.16
C6 CLR X . -17.91 -34.09 -18.23
C7 CLR X . -18.59 -34.74 -19.41
C8 CLR X . -19.83 -33.91 -19.69
C9 CLR X . -20.76 -33.98 -18.47
C10 CLR X . -20.10 -33.25 -17.27
C11 CLR X . -22.23 -33.59 -18.76
C12 CLR X . -22.79 -33.89 -20.15
C13 CLR X . -21.81 -33.58 -21.28
C14 CLR X . -20.55 -34.38 -20.94
C15 CLR X . -19.71 -34.34 -22.22
C16 CLR X . -20.75 -34.23 -23.34
C17 CLR X . -22.12 -34.17 -22.66
C18 CLR X . -21.55 -32.07 -21.34
C19 CLR X . -20.13 -31.71 -17.45
C20 CLR X . -23.18 -33.47 -23.55
C21 CLR X . -24.57 -33.52 -22.93
C22 CLR X . -23.23 -33.99 -25.00
C23 CLR X . -23.65 -32.86 -25.95
C24 CLR X . -24.21 -33.40 -27.26
C25 CLR X . -25.11 -32.38 -27.95
C26 CLR X . -25.20 -32.66 -29.45
C27 CLR X . -26.49 -32.30 -27.28
O1 CLR X . -18.05 -33.37 -13.43
C1 CLR Y . -14.28 -75.25 -15.80
C2 CLR Y . -14.67 -75.35 -14.33
C3 CLR Y . -13.91 -74.37 -13.44
C4 CLR Y . -14.09 -72.93 -13.95
C5 CLR Y . -13.86 -72.79 -15.44
C6 CLR Y . -13.20 -71.69 -15.89
C7 CLR Y . -12.70 -71.55 -17.31
C8 CLR Y . -13.70 -72.27 -18.22
C9 CLR Y . -13.78 -73.74 -17.77
C10 CLR Y . -14.47 -73.83 -16.38
C11 CLR Y . -14.33 -74.72 -18.84
C12 CLR Y . -14.18 -74.35 -20.33
C13 CLR Y . -14.31 -72.86 -20.64
C14 CLR Y . -13.33 -72.18 -19.69
C15 CLR Y . -13.16 -70.77 -20.24
C16 CLR Y . -13.23 -70.99 -21.74
C17 CLR Y . -13.80 -72.39 -22.02
C18 CLR Y . -15.78 -72.44 -20.37
C19 CLR Y . -15.97 -73.51 -16.47
C20 CLR Y . -14.75 -72.32 -23.26
C21 CLR Y . -15.51 -73.61 -23.54
C22 CLR Y . -14.05 -71.83 -24.55
C23 CLR Y . -12.93 -72.72 -25.11
C24 CLR Y . -11.50 -72.39 -24.70
C25 CLR Y . -10.74 -71.24 -25.38
C26 CLR Y . -10.60 -71.38 -26.89
C27 CLR Y . -11.18 -69.83 -24.98
O1 CLR Y . -14.40 -74.51 -12.09
C10 ROV Z . -11.63 -50.64 -22.02
C11 ROV Z . -11.01 -51.54 -23.07
C12 ROV Z . -13.17 -50.84 -21.95
C14 ROV Z . -13.13 -48.63 -25.07
C01 ROV Z . -11.77 -44.98 -24.68
C02 ROV Z . -10.77 -46.17 -24.68
C03 ROV Z . -9.32 -45.71 -25.06
C04 ROV Z . -10.77 -47.02 -23.39
C05 ROV Z . -11.21 -48.36 -23.36
C06 ROV Z . -11.17 -49.12 -22.12
C07 ROV Z . -10.69 -48.53 -20.97
C08 ROV Z . -10.24 -47.19 -20.99
C09 ROV Z . -10.28 -46.44 -22.20
N13 ROV Z . -11.74 -48.97 -24.61
O15 ROV Z . -13.78 -47.87 -24.42
N16 ROV Z . -13.72 -49.22 -26.33
C17 ROV Z . -15.10 -48.91 -26.77
C18 ROV Z . -15.30 -47.58 -27.59
C19 ROV Z . -15.71 -46.34 -26.54
C20 ROV Z . -16.38 -45.39 -27.27
C21 ROV Z . -16.86 -46.16 -28.61
C22 ROV Z . -16.45 -47.68 -28.34
C23 ROV Z . -14.06 -47.31 -28.51
C24 ROV Z . -13.35 -46.09 -28.51
C25 ROV Z . -12.24 -45.90 -29.37
C26 ROV Z . -11.82 -46.91 -30.23
C27 ROV Z . -12.53 -48.11 -30.24
C28 ROV Z . -13.63 -48.30 -29.38
N29 ROV Z . -10.68 -46.70 -31.11
C30 ROV Z . -10.73 -47.19 -32.49
C31 ROV Z . -9.49 -45.99 -30.64
#